data_3GZN
#
_entry.id   3GZN
#
_cell.length_a   135.030
_cell.length_b   228.715
_cell.length_c   229.307
_cell.angle_alpha   90.00
_cell.angle_beta   90.00
_cell.angle_gamma   90.00
#
_symmetry.space_group_name_H-M   'I 2 2 2'
#
loop_
_entity.id
_entity.type
_entity.pdbx_description
1 polymer 'NEDD8-activating enzyme E1 regulatory subunit'
2 polymer 'NEDD8-activating enzyme E1 catalytic subunit'
3 polymer NEDD8
4 non-polymer 'ZINC ION'
5 non-polymer '[(1S,2S,4R)-4-{4-[(1S)-2,3-dihydro-1H-inden-1-ylamino]-7H-pyrrolo[2,3-d]pyrimidin-7-yl}-2-hydroxycyclopentyl]methyl sulfamate'
#
loop_
_entity_poly.entity_id
_entity_poly.type
_entity_poly.pdbx_seq_one_letter_code
_entity_poly.pdbx_strand_id
1 'polypeptide(L)'
;MAQLGKLLKEQKYDRQLRLWGDHGQEALESAHVCLINATATGTEILKNLVLPGIGSFTIIDGNQVSGEDAGNNFFLQRSS
IGKNRAEAAMEFLQELNSDVSGSFVEESPENLLDNDPSFFCRFTVVVATQLPESTSLRLADVLWNSQIPLLICRTYGLVG
YMRIIIKEHPVIESHPDNALEDLRLDKPFPELREHFQSYDLDHMEKKDHSHTPWIVIIAKYLAQWYSETNGRIPKTYKEK
EDFRDLIRQGILKNENGAPEDEENFEEAIKNVNTALNTTQIPSSIEDIFNDDRCINITKQTPSFWILARALKEFVAKEGQ
GNLPVRGTIPDMIADSGKYIKLQNVYREKAKKDAAAVGNHVAKLLQSIGQAPESISEKELKLLCSNSAFLRVVRCRSLAE
EYGLDTINKDEIISSMDNPDNEIVLYLMLRAVDRFHKQQGRYPGVSNYQVEEDIGKLKSCLTGFLQEYGLSVMVKDDYVH
EFCRYGAAEPHTIAAFLGGAAAQEVIKIITKQFVIFNNTYIYSGMSQTSATFQL
;
A,C
2 'polypeptide(L)'
;MADGEEPEKKRRRIEELLAEKMAVDGGCGDTGDWEGRWNHVKKFLERSGPFTHPDFEPSTESLQFLLDTCKVLVIGAGGL
GCELLKNLALSGFRQIHVIDMDTIDVSNLNRQFLFRPKDIGRPKAEVAAEFLNDRVPNCNVVPHFNKIQDFNDTFYRQFH
IIVCGLDSIIARRWINGMLISLLNYEDGVLDPSSIVPLIDGGTEGFKGNARVILPGMTACIECTLELYPPQVNFPMCTIA
SMPRLPEHCIEYVRMLQWPKEQPFGEGVPLDGDDPEHIQWIFQKSLERASQYNIRGVTYRLTQGVVKRIIPAVASTNAVI
AAVCATEVFKIATSAYIPLNNYLVFNDVDGLYTYTFEAERKENCPACSQLPQNIQFSPSAKLQEVLDYLTNSASLQMKSP
AITATLEGKNRTLYLQSVTSIEERTRPNLSKTLKELGLVDGQELAVADVTTPQTVLFKLHFTS
;
B,D
3 'polypeptide(L)'
;HHHHHHMLIKVKTLTGKEIEIDIEPTDKVERIKERVEEKEGIPPQQQRLIYSGKQMNDEKTAADYKILGGSVLHLVLALR
GG
;
I,J
#
loop_
_chem_comp.id
_chem_comp.type
_chem_comp.name
_chem_comp.formula
B39 non-polymer '[(1S,2S,4R)-4-{4-[(1S)-2,3-dihydro-1H-inden-1-ylamino]-7H-pyrrolo[2,3-d]pyrimidin-7-yl}-2-hydroxycyclopentyl]methyl sulfamate' 'C21 H25 N5 O4 S'
ZN non-polymer 'ZINC ION' 'Zn 2'
#
# COMPACT_ATOMS: atom_id res chain seq x y z
N LEU A 8 -10.23 -14.70 -15.89
CA LEU A 8 -10.93 -13.84 -14.88
C LEU A 8 -12.42 -14.21 -14.67
N LYS A 9 -12.68 -14.94 -13.60
CA LYS A 9 -14.05 -15.25 -13.14
C LYS A 9 -14.61 -14.13 -12.26
N GLU A 10 -15.14 -13.10 -12.92
CA GLU A 10 -15.96 -12.03 -12.31
C GLU A 10 -17.43 -12.38 -12.51
N GLN A 11 -17.67 -13.58 -13.03
CA GLN A 11 -19.01 -14.12 -13.09
C GLN A 11 -19.44 -14.53 -11.69
N LYS A 12 -18.45 -14.93 -10.90
CA LYS A 12 -18.63 -15.33 -9.51
C LYS A 12 -19.22 -14.22 -8.64
N TYR A 13 -18.84 -12.97 -8.87
CA TYR A 13 -19.40 -11.86 -8.07
C TYR A 13 -20.45 -11.04 -8.82
N ASP A 14 -20.96 -11.59 -9.92
CA ASP A 14 -21.90 -10.88 -10.79
C ASP A 14 -23.01 -10.17 -10.01
N ARG A 15 -23.78 -10.95 -9.26
CA ARG A 15 -24.98 -10.46 -8.59
C ARG A 15 -24.78 -9.27 -7.65
N GLN A 16 -23.58 -9.16 -7.08
CA GLN A 16 -23.30 -8.03 -6.20
C GLN A 16 -22.62 -6.90 -6.93
N LEU A 17 -21.90 -7.23 -8.00
CA LEU A 17 -21.29 -6.20 -8.84
C LEU A 17 -22.37 -5.25 -9.35
N ARG A 18 -23.57 -5.79 -9.50
CA ARG A 18 -24.74 -5.02 -9.86
C ARG A 18 -25.24 -4.10 -8.74
N LEU A 19 -24.60 -4.13 -7.57
CA LEU A 19 -25.02 -3.29 -6.44
C LEU A 19 -24.02 -2.22 -6.05
N TRP A 20 -22.76 -2.60 -5.88
CA TRP A 20 -21.71 -1.64 -5.49
C TRP A 20 -20.61 -1.48 -6.55
N GLY A 21 -20.76 -2.20 -7.68
CA GLY A 21 -19.90 -2.05 -8.84
C GLY A 21 -18.48 -2.57 -8.67
N ASP A 22 -17.67 -2.38 -9.72
CA ASP A 22 -16.26 -2.75 -9.68
C ASP A 22 -15.48 -1.94 -8.65
N HIS A 23 -15.70 -0.63 -8.62
CA HIS A 23 -15.03 0.23 -7.64
C HIS A 23 -15.32 -0.14 -6.17
N GLY A 24 -16.54 -0.57 -5.89
CA GLY A 24 -16.89 -1.08 -4.57
C GLY A 24 -16.23 -2.43 -4.31
N GLN A 25 -16.31 -3.32 -5.29
CA GLN A 25 -15.69 -4.64 -5.22
C GLN A 25 -14.18 -4.58 -4.95
N GLU A 26 -13.49 -3.66 -5.64
CA GLU A 26 -12.07 -3.39 -5.38
C GLU A 26 -11.84 -2.94 -3.93
N ALA A 27 -12.65 -1.99 -3.45
CA ALA A 27 -12.55 -1.48 -2.08
C ALA A 27 -12.68 -2.61 -1.09
N LEU A 28 -13.51 -3.58 -1.46
CA LEU A 28 -13.88 -4.67 -0.56
C LEU A 28 -12.73 -5.66 -0.49
N GLU A 29 -12.12 -5.92 -1.65
CA GLU A 29 -11.07 -6.91 -1.80
C GLU A 29 -9.73 -6.44 -1.26
N SER A 30 -9.65 -5.22 -0.77
CA SER A 30 -8.41 -4.72 -0.21
C SER A 30 -8.59 -4.26 1.23
N ALA A 31 -9.71 -4.63 1.84
CA ALA A 31 -9.96 -4.31 3.25
C ALA A 31 -9.47 -5.44 4.14
N HIS A 32 -9.21 -5.11 5.40
CA HIS A 32 -8.85 -6.10 6.39
C HIS A 32 -9.69 -5.85 7.63
N VAL A 33 -10.47 -6.87 7.98
CA VAL A 33 -11.44 -6.77 9.07
C VAL A 33 -11.04 -7.63 10.26
N CYS A 34 -11.10 -7.03 11.43
CA CYS A 34 -10.82 -7.73 12.66
C CYS A 34 -12.12 -8.10 13.33
N LEU A 35 -12.23 -9.37 13.73
CA LEU A 35 -13.38 -9.84 14.47
C LEU A 35 -12.90 -10.23 15.85
N ILE A 36 -13.59 -9.78 16.89
CA ILE A 36 -13.30 -10.22 18.25
C ILE A 36 -14.42 -11.17 18.66
N ASN A 37 -14.02 -12.30 19.25
CA ASN A 37 -14.93 -13.39 19.64
C ASN A 37 -15.60 -14.09 18.48
N ALA A 38 -15.28 -15.37 18.29
CA ALA A 38 -15.79 -16.12 17.15
C ALA A 38 -16.94 -17.00 17.60
N THR A 39 -17.86 -16.34 18.28
CA THR A 39 -19.12 -16.93 18.71
C THR A 39 -20.06 -17.08 17.49
N ALA A 40 -21.32 -17.43 17.70
CA ALA A 40 -22.28 -17.57 16.57
C ALA A 40 -22.54 -16.24 15.85
N THR A 41 -22.82 -15.21 16.64
CA THR A 41 -22.88 -13.82 16.16
C THR A 41 -21.63 -13.47 15.32
N GLY A 42 -20.46 -13.72 15.90
CA GLY A 42 -19.18 -13.41 15.25
C GLY A 42 -18.98 -14.06 13.89
N THR A 43 -19.16 -15.38 13.81
CA THR A 43 -18.90 -16.09 12.55
C THR A 43 -19.99 -15.88 11.52
N GLU A 44 -21.21 -15.54 11.95
CA GLU A 44 -22.28 -15.17 11.01
C GLU A 44 -21.98 -13.84 10.34
N ILE A 45 -21.52 -12.85 11.11
CA ILE A 45 -21.13 -11.55 10.53
C ILE A 45 -20.01 -11.79 9.54
N LEU A 46 -19.07 -12.63 9.95
CA LEU A 46 -17.86 -12.91 9.18
C LEU A 46 -18.14 -13.72 7.93
N LYS A 47 -19.03 -14.71 8.05
CA LYS A 47 -19.50 -15.49 6.92
C LYS A 47 -20.02 -14.61 5.79
N ASN A 48 -20.65 -13.49 6.17
CA ASN A 48 -21.26 -12.61 5.19
C ASN A 48 -20.30 -11.60 4.57
N LEU A 49 -19.05 -11.59 5.03
CA LEU A 49 -18.01 -10.74 4.45
C LEU A 49 -17.05 -11.57 3.63
N VAL A 50 -16.79 -12.80 4.08
CA VAL A 50 -15.97 -13.73 3.32
C VAL A 50 -16.62 -14.05 1.98
N LEU A 51 -17.93 -14.34 2.00
CA LEU A 51 -18.66 -14.71 0.80
C LEU A 51 -18.54 -13.68 -0.35
N PRO A 52 -18.81 -12.39 -0.07
CA PRO A 52 -18.64 -11.38 -1.13
C PRO A 52 -17.17 -11.15 -1.49
N GLY A 53 -16.26 -11.62 -0.66
CA GLY A 53 -14.83 -11.59 -0.97
C GLY A 53 -14.06 -10.49 -0.29
N ILE A 54 -14.28 -10.32 1.01
CA ILE A 54 -13.48 -9.41 1.82
C ILE A 54 -12.01 -9.75 1.62
N GLY A 55 -11.15 -8.72 1.51
CA GLY A 55 -9.71 -8.92 1.32
C GLY A 55 -9.10 -9.95 2.27
N SER A 56 -9.02 -9.61 3.55
CA SER A 56 -8.58 -10.55 4.55
C SER A 56 -9.23 -10.31 5.92
N PHE A 57 -9.03 -11.27 6.83
CA PHE A 57 -9.61 -11.16 8.18
C PHE A 57 -8.76 -11.77 9.29
N THR A 58 -8.88 -11.18 10.49
CA THR A 58 -8.21 -11.69 11.67
C THR A 58 -9.25 -11.88 12.75
N ILE A 59 -9.25 -13.08 13.35
CA ILE A 59 -10.15 -13.38 14.46
C ILE A 59 -9.34 -13.44 15.75
N ILE A 60 -9.45 -12.41 16.58
CA ILE A 60 -8.95 -12.43 17.93
C ILE A 60 -9.97 -13.19 18.74
N ASP A 61 -9.53 -14.21 19.46
CA ASP A 61 -10.37 -14.98 20.40
C ASP A 61 -9.48 -15.87 21.26
N GLY A 62 -9.55 -15.69 22.59
CA GLY A 62 -8.74 -16.46 23.53
C GLY A 62 -9.45 -17.55 24.28
N ASN A 63 -10.56 -18.07 23.74
CA ASN A 63 -11.34 -19.12 24.41
C ASN A 63 -11.20 -20.50 23.78
N GLN A 64 -11.51 -21.53 24.56
CA GLN A 64 -11.65 -22.87 24.06
C GLN A 64 -13.08 -23.05 23.54
N VAL A 65 -13.23 -23.85 22.47
CA VAL A 65 -14.54 -24.28 21.99
C VAL A 65 -15.25 -25.12 23.05
N SER A 66 -16.35 -24.59 23.59
CA SER A 66 -17.17 -25.32 24.55
C SER A 66 -18.13 -26.26 23.83
N GLY A 67 -18.83 -27.09 24.59
CA GLY A 67 -19.78 -28.03 24.00
C GLY A 67 -20.87 -27.24 23.30
N GLU A 68 -21.43 -26.27 24.03
CA GLU A 68 -22.53 -25.46 23.56
C GLU A 68 -22.10 -24.51 22.46
N ASP A 69 -20.81 -24.18 22.41
CA ASP A 69 -20.27 -23.41 21.31
C ASP A 69 -20.44 -24.13 19.97
N ALA A 70 -20.12 -25.42 19.95
CA ALA A 70 -20.26 -26.24 18.74
C ALA A 70 -21.73 -26.42 18.36
N GLY A 71 -22.62 -26.27 19.32
CA GLY A 71 -24.06 -26.41 19.12
C GLY A 71 -24.70 -25.33 18.28
N ASN A 72 -24.32 -24.07 18.49
CA ASN A 72 -24.98 -22.93 17.81
C ASN A 72 -24.19 -22.28 16.68
N ASN A 73 -23.05 -22.87 16.31
CA ASN A 73 -22.15 -22.30 15.30
C ASN A 73 -22.04 -23.18 14.07
N PHE A 74 -22.17 -22.60 12.89
CA PHE A 74 -22.00 -23.36 11.66
C PHE A 74 -20.52 -23.55 11.32
N PHE A 75 -19.66 -22.76 11.96
CA PHE A 75 -18.25 -22.77 11.62
C PHE A 75 -17.35 -23.30 12.74
N LEU A 76 -17.96 -24.10 13.60
CA LEU A 76 -17.26 -24.93 14.56
C LEU A 76 -17.85 -26.32 14.41
N GLN A 77 -17.10 -27.34 14.84
CA GLN A 77 -17.53 -28.73 14.68
C GLN A 77 -17.49 -29.42 16.01
N ARG A 78 -18.01 -30.65 16.06
CA ARG A 78 -17.90 -31.45 17.27
C ARG A 78 -16.43 -31.66 17.63
N SER A 79 -15.60 -31.79 16.60
CA SER A 79 -14.16 -32.01 16.77
C SER A 79 -13.40 -30.81 17.34
N SER A 80 -14.01 -29.62 17.30
CA SER A 80 -13.35 -28.41 17.79
C SER A 80 -13.33 -28.36 19.32
N ILE A 81 -14.25 -29.07 19.96
CA ILE A 81 -14.35 -28.97 21.41
C ILE A 81 -12.98 -29.19 22.06
N GLY A 82 -12.52 -28.19 22.83
CA GLY A 82 -11.19 -28.23 23.43
C GLY A 82 -10.18 -27.33 22.73
N LYS A 83 -10.32 -27.18 21.41
CA LYS A 83 -9.39 -26.35 20.62
C LYS A 83 -9.75 -24.86 20.69
N ASN A 84 -8.78 -24.01 20.40
CA ASN A 84 -8.97 -22.56 20.36
C ASN A 84 -10.08 -22.12 19.40
N ARG A 85 -10.93 -21.21 19.86
CA ARG A 85 -12.12 -20.80 19.10
C ARG A 85 -11.78 -20.00 17.85
N ALA A 86 -10.81 -19.11 17.94
CA ALA A 86 -10.38 -18.30 16.80
C ALA A 86 -9.83 -19.16 15.67
N GLU A 87 -8.93 -20.08 16.02
CA GLU A 87 -8.27 -20.94 15.04
C GLU A 87 -9.25 -21.90 14.38
N ALA A 88 -10.14 -22.48 15.18
CA ALA A 88 -11.13 -23.40 14.66
C ALA A 88 -12.06 -22.70 13.67
N ALA A 89 -12.58 -21.54 14.07
CA ALA A 89 -13.55 -20.79 13.28
C ALA A 89 -12.96 -20.42 11.94
N MET A 90 -11.70 -20.00 11.95
CA MET A 90 -11.00 -19.56 10.76
C MET A 90 -10.82 -20.69 9.73
N GLU A 91 -10.45 -21.88 10.20
CA GLU A 91 -10.25 -23.02 9.33
C GLU A 91 -11.50 -23.29 8.48
N PHE A 92 -12.67 -23.11 9.09
CA PHE A 92 -13.94 -23.39 8.41
C PHE A 92 -14.39 -22.22 7.54
N LEU A 93 -14.22 -21.01 8.05
CA LEU A 93 -14.61 -19.80 7.33
C LEU A 93 -13.79 -19.59 6.04
N GLN A 94 -12.56 -20.07 6.03
CA GLN A 94 -11.68 -19.89 4.89
C GLN A 94 -12.11 -20.77 3.74
N GLU A 95 -12.76 -21.88 4.08
CA GLU A 95 -13.22 -22.85 3.09
C GLU A 95 -14.36 -22.28 2.24
N LEU A 96 -14.97 -21.19 2.71
CA LEU A 96 -16.06 -20.51 2.01
C LEU A 96 -15.59 -19.84 0.72
N ASN A 97 -14.39 -19.27 0.75
CA ASN A 97 -13.90 -18.42 -0.33
C ASN A 97 -12.37 -18.34 -0.33
N SER A 98 -11.76 -19.04 -1.27
CA SER A 98 -10.31 -19.13 -1.36
C SER A 98 -9.62 -17.85 -1.88
N ASP A 99 -10.41 -16.82 -2.18
CA ASP A 99 -9.86 -15.51 -2.52
C ASP A 99 -9.73 -14.65 -1.27
N VAL A 100 -9.97 -15.25 -0.11
CA VAL A 100 -9.97 -14.50 1.14
C VAL A 100 -8.90 -15.04 2.09
N SER A 101 -8.13 -14.12 2.65
CA SER A 101 -7.02 -14.48 3.50
C SER A 101 -7.38 -14.41 4.99
N GLY A 102 -7.35 -15.56 5.66
CA GLY A 102 -7.69 -15.62 7.08
C GLY A 102 -6.50 -15.51 8.01
N SER A 103 -6.76 -15.22 9.28
CA SER A 103 -5.72 -15.19 10.33
C SER A 103 -6.41 -15.27 11.67
N PHE A 104 -5.65 -15.62 12.71
CA PHE A 104 -6.18 -15.64 14.06
C PHE A 104 -5.11 -15.25 15.09
N VAL A 105 -5.55 -14.94 16.30
CA VAL A 105 -4.66 -14.57 17.40
C VAL A 105 -5.23 -15.20 18.66
N GLU A 106 -4.43 -16.03 19.34
CA GLU A 106 -4.90 -16.75 20.52
C GLU A 106 -4.98 -15.87 21.77
N GLU A 107 -4.45 -14.66 21.71
CA GLU A 107 -4.52 -13.74 22.85
C GLU A 107 -5.92 -13.13 22.95
N SER A 108 -6.37 -12.85 24.18
CA SER A 108 -7.69 -12.24 24.41
C SER A 108 -7.68 -10.71 24.17
N PRO A 109 -8.85 -10.12 23.87
CA PRO A 109 -9.02 -8.67 23.70
C PRO A 109 -8.41 -7.82 24.79
N GLU A 110 -8.64 -8.18 26.06
CA GLU A 110 -8.11 -7.42 27.18
C GLU A 110 -6.59 -7.49 27.21
N ASN A 111 -6.06 -8.69 26.97
CA ASN A 111 -4.63 -8.93 26.86
C ASN A 111 -4.01 -8.10 25.75
N LEU A 112 -4.60 -8.15 24.56
CA LEU A 112 -4.19 -7.29 23.46
C LEU A 112 -4.03 -5.83 23.87
N LEU A 113 -5.04 -5.27 24.54
CA LEU A 113 -5.04 -3.85 24.89
C LEU A 113 -3.97 -3.49 25.91
N ASP A 114 -3.55 -4.47 26.71
CA ASP A 114 -2.52 -4.28 27.74
C ASP A 114 -1.11 -4.31 27.18
N ASN A 115 -0.92 -4.98 26.05
CA ASN A 115 0.42 -5.26 25.56
C ASN A 115 0.72 -4.81 24.13
N ASP A 116 -0.33 -4.47 23.38
CA ASP A 116 -0.21 -4.14 21.96
C ASP A 116 -1.47 -3.44 21.49
N PRO A 117 -1.86 -2.31 22.15
CA PRO A 117 -3.04 -1.57 21.68
C PRO A 117 -2.95 -1.17 20.20
N SER A 118 -1.76 -0.80 19.75
CA SER A 118 -1.53 -0.40 18.36
C SER A 118 -1.84 -1.51 17.35
N PHE A 119 -2.06 -2.74 17.84
CA PHE A 119 -2.35 -3.88 16.98
C PHE A 119 -3.56 -3.56 16.12
N PHE A 120 -4.49 -2.80 16.69
CA PHE A 120 -5.75 -2.50 16.05
C PHE A 120 -5.67 -1.44 14.96
N CYS A 121 -4.50 -0.84 14.79
CA CYS A 121 -4.35 0.20 13.77
C CYS A 121 -4.16 -0.37 12.36
N ARG A 122 -4.18 -1.70 12.24
CA ARG A 122 -4.00 -2.35 10.94
C ARG A 122 -5.31 -2.68 10.24
N PHE A 123 -6.42 -2.44 10.92
CA PHE A 123 -7.73 -2.86 10.40
C PHE A 123 -8.59 -1.74 9.82
N THR A 124 -9.35 -2.10 8.80
CA THR A 124 -10.35 -1.24 8.18
C THR A 124 -11.54 -1.05 9.12
N VAL A 125 -12.01 -2.15 9.70
CA VAL A 125 -13.07 -2.12 10.68
C VAL A 125 -12.81 -3.17 11.73
N VAL A 126 -13.12 -2.85 12.98
CA VAL A 126 -13.09 -3.82 14.05
C VAL A 126 -14.52 -4.16 14.45
N VAL A 127 -14.84 -5.44 14.46
CA VAL A 127 -16.18 -5.91 14.82
C VAL A 127 -16.07 -6.75 16.07
N ALA A 128 -16.43 -6.17 17.20
CA ALA A 128 -16.39 -6.88 18.47
C ALA A 128 -17.74 -7.48 18.76
N THR A 129 -17.75 -8.72 19.24
CA THR A 129 -19.01 -9.40 19.57
C THR A 129 -19.00 -9.94 21.00
N GLN A 130 -20.18 -10.00 21.60
CA GLN A 130 -20.37 -10.60 22.92
C GLN A 130 -19.40 -10.14 24.00
N LEU A 131 -18.93 -8.89 23.93
CA LEU A 131 -18.03 -8.36 24.95
C LEU A 131 -18.77 -7.96 26.22
N PRO A 132 -18.17 -8.21 27.41
CA PRO A 132 -18.69 -7.65 28.65
C PRO A 132 -18.47 -6.13 28.68
N GLU A 133 -19.16 -5.45 29.59
CA GLU A 133 -19.19 -3.99 29.69
C GLU A 133 -17.80 -3.34 29.77
N SER A 134 -16.95 -3.87 30.65
CA SER A 134 -15.60 -3.29 30.85
C SER A 134 -14.71 -3.35 29.61
N THR A 135 -14.70 -4.51 28.95
CA THR A 135 -13.88 -4.72 27.76
C THR A 135 -14.37 -3.81 26.63
N SER A 136 -15.69 -3.80 26.45
CA SER A 136 -16.37 -2.92 25.51
C SER A 136 -15.91 -1.47 25.68
N LEU A 137 -15.92 -0.97 26.92
CA LEU A 137 -15.56 0.41 27.21
C LEU A 137 -14.07 0.74 27.01
N ARG A 138 -13.19 -0.20 27.36
CA ARG A 138 -11.74 -0.08 27.07
C ARG A 138 -11.45 -0.05 25.58
N LEU A 139 -12.08 -0.96 24.84
CA LEU A 139 -11.82 -1.08 23.41
C LEU A 139 -12.31 0.13 22.63
N ALA A 140 -13.55 0.53 22.90
CA ALA A 140 -14.18 1.68 22.26
C ALA A 140 -13.35 2.93 22.48
N ASP A 141 -12.79 3.06 23.69
CA ASP A 141 -11.97 4.21 24.00
C ASP A 141 -10.68 4.23 23.21
N VAL A 142 -9.91 3.15 23.26
CA VAL A 142 -8.68 3.06 22.48
C VAL A 142 -8.98 3.37 21.01
N LEU A 143 -9.96 2.69 20.44
CA LEU A 143 -10.22 2.80 19.00
C LEU A 143 -10.72 4.18 18.59
N TRP A 144 -11.43 4.85 19.50
CA TRP A 144 -11.91 6.21 19.27
C TRP A 144 -10.72 7.15 19.09
N ASN A 145 -9.77 7.08 20.02
CA ASN A 145 -8.56 7.87 19.94
C ASN A 145 -7.64 7.41 18.83
N SER A 146 -7.72 6.13 18.46
CA SER A 146 -6.97 5.61 17.33
C SER A 146 -7.70 5.84 16.02
N GLN A 147 -8.92 6.35 16.10
CA GLN A 147 -9.76 6.66 14.93
C GLN A 147 -10.14 5.45 14.07
N ILE A 148 -10.22 4.27 14.69
CA ILE A 148 -10.59 3.07 13.95
C ILE A 148 -12.09 2.79 14.09
N PRO A 149 -12.78 2.59 12.95
CA PRO A 149 -14.21 2.27 12.92
C PRO A 149 -14.51 0.99 13.68
N LEU A 150 -15.34 1.13 14.71
CA LEU A 150 -15.75 0.01 15.55
C LEU A 150 -17.24 -0.32 15.39
N LEU A 151 -17.55 -1.61 15.38
CA LEU A 151 -18.93 -2.07 15.39
C LEU A 151 -19.09 -3.10 16.51
N ILE A 152 -19.84 -2.74 17.55
CA ILE A 152 -20.11 -3.66 18.66
C ILE A 152 -21.42 -4.38 18.42
N CYS A 153 -21.38 -5.70 18.39
CA CYS A 153 -22.57 -6.51 18.16
C CYS A 153 -22.81 -7.42 19.33
N ARG A 154 -24.06 -7.74 19.60
CA ARG A 154 -24.41 -8.58 20.73
C ARG A 154 -25.71 -9.35 20.50
N THR A 155 -25.66 -10.66 20.65
CA THR A 155 -26.86 -11.47 20.73
C THR A 155 -27.05 -11.96 22.15
N TYR A 156 -28.19 -11.61 22.74
CA TYR A 156 -28.55 -12.01 24.09
C TYR A 156 -30.04 -12.42 24.09
N GLY A 157 -30.29 -13.73 24.19
CA GLY A 157 -31.64 -14.28 24.04
C GLY A 157 -32.18 -13.91 22.67
N LEU A 158 -33.43 -13.48 22.63
CA LEU A 158 -34.01 -13.12 21.34
C LEU A 158 -33.68 -11.68 20.93
N VAL A 159 -32.89 -10.99 21.76
CA VAL A 159 -32.56 -9.59 21.51
C VAL A 159 -31.26 -9.51 20.69
N GLY A 160 -31.26 -8.65 19.69
CA GLY A 160 -30.09 -8.45 18.85
C GLY A 160 -29.76 -6.98 18.83
N TYR A 161 -28.49 -6.66 19.00
CA TYR A 161 -28.07 -5.30 19.28
C TYR A 161 -26.76 -5.00 18.57
N MET A 162 -26.64 -3.81 17.99
CA MET A 162 -25.36 -3.36 17.46
C MET A 162 -25.17 -1.86 17.53
N ARG A 163 -23.99 -1.46 17.98
CA ARG A 163 -23.62 -0.07 18.05
C ARG A 163 -22.52 0.22 17.05
N ILE A 164 -22.75 1.20 16.19
CA ILE A 164 -21.70 1.69 15.30
C ILE A 164 -20.98 2.91 15.89
N ILE A 165 -19.66 2.98 15.68
CA ILE A 165 -18.84 4.09 16.17
C ILE A 165 -17.76 4.55 15.17
N ILE A 166 -18.14 5.46 14.29
CA ILE A 166 -17.19 6.18 13.44
C ILE A 166 -17.36 7.67 13.70
N LYS A 167 -16.27 8.34 14.10
CA LYS A 167 -16.31 9.77 14.47
C LYS A 167 -16.94 10.62 13.38
N GLU A 168 -16.53 10.37 12.13
CA GLU A 168 -17.13 10.99 10.96
C GLU A 168 -16.97 10.07 9.76
N HIS A 169 -18.08 9.84 9.07
CA HIS A 169 -18.11 8.96 7.92
C HIS A 169 -18.87 9.67 6.82
N PRO A 170 -18.12 10.29 5.89
CA PRO A 170 -18.71 11.05 4.79
C PRO A 170 -18.93 10.18 3.57
N VAL A 171 -20.12 10.22 3.00
CA VAL A 171 -20.46 9.39 1.86
C VAL A 171 -20.97 10.21 0.68
N ILE A 172 -20.47 9.85 -0.51
CA ILE A 172 -20.79 10.56 -1.73
C ILE A 172 -21.83 9.76 -2.52
N GLU A 173 -21.52 8.50 -2.81
CA GLU A 173 -22.40 7.63 -3.57
C GLU A 173 -23.40 6.95 -2.63
N SER A 174 -24.46 7.66 -2.22
CA SER A 174 -25.40 7.15 -1.20
C SER A 174 -26.53 6.24 -1.71
N HIS A 175 -26.58 6.03 -3.01
CA HIS A 175 -27.54 5.11 -3.64
C HIS A 175 -28.99 5.27 -3.18
N PRO A 176 -29.55 6.50 -3.21
CA PRO A 176 -30.94 6.64 -2.73
C PRO A 176 -31.91 5.85 -3.60
N ASP A 177 -32.89 5.20 -2.98
CA ASP A 177 -33.82 4.33 -3.70
C ASP A 177 -34.62 5.12 -4.72
N ASN A 178 -34.98 6.34 -4.33
CA ASN A 178 -35.71 7.27 -5.17
C ASN A 178 -35.28 8.71 -4.93
N ALA A 179 -35.40 9.53 -5.96
CA ALA A 179 -35.16 10.97 -5.90
C ALA A 179 -35.89 11.66 -7.03
N LEU A 180 -36.22 12.94 -6.83
CA LEU A 180 -36.82 13.76 -7.86
C LEU A 180 -35.78 14.05 -8.93
N GLU A 181 -36.19 13.93 -10.20
CA GLU A 181 -35.28 14.13 -11.34
C GLU A 181 -34.87 15.60 -11.48
N ASP A 182 -33.64 15.83 -11.94
CA ASP A 182 -33.07 17.19 -12.05
C ASP A 182 -33.28 17.73 -13.45
N LEU A 183 -34.46 18.32 -13.68
CA LEU A 183 -34.88 18.67 -15.03
C LEU A 183 -34.78 20.16 -15.33
N ARG A 184 -34.77 20.97 -14.26
CA ARG A 184 -34.52 22.42 -14.33
C ARG A 184 -35.49 23.18 -15.23
N LEU A 185 -36.66 22.61 -15.49
CA LEU A 185 -37.64 23.28 -16.33
C LEU A 185 -38.05 24.63 -15.74
N ASP A 186 -37.97 24.73 -14.42
CA ASP A 186 -38.35 25.91 -13.68
C ASP A 186 -37.30 27.03 -13.76
N LYS A 187 -36.05 26.64 -14.03
CA LYS A 187 -34.92 27.57 -14.13
C LYS A 187 -33.95 27.05 -15.20
N PRO A 188 -34.36 27.09 -16.47
CA PRO A 188 -33.66 26.37 -17.54
C PRO A 188 -32.30 26.97 -17.88
N PHE A 189 -31.32 26.11 -18.16
CA PHE A 189 -30.00 26.59 -18.56
C PHE A 189 -30.00 27.00 -20.04
N PRO A 190 -29.26 28.08 -20.39
CA PRO A 190 -29.19 28.61 -21.76
C PRO A 190 -29.16 27.56 -22.89
N GLU A 191 -28.35 26.51 -22.75
CA GLU A 191 -28.25 25.45 -23.78
C GLU A 191 -29.55 24.67 -23.95
N LEU A 192 -30.38 24.68 -22.89
CA LEU A 192 -31.67 23.97 -22.88
C LEU A 192 -32.71 24.79 -23.64
N ARG A 193 -32.84 26.06 -23.28
CA ARG A 193 -33.73 27.01 -23.97
C ARG A 193 -33.55 26.97 -25.51
N GLU A 194 -32.29 26.88 -25.98
CA GLU A 194 -31.99 26.67 -27.40
C GLU A 194 -32.71 25.44 -27.97
N HIS A 195 -32.60 24.30 -27.29
CA HIS A 195 -33.23 23.06 -27.76
C HIS A 195 -34.76 23.16 -27.78
N PHE A 196 -35.31 23.90 -26.82
CA PHE A 196 -36.76 24.07 -26.70
C PHE A 196 -37.34 24.90 -27.83
N GLN A 197 -36.65 25.99 -28.16
CA GLN A 197 -37.08 26.90 -29.22
C GLN A 197 -36.90 26.31 -30.62
N SER A 198 -36.07 25.27 -30.73
CA SER A 198 -35.95 24.50 -31.98
C SER A 198 -37.19 23.62 -32.18
N TYR A 199 -38.11 23.68 -31.22
CA TYR A 199 -39.40 23.01 -31.31
C TYR A 199 -40.56 23.99 -31.51
N ASP A 200 -41.33 23.78 -32.57
CA ASP A 200 -42.53 24.53 -32.83
C ASP A 200 -43.70 23.56 -32.93
N LEU A 201 -44.66 23.67 -32.00
CA LEU A 201 -45.74 22.70 -31.85
C LEU A 201 -46.73 22.73 -33.00
N ASP A 202 -47.33 23.90 -33.20
CA ASP A 202 -48.38 24.15 -34.18
C ASP A 202 -48.00 23.71 -35.60
N HIS A 203 -46.75 23.97 -35.97
CA HIS A 203 -46.27 23.68 -37.32
C HIS A 203 -45.43 22.40 -37.38
N MET A 204 -46.02 21.28 -36.96
CA MET A 204 -45.35 19.97 -36.97
C MET A 204 -46.09 18.90 -37.75
N GLU A 205 -45.36 17.86 -38.16
CA GLU A 205 -45.92 16.74 -38.93
C GLU A 205 -46.87 15.84 -38.13
N LYS A 206 -47.16 14.66 -38.66
CA LYS A 206 -48.08 13.70 -38.02
C LYS A 206 -47.43 13.03 -36.81
N LYS A 207 -46.50 12.11 -37.08
CA LYS A 207 -45.76 11.38 -36.05
C LYS A 207 -44.90 12.31 -35.17
N ASP A 208 -44.32 13.34 -35.78
CA ASP A 208 -43.46 14.31 -35.10
C ASP A 208 -44.13 15.02 -33.91
N HIS A 209 -45.45 15.10 -33.92
CA HIS A 209 -46.19 15.67 -32.79
C HIS A 209 -46.31 14.64 -31.66
N SER A 210 -46.63 13.40 -32.04
CA SER A 210 -46.86 12.34 -31.06
C SER A 210 -45.58 11.64 -30.61
N HIS A 211 -44.43 12.23 -30.93
CA HIS A 211 -43.14 11.65 -30.55
C HIS A 211 -42.17 12.65 -29.91
N THR A 212 -42.69 13.84 -29.60
CA THR A 212 -41.94 14.84 -28.86
C THR A 212 -41.90 14.48 -27.37
N PRO A 213 -40.69 14.37 -26.79
CA PRO A 213 -40.55 14.05 -25.36
C PRO A 213 -41.37 15.01 -24.50
N TRP A 214 -41.96 14.48 -23.44
CA TRP A 214 -42.86 15.26 -22.60
C TRP A 214 -42.22 16.47 -21.90
N ILE A 215 -40.89 16.43 -21.73
CA ILE A 215 -40.17 17.53 -21.09
C ILE A 215 -40.29 18.75 -21.97
N VAL A 216 -40.02 18.57 -23.27
CA VAL A 216 -40.20 19.64 -24.25
C VAL A 216 -41.63 20.15 -24.18
N ILE A 217 -42.58 19.22 -24.26
CA ILE A 217 -43.99 19.55 -24.22
C ILE A 217 -44.32 20.46 -23.03
N ILE A 218 -43.95 20.05 -21.81
CA ILE A 218 -44.26 20.87 -20.63
C ILE A 218 -43.61 22.24 -20.71
N ALA A 219 -42.40 22.29 -21.27
CA ALA A 219 -41.65 23.53 -21.39
C ALA A 219 -42.40 24.49 -22.28
N LYS A 220 -42.76 24.00 -23.47
CA LYS A 220 -43.51 24.77 -24.46
C LYS A 220 -44.73 25.44 -23.81
N TYR A 221 -45.57 24.63 -23.19
CA TYR A 221 -46.76 25.14 -22.54
C TYR A 221 -46.46 26.02 -21.32
N LEU A 222 -45.27 25.85 -20.74
CA LEU A 222 -44.88 26.68 -19.61
C LEU A 222 -44.53 28.10 -20.06
N ALA A 223 -44.09 28.21 -21.31
CA ALA A 223 -43.90 29.52 -21.95
C ALA A 223 -45.26 30.18 -22.13
N GLN A 224 -46.15 29.49 -22.85
CA GLN A 224 -47.51 29.96 -23.08
C GLN A 224 -48.23 30.40 -21.80
N TRP A 225 -48.03 29.67 -20.71
CA TRP A 225 -48.63 30.03 -19.43
C TRP A 225 -47.98 31.29 -18.85
N TYR A 226 -46.65 31.32 -18.84
CA TYR A 226 -45.87 32.47 -18.37
C TYR A 226 -46.23 33.72 -19.17
N SER A 227 -46.41 33.53 -20.47
CA SER A 227 -46.94 34.54 -21.38
C SER A 227 -48.36 34.95 -20.95
N GLU A 228 -49.31 34.01 -21.02
CA GLU A 228 -50.72 34.27 -20.71
C GLU A 228 -51.04 34.64 -19.26
N THR A 229 -50.03 34.67 -18.40
CA THR A 229 -50.22 35.12 -17.01
C THR A 229 -49.37 36.34 -16.67
N ASN A 230 -48.39 36.63 -17.54
CA ASN A 230 -47.45 37.73 -17.33
C ASN A 230 -47.02 37.81 -15.86
N GLY A 231 -46.40 36.72 -15.39
CA GLY A 231 -46.01 36.58 -13.99
C GLY A 231 -45.63 35.15 -13.66
N ARG A 232 -45.81 34.80 -12.37
CA ARG A 232 -45.38 33.51 -11.83
C ARG A 232 -45.94 32.31 -12.59
N ILE A 233 -45.23 31.18 -12.50
CA ILE A 233 -45.66 29.91 -13.08
C ILE A 233 -46.62 29.18 -12.11
N PRO A 234 -47.16 28.00 -12.50
CA PRO A 234 -48.20 27.34 -11.71
C PRO A 234 -47.71 26.73 -10.40
N LYS A 235 -48.32 27.13 -9.28
CA LYS A 235 -47.84 26.74 -7.96
C LYS A 235 -48.86 26.01 -7.06
N THR A 236 -50.08 26.53 -6.92
CA THR A 236 -51.11 25.83 -6.13
C THR A 236 -51.70 24.68 -6.95
N TYR A 237 -52.38 23.75 -6.27
CA TYR A 237 -52.94 22.55 -6.92
C TYR A 237 -54.02 22.89 -7.93
N LYS A 238 -54.79 23.95 -7.62
CA LYS A 238 -55.80 24.49 -8.54
C LYS A 238 -55.16 24.96 -9.84
N GLU A 239 -53.99 25.57 -9.74
CA GLU A 239 -53.26 26.10 -10.89
C GLU A 239 -52.70 25.01 -11.81
N LYS A 240 -52.04 24.01 -11.22
CA LYS A 240 -51.44 22.93 -12.00
C LYS A 240 -52.51 22.07 -12.70
N GLU A 241 -53.72 22.08 -12.16
CA GLU A 241 -54.86 21.41 -12.79
C GLU A 241 -55.23 22.09 -14.11
N ASP A 242 -55.29 23.43 -14.08
CA ASP A 242 -55.57 24.23 -15.27
C ASP A 242 -54.47 24.09 -16.31
N PHE A 243 -53.23 23.95 -15.83
CA PHE A 243 -52.06 23.78 -16.67
C PHE A 243 -52.10 22.44 -17.40
N ARG A 244 -52.62 21.43 -16.72
CA ARG A 244 -52.85 20.13 -17.33
C ARG A 244 -53.88 20.26 -18.45
N ASP A 245 -54.90 21.08 -18.19
CA ASP A 245 -55.98 21.32 -19.14
C ASP A 245 -55.50 22.07 -20.37
N LEU A 246 -54.67 23.09 -20.16
CA LEU A 246 -54.05 23.83 -21.25
C LEU A 246 -53.18 22.93 -22.14
N ILE A 247 -52.51 21.96 -21.52
CA ILE A 247 -51.76 20.93 -22.23
C ILE A 247 -52.73 20.06 -23.01
N ARG A 248 -53.84 19.71 -22.36
CA ARG A 248 -54.83 18.81 -22.93
C ARG A 248 -55.34 19.31 -24.28
N GLN A 249 -55.43 20.63 -24.41
CA GLN A 249 -55.82 21.29 -25.67
C GLN A 249 -54.93 20.93 -26.85
N GLY A 250 -53.62 20.95 -26.62
CA GLY A 250 -52.64 20.65 -27.65
C GLY A 250 -52.78 19.31 -28.33
N ILE A 251 -53.55 18.39 -27.74
CA ILE A 251 -53.73 17.09 -28.36
C ILE A 251 -54.46 17.28 -29.68
N LEU A 252 -53.80 16.87 -30.77
CA LEU A 252 -54.32 17.06 -32.12
C LEU A 252 -55.52 16.16 -32.40
N LYS A 253 -56.64 16.79 -32.77
CA LYS A 253 -57.86 16.08 -33.17
C LYS A 253 -57.70 15.45 -34.59
N ASN A 254 -58.76 14.80 -35.09
CA ASN A 254 -58.72 14.15 -36.42
C ASN A 254 -59.88 14.53 -37.36
N GLU A 255 -59.97 13.82 -38.51
CA GLU A 255 -61.01 14.07 -39.52
C GLU A 255 -62.43 14.06 -38.93
N ASN A 256 -62.72 13.01 -38.16
CA ASN A 256 -64.02 12.81 -37.49
C ASN A 256 -64.35 13.88 -36.43
N GLY A 257 -63.36 14.28 -35.63
CA GLY A 257 -63.54 15.34 -34.62
C GLY A 257 -63.02 15.00 -33.24
N ALA A 258 -62.51 13.77 -33.08
CA ALA A 258 -62.03 13.25 -31.78
C ALA A 258 -60.54 13.51 -31.53
N PRO A 259 -60.16 13.90 -30.29
CA PRO A 259 -58.74 13.96 -29.93
C PRO A 259 -58.07 12.61 -30.11
N GLU A 260 -56.81 12.63 -30.55
CA GLU A 260 -56.05 11.40 -30.78
C GLU A 260 -55.45 10.87 -29.48
N ASP A 261 -54.97 9.63 -29.52
CA ASP A 261 -54.32 9.04 -28.36
C ASP A 261 -52.82 9.28 -28.39
N GLU A 262 -52.43 10.54 -28.20
CA GLU A 262 -51.03 10.94 -28.10
C GLU A 262 -50.56 10.79 -26.64
N GLU A 263 -49.88 9.69 -26.35
CA GLU A 263 -49.43 9.42 -24.99
C GLU A 263 -48.35 10.36 -24.48
N ASN A 264 -47.50 10.84 -25.37
CA ASN A 264 -46.50 11.84 -24.99
C ASN A 264 -47.15 13.02 -24.25
N PHE A 265 -48.34 13.41 -24.70
CA PHE A 265 -49.10 14.45 -24.01
C PHE A 265 -49.72 13.96 -22.71
N GLU A 266 -50.19 12.71 -22.70
CA GLU A 266 -50.78 12.11 -21.50
C GLU A 266 -49.72 12.01 -20.39
N GLU A 267 -48.50 11.61 -20.77
CA GLU A 267 -47.33 11.60 -19.87
C GLU A 267 -47.02 13.00 -19.33
N ALA A 268 -47.01 13.98 -20.21
CA ALA A 268 -46.79 15.36 -19.79
C ALA A 268 -47.82 15.80 -18.76
N ILE A 269 -49.08 15.41 -18.98
CA ILE A 269 -50.17 15.70 -18.04
C ILE A 269 -49.92 15.02 -16.68
N LYS A 270 -49.45 13.77 -16.71
CA LYS A 270 -49.09 13.02 -15.49
C LYS A 270 -47.95 13.68 -14.71
N ASN A 271 -46.95 14.14 -15.44
CA ASN A 271 -45.72 14.62 -14.86
C ASN A 271 -45.69 16.07 -14.39
N VAL A 272 -46.78 16.79 -14.66
CA VAL A 272 -46.99 18.13 -14.10
C VAL A 272 -46.83 18.08 -12.59
N ASN A 273 -47.09 16.91 -12.02
CA ASN A 273 -46.97 16.68 -10.59
C ASN A 273 -45.58 16.97 -10.03
N THR A 274 -44.55 16.46 -10.71
CA THR A 274 -43.16 16.52 -10.23
C THR A 274 -42.34 17.63 -10.90
N ALA A 275 -42.41 17.68 -12.22
CA ALA A 275 -41.50 18.45 -13.08
C ALA A 275 -41.70 19.97 -13.09
N LEU A 276 -42.47 20.50 -12.14
CA LEU A 276 -42.47 21.92 -11.89
C LEU A 276 -41.90 22.09 -10.49
N ASN A 277 -40.96 21.21 -10.17
CA ASN A 277 -40.41 21.03 -8.81
C ASN A 277 -40.11 22.29 -8.00
N THR A 278 -39.51 23.29 -8.65
CA THR A 278 -38.66 24.29 -8.00
C THR A 278 -37.33 23.59 -7.76
N THR A 279 -36.29 23.99 -8.50
CA THR A 279 -34.96 23.42 -8.34
C THR A 279 -34.32 23.92 -7.05
N GLN A 280 -34.11 23.02 -6.10
CA GLN A 280 -33.62 23.37 -4.77
C GLN A 280 -32.33 22.65 -4.37
N ILE A 281 -31.55 23.30 -3.51
CA ILE A 281 -30.46 22.66 -2.77
C ILE A 281 -31.09 21.93 -1.58
N PRO A 282 -30.96 20.59 -1.53
CA PRO A 282 -31.48 19.84 -0.38
C PRO A 282 -30.93 20.43 0.92
N SER A 283 -31.79 20.56 1.93
CA SER A 283 -31.37 21.14 3.21
C SER A 283 -30.36 20.24 3.93
N SER A 284 -30.20 19.01 3.45
CA SER A 284 -29.12 18.15 3.89
C SER A 284 -27.80 18.74 3.42
N ILE A 285 -27.71 19.04 2.12
CA ILE A 285 -26.54 19.68 1.53
C ILE A 285 -26.31 21.10 2.06
N GLU A 286 -27.39 21.75 2.50
CA GLU A 286 -27.29 23.04 3.18
C GLU A 286 -26.47 22.89 4.47
N ASP A 287 -26.78 21.87 5.25
CA ASP A 287 -26.05 21.60 6.48
C ASP A 287 -24.56 21.27 6.24
N ILE A 288 -24.27 20.59 5.14
CA ILE A 288 -22.90 20.26 4.78
C ILE A 288 -22.08 21.53 4.50
N PHE A 289 -22.65 22.42 3.67
CA PHE A 289 -22.00 23.68 3.32
C PHE A 289 -21.69 24.51 4.56
N ASN A 290 -22.67 24.63 5.45
CA ASN A 290 -22.53 25.43 6.66
C ASN A 290 -21.72 24.78 7.76
N ASP A 291 -21.15 23.61 7.48
CA ASP A 291 -20.32 22.92 8.46
C ASP A 291 -18.89 23.44 8.47
N ASP A 292 -18.41 23.70 9.68
CA ASP A 292 -17.05 24.18 9.94
C ASP A 292 -15.95 23.47 9.12
N ARG A 293 -16.15 22.21 8.78
CA ARG A 293 -15.14 21.46 8.04
C ARG A 293 -15.15 21.74 6.54
N CYS A 294 -16.21 22.39 6.05
CA CYS A 294 -16.26 22.88 4.66
C CYS A 294 -15.84 24.35 4.55
N ILE A 295 -16.33 25.17 5.47
CA ILE A 295 -16.00 26.60 5.56
C ILE A 295 -14.51 26.86 5.75
N ASN A 296 -13.86 26.03 6.56
CA ASN A 296 -12.47 26.25 6.95
C ASN A 296 -11.54 25.18 6.41
N ILE A 297 -11.28 25.24 5.11
CA ILE A 297 -10.24 24.43 4.47
C ILE A 297 -8.88 24.63 5.15
N THR A 298 -8.23 23.52 5.48
CA THR A 298 -6.82 23.50 5.92
C THR A 298 -6.01 22.57 4.99
N LYS A 299 -4.74 22.35 5.33
CA LYS A 299 -3.85 21.49 4.53
C LYS A 299 -4.07 20.00 4.84
N GLN A 300 -4.76 19.73 5.95
CA GLN A 300 -5.07 18.37 6.44
C GLN A 300 -6.41 17.86 5.90
N THR A 301 -7.35 18.77 5.68
CA THR A 301 -8.68 18.46 5.13
C THR A 301 -8.67 17.29 4.13
N PRO A 302 -9.60 16.33 4.31
CA PRO A 302 -9.63 15.15 3.44
C PRO A 302 -10.32 15.42 2.11
N SER A 303 -10.07 14.52 1.16
CA SER A 303 -10.61 14.57 -0.20
C SER A 303 -12.09 14.97 -0.29
N PHE A 304 -12.91 14.46 0.62
CA PHE A 304 -14.35 14.77 0.62
C PHE A 304 -14.67 16.25 0.84
N TRP A 305 -14.06 16.86 1.85
CA TRP A 305 -14.41 18.22 2.20
C TRP A 305 -13.83 19.23 1.22
N ILE A 306 -12.77 18.83 0.52
CA ILE A 306 -12.26 19.65 -0.58
C ILE A 306 -13.42 19.78 -1.55
N LEU A 307 -13.84 18.66 -2.11
CA LEU A 307 -14.93 18.57 -3.05
C LEU A 307 -16.22 19.24 -2.57
N ALA A 308 -16.47 19.21 -1.27
CA ALA A 308 -17.66 19.84 -0.70
C ALA A 308 -17.59 21.35 -0.92
N ARG A 309 -16.40 21.91 -0.74
CA ARG A 309 -16.15 23.33 -0.98
C ARG A 309 -16.15 23.65 -2.48
N ALA A 310 -15.60 22.74 -3.28
CA ALA A 310 -15.64 22.91 -4.74
C ALA A 310 -17.08 22.91 -5.28
N LEU A 311 -18.05 22.68 -4.39
CA LEU A 311 -19.46 22.76 -4.75
C LEU A 311 -20.09 24.01 -4.16
N LYS A 312 -19.70 24.36 -2.94
CA LYS A 312 -20.15 25.61 -2.34
C LYS A 312 -19.74 26.80 -3.21
N GLU A 313 -18.49 26.78 -3.68
CA GLU A 313 -17.96 27.87 -4.54
C GLU A 313 -18.65 27.91 -5.91
N PHE A 314 -19.05 26.73 -6.41
CA PHE A 314 -19.86 26.63 -7.61
C PHE A 314 -21.25 27.26 -7.39
N VAL A 315 -21.78 27.11 -6.19
CA VAL A 315 -23.10 27.66 -5.87
C VAL A 315 -23.09 29.19 -5.91
N ALA A 316 -21.98 29.81 -5.54
CA ALA A 316 -21.85 31.26 -5.63
C ALA A 316 -21.61 31.71 -7.09
N LYS A 317 -20.65 31.08 -7.77
CA LYS A 317 -20.27 31.49 -9.12
C LYS A 317 -21.14 30.81 -10.18
N GLU A 318 -20.56 29.87 -10.92
CA GLU A 318 -21.18 29.28 -12.11
C GLU A 318 -22.64 28.82 -12.01
N GLY A 319 -23.13 28.55 -10.80
CA GLY A 319 -24.45 27.92 -10.62
C GLY A 319 -25.63 28.83 -10.34
N GLN A 320 -25.42 30.14 -10.45
CA GLN A 320 -26.46 31.16 -10.18
C GLN A 320 -27.25 30.93 -8.87
N GLY A 321 -26.74 30.04 -8.02
CA GLY A 321 -27.38 29.71 -6.73
C GLY A 321 -27.82 28.25 -6.55
N ASN A 322 -27.41 27.38 -7.46
CA ASN A 322 -27.82 25.96 -7.44
C ASN A 322 -26.70 24.96 -7.78
N LEU A 323 -26.91 23.70 -7.42
CA LEU A 323 -25.95 22.59 -7.64
C LEU A 323 -25.76 22.29 -9.11
N PRO A 324 -24.75 21.48 -9.48
CA PRO A 324 -24.53 21.08 -10.88
C PRO A 324 -25.70 20.32 -11.47
N VAL A 325 -25.77 20.23 -12.79
CA VAL A 325 -26.82 19.47 -13.44
C VAL A 325 -26.49 18.00 -13.34
N ARG A 326 -27.48 17.20 -12.95
CA ARG A 326 -27.28 15.77 -12.78
C ARG A 326 -26.81 15.13 -14.08
N GLY A 327 -27.49 15.41 -15.18
CA GLY A 327 -27.09 14.92 -16.50
C GLY A 327 -27.80 13.67 -16.98
N THR A 328 -28.65 13.11 -16.13
CA THR A 328 -29.48 11.96 -16.49
C THR A 328 -30.92 12.39 -16.62
N ILE A 329 -31.66 11.68 -17.47
CA ILE A 329 -33.10 11.92 -17.64
C ILE A 329 -33.89 10.61 -17.64
N PRO A 330 -35.08 10.63 -17.01
CA PRO A 330 -35.91 9.44 -16.99
C PRO A 330 -36.29 9.07 -18.39
N ASP A 331 -36.66 7.82 -18.60
CA ASP A 331 -37.19 7.39 -19.89
C ASP A 331 -38.56 8.01 -20.10
N MET A 332 -38.85 8.39 -21.34
CA MET A 332 -40.18 8.91 -21.70
C MET A 332 -40.69 8.35 -23.03
N ILE A 333 -41.82 8.85 -23.50
CA ILE A 333 -42.33 8.46 -24.81
C ILE A 333 -41.82 9.48 -25.82
N ALA A 334 -40.99 9.00 -26.75
CA ALA A 334 -40.36 9.83 -27.78
C ALA A 334 -39.64 8.96 -28.80
N ASP A 335 -39.43 9.49 -30.00
CA ASP A 335 -38.62 8.80 -31.00
C ASP A 335 -37.12 8.99 -30.72
N SER A 336 -36.33 8.03 -31.16
CA SER A 336 -34.89 7.95 -30.83
C SER A 336 -34.15 9.28 -30.87
N GLY A 337 -34.15 9.91 -32.04
CA GLY A 337 -33.42 11.16 -32.27
C GLY A 337 -33.79 12.27 -31.31
N LYS A 338 -35.09 12.48 -31.12
CA LYS A 338 -35.60 13.55 -30.26
C LYS A 338 -35.26 13.33 -28.79
N TYR A 339 -35.26 12.06 -28.37
CA TYR A 339 -34.82 11.68 -27.03
C TYR A 339 -33.30 11.86 -26.89
N ILE A 340 -32.55 11.27 -27.81
CA ILE A 340 -31.07 11.32 -27.79
C ILE A 340 -30.55 12.76 -27.76
N LYS A 341 -31.12 13.60 -28.62
CA LYS A 341 -30.75 15.01 -28.68
C LYS A 341 -31.08 15.71 -27.37
N LEU A 342 -32.20 15.33 -26.74
CA LEU A 342 -32.58 15.92 -25.47
C LEU A 342 -31.66 15.42 -24.36
N GLN A 343 -31.28 14.15 -24.45
CA GLN A 343 -30.38 13.54 -23.47
C GLN A 343 -29.03 14.25 -23.48
N ASN A 344 -28.56 14.57 -24.69
CA ASN A 344 -27.25 15.17 -24.85
C ASN A 344 -27.17 16.61 -24.38
N VAL A 345 -28.28 17.33 -24.46
CA VAL A 345 -28.32 18.70 -23.92
C VAL A 345 -28.16 18.68 -22.39
N TYR A 346 -28.78 17.69 -21.76
CA TYR A 346 -28.60 17.46 -20.33
C TYR A 346 -27.19 16.92 -20.00
N ARG A 347 -26.79 15.87 -20.72
CA ARG A 347 -25.50 15.22 -20.53
C ARG A 347 -24.33 16.22 -20.55
N GLU A 348 -24.24 16.99 -21.64
CA GLU A 348 -23.12 17.91 -21.88
C GLU A 348 -23.03 19.03 -20.86
N LYS A 349 -24.18 19.63 -20.52
CA LYS A 349 -24.21 20.70 -19.53
C LYS A 349 -23.58 20.22 -18.22
N ALA A 350 -23.79 18.95 -17.89
CA ALA A 350 -23.22 18.33 -16.69
C ALA A 350 -21.70 18.13 -16.86
N LYS A 351 -21.31 17.45 -17.94
CA LYS A 351 -19.92 17.28 -18.34
C LYS A 351 -19.17 18.63 -18.37
N LYS A 352 -19.94 19.72 -18.40
CA LYS A 352 -19.41 21.08 -18.45
C LYS A 352 -19.41 21.70 -17.05
N ASP A 353 -20.40 21.33 -16.23
CA ASP A 353 -20.51 21.83 -14.85
C ASP A 353 -19.54 21.11 -13.93
N ALA A 354 -19.20 19.87 -14.32
CA ALA A 354 -18.20 19.08 -13.63
C ALA A 354 -16.84 19.71 -13.84
N ALA A 355 -16.43 19.83 -15.11
CA ALA A 355 -15.19 20.48 -15.49
C ALA A 355 -15.08 21.86 -14.84
N ALA A 356 -16.24 22.47 -14.54
CA ALA A 356 -16.26 23.77 -13.88
C ALA A 356 -15.95 23.63 -12.40
N VAL A 357 -16.43 22.55 -11.79
CA VAL A 357 -16.14 22.23 -10.40
C VAL A 357 -14.66 21.84 -10.27
N GLY A 358 -14.18 21.05 -11.22
CA GLY A 358 -12.77 20.66 -11.32
C GLY A 358 -11.78 21.81 -11.41
N ASN A 359 -12.27 22.99 -11.80
CA ASN A 359 -11.47 24.21 -11.74
C ASN A 359 -11.47 24.81 -10.34
N HIS A 360 -12.59 24.71 -9.63
CA HIS A 360 -12.66 25.12 -8.22
C HIS A 360 -11.87 24.16 -7.32
N VAL A 361 -11.65 22.95 -7.84
CA VAL A 361 -10.82 21.94 -7.17
C VAL A 361 -9.37 22.43 -7.08
N ALA A 362 -8.75 22.69 -8.23
CA ALA A 362 -7.39 23.21 -8.29
C ALA A 362 -7.18 24.52 -7.52
N LYS A 363 -8.18 25.41 -7.55
CA LYS A 363 -8.10 26.72 -6.89
C LYS A 363 -8.07 26.64 -5.34
N LEU A 364 -8.46 25.48 -4.80
CA LEU A 364 -8.35 25.23 -3.36
C LEU A 364 -7.09 24.44 -3.05
N LEU A 365 -6.72 23.54 -3.97
CA LEU A 365 -5.45 22.79 -3.90
C LEU A 365 -4.20 23.70 -3.99
N GLN A 366 -4.40 24.93 -4.46
CA GLN A 366 -3.35 25.96 -4.39
C GLN A 366 -3.09 26.34 -2.92
N SER A 367 -4.14 26.78 -2.22
CA SER A 367 -4.05 27.07 -0.78
C SER A 367 -3.58 25.87 0.03
N ILE A 368 -4.07 24.68 -0.33
CA ILE A 368 -3.69 23.43 0.32
C ILE A 368 -2.28 23.01 -0.08
N GLY A 369 -1.79 23.51 -1.20
CA GLY A 369 -0.42 23.28 -1.66
C GLY A 369 -0.16 21.87 -2.14
N GLN A 370 -1.09 21.32 -2.94
CA GLN A 370 -0.98 19.97 -3.48
C GLN A 370 -1.29 19.94 -4.98
N ALA A 371 -0.66 19.00 -5.69
CA ALA A 371 -0.88 18.82 -7.12
C ALA A 371 -2.36 18.73 -7.48
N PRO A 372 -2.79 19.43 -8.55
CA PRO A 372 -4.21 19.52 -8.91
C PRO A 372 -4.83 18.26 -9.57
N GLU A 373 -4.10 17.15 -9.61
CA GLU A 373 -4.60 15.92 -10.26
C GLU A 373 -4.76 14.74 -9.29
N SER A 374 -4.60 15.01 -8.00
CA SER A 374 -4.81 14.01 -6.97
C SER A 374 -6.25 13.48 -6.91
N ILE A 375 -7.21 14.32 -7.32
CA ILE A 375 -8.61 13.89 -7.45
C ILE A 375 -8.95 13.75 -8.93
N SER A 376 -9.20 12.51 -9.36
CA SER A 376 -9.37 12.20 -10.79
C SER A 376 -10.74 12.60 -11.38
N GLU A 377 -10.79 12.63 -12.71
CA GLU A 377 -12.03 12.92 -13.45
C GLU A 377 -13.03 11.76 -13.36
N LYS A 378 -12.60 10.65 -12.78
CA LYS A 378 -13.51 9.55 -12.51
C LYS A 378 -14.18 9.75 -11.14
N GLU A 379 -13.47 10.44 -10.24
CA GLU A 379 -13.99 10.81 -8.92
C GLU A 379 -14.91 12.01 -9.02
N LEU A 380 -14.61 12.90 -9.95
CA LEU A 380 -15.33 14.16 -10.06
C LEU A 380 -16.71 13.94 -10.67
N LYS A 381 -16.79 13.03 -11.63
CA LYS A 381 -18.07 12.59 -12.19
C LYS A 381 -19.01 12.18 -11.08
N LEU A 382 -18.60 11.17 -10.30
CA LEU A 382 -19.41 10.65 -9.20
C LEU A 382 -19.85 11.76 -8.24
N LEU A 383 -18.94 12.64 -7.87
CA LEU A 383 -19.27 13.76 -6.99
C LEU A 383 -20.26 14.73 -7.62
N CYS A 384 -20.19 14.90 -8.94
CA CYS A 384 -21.11 15.80 -9.63
C CYS A 384 -22.49 15.18 -9.85
N SER A 385 -22.50 13.95 -10.36
CA SER A 385 -23.71 13.13 -10.37
C SER A 385 -24.41 13.22 -9.01
N ASN A 386 -23.68 12.86 -7.95
CA ASN A 386 -24.28 12.66 -6.65
C ASN A 386 -24.19 13.89 -5.77
N SER A 387 -24.13 15.06 -6.38
CA SER A 387 -24.01 16.32 -5.66
C SER A 387 -25.22 16.62 -4.75
N ALA A 388 -26.36 16.01 -5.07
CA ALA A 388 -27.59 16.15 -4.28
C ALA A 388 -27.72 15.09 -3.18
N PHE A 389 -26.84 14.09 -3.22
CA PHE A 389 -27.02 12.89 -2.43
C PHE A 389 -25.93 12.65 -1.36
N LEU A 390 -25.09 13.66 -1.14
CA LEU A 390 -24.00 13.53 -0.21
C LEU A 390 -24.57 13.46 1.20
N ARG A 391 -24.00 12.60 2.03
CA ARG A 391 -24.41 12.48 3.42
C ARG A 391 -23.16 12.40 4.28
N VAL A 392 -23.26 12.92 5.50
CA VAL A 392 -22.20 12.80 6.49
C VAL A 392 -22.79 12.23 7.77
N VAL A 393 -22.35 11.03 8.15
CA VAL A 393 -22.79 10.43 9.39
C VAL A 393 -21.70 10.57 10.45
N ARG A 394 -22.03 11.22 11.56
CA ARG A 394 -21.12 11.33 12.69
C ARG A 394 -21.68 10.57 13.89
N CYS A 395 -20.80 9.91 14.64
CA CYS A 395 -21.24 9.07 15.76
C CYS A 395 -20.76 9.57 17.09
N ARG A 396 -21.64 9.54 18.07
CA ARG A 396 -21.22 9.84 19.42
C ARG A 396 -20.35 8.67 19.85
N SER A 397 -19.31 8.96 20.60
CA SER A 397 -18.42 7.94 21.16
C SER A 397 -19.17 7.17 22.23
N LEU A 398 -18.62 6.03 22.63
CA LEU A 398 -19.27 5.24 23.67
C LEU A 398 -19.21 5.97 25.01
N ALA A 399 -18.07 6.61 25.31
CA ALA A 399 -17.89 7.36 26.56
C ALA A 399 -18.97 8.42 26.71
N GLU A 400 -19.28 9.09 25.61
CA GLU A 400 -20.40 10.01 25.55
C GLU A 400 -21.72 9.35 25.95
N GLU A 401 -22.01 8.17 25.37
CA GLU A 401 -23.26 7.45 25.66
C GLU A 401 -23.33 6.99 27.11
N TYR A 402 -22.21 6.53 27.62
CA TYR A 402 -22.16 5.97 28.96
C TYR A 402 -21.92 7.02 30.04
N GLY A 403 -21.62 8.25 29.62
CA GLY A 403 -21.37 9.34 30.55
C GLY A 403 -22.61 9.74 31.32
N LEU A 404 -22.49 9.91 32.63
CA LEU A 404 -23.61 10.36 33.47
C LEU A 404 -24.13 11.74 33.03
N ASP A 405 -23.20 12.57 32.57
CA ASP A 405 -23.51 13.94 32.20
C ASP A 405 -23.66 14.13 30.69
N THR A 406 -23.68 13.02 29.95
CA THR A 406 -23.83 13.10 28.49
C THR A 406 -24.83 12.09 27.87
N ILE A 407 -25.42 11.24 28.71
CA ILE A 407 -26.48 10.31 28.27
C ILE A 407 -27.66 11.03 27.62
N ASN A 408 -28.25 10.45 26.58
CA ASN A 408 -29.44 10.99 25.95
C ASN A 408 -30.74 10.61 26.63
N LYS A 409 -30.93 11.09 27.86
CA LYS A 409 -32.14 10.80 28.63
C LYS A 409 -33.37 11.08 27.77
N ASP A 410 -33.41 12.28 27.19
CA ASP A 410 -34.53 12.67 26.34
C ASP A 410 -34.91 11.56 25.36
N GLU A 411 -33.91 10.96 24.70
CA GLU A 411 -34.17 9.87 23.73
C GLU A 411 -34.73 8.62 24.40
N ILE A 412 -34.12 8.19 25.49
CA ILE A 412 -34.59 7.03 26.25
C ILE A 412 -36.01 7.27 26.77
N ILE A 413 -36.19 8.29 27.62
CA ILE A 413 -37.50 8.57 28.23
C ILE A 413 -38.60 8.73 27.19
N SER A 414 -38.35 9.56 26.19
CA SER A 414 -39.26 9.76 25.08
C SER A 414 -39.74 8.43 24.51
N SER A 415 -38.81 7.52 24.28
CA SER A 415 -39.11 6.23 23.65
C SER A 415 -39.83 5.26 24.60
N MET A 416 -39.56 5.39 25.90
CA MET A 416 -40.21 4.52 26.89
C MET A 416 -41.71 4.80 27.05
N ASP A 417 -42.20 5.88 26.44
CA ASP A 417 -43.65 6.19 26.43
C ASP A 417 -44.47 4.94 26.13
N ASN A 418 -44.12 4.23 25.04
CA ASN A 418 -44.55 2.86 24.80
C ASN A 418 -43.72 1.91 25.67
N PRO A 419 -44.35 1.22 26.65
CA PRO A 419 -43.50 0.44 27.54
C PRO A 419 -42.90 -0.83 26.87
N ASP A 420 -43.35 -1.16 25.66
CA ASP A 420 -42.80 -2.27 24.87
C ASP A 420 -42.03 -1.80 23.64
N ASN A 421 -41.46 -0.61 23.74
CA ASN A 421 -40.61 -0.04 22.71
C ASN A 421 -39.24 -0.71 22.82
N GLU A 422 -38.63 -1.01 21.67
CA GLU A 422 -37.32 -1.66 21.62
C GLU A 422 -36.30 -1.14 22.63
N ILE A 423 -36.32 0.15 22.92
CA ILE A 423 -35.38 0.72 23.88
C ILE A 423 -35.33 -0.04 25.20
N VAL A 424 -36.45 -0.66 25.59
CA VAL A 424 -36.50 -1.40 26.84
C VAL A 424 -35.48 -2.54 26.83
N LEU A 425 -35.35 -3.19 25.69
CA LEU A 425 -34.39 -4.27 25.48
C LEU A 425 -32.96 -3.81 25.69
N TYR A 426 -32.67 -2.56 25.33
CA TYR A 426 -31.36 -1.96 25.57
C TYR A 426 -31.13 -1.73 27.05
N LEU A 427 -32.18 -1.31 27.75
CA LEU A 427 -32.07 -0.99 29.16
C LEU A 427 -31.83 -2.26 29.93
N MET A 428 -32.46 -3.34 29.46
CA MET A 428 -32.27 -4.66 30.06
C MET A 428 -30.85 -5.14 29.83
N LEU A 429 -30.31 -4.89 28.63
CA LEU A 429 -28.91 -5.19 28.33
C LEU A 429 -27.98 -4.46 29.30
N ARG A 430 -28.27 -3.20 29.56
CA ARG A 430 -27.44 -2.43 30.47
C ARG A 430 -27.57 -2.92 31.91
N ALA A 431 -28.78 -3.35 32.28
CA ALA A 431 -28.99 -3.96 33.59
C ALA A 431 -28.21 -5.28 33.70
N VAL A 432 -28.37 -6.15 32.69
CA VAL A 432 -27.67 -7.42 32.59
C VAL A 432 -26.15 -7.26 32.71
N ASP A 433 -25.62 -6.19 32.10
CA ASP A 433 -24.19 -5.93 32.10
C ASP A 433 -23.66 -5.54 33.45
N ARG A 434 -24.46 -4.82 34.22
CA ARG A 434 -24.00 -4.48 35.55
C ARG A 434 -24.32 -5.61 36.53
N PHE A 435 -25.27 -6.46 36.17
CA PHE A 435 -25.47 -7.69 36.90
C PHE A 435 -24.19 -8.48 36.79
N HIS A 436 -23.71 -8.62 35.56
CA HIS A 436 -22.53 -9.41 35.29
C HIS A 436 -21.32 -8.94 36.09
N LYS A 437 -21.01 -7.66 36.07
CA LYS A 437 -19.81 -7.17 36.75
C LYS A 437 -19.92 -7.14 38.29
N GLN A 438 -21.14 -7.16 38.81
CA GLN A 438 -21.33 -7.34 40.24
C GLN A 438 -21.13 -8.80 40.63
N GLN A 439 -21.52 -9.70 39.72
CA GLN A 439 -21.71 -11.12 40.05
C GLN A 439 -20.70 -12.07 39.40
N GLY A 440 -19.88 -11.56 38.48
CA GLY A 440 -18.96 -12.39 37.71
C GLY A 440 -19.61 -13.43 36.80
N ARG A 441 -20.90 -13.24 36.51
CA ARG A 441 -21.69 -14.21 35.74
C ARG A 441 -22.99 -13.56 35.28
N TYR A 442 -23.58 -14.10 34.22
CA TYR A 442 -24.85 -13.59 33.70
C TYR A 442 -26.06 -14.19 34.45
N PRO A 443 -27.23 -13.54 34.36
CA PRO A 443 -28.37 -14.05 35.11
C PRO A 443 -29.02 -15.32 34.54
N GLY A 444 -29.47 -16.18 35.43
CA GLY A 444 -30.28 -17.34 35.09
C GLY A 444 -29.64 -18.30 34.10
N VAL A 445 -28.32 -18.42 34.16
CA VAL A 445 -27.60 -19.31 33.25
C VAL A 445 -27.89 -20.74 33.61
N SER A 446 -27.83 -21.03 34.91
CA SER A 446 -28.11 -22.35 35.44
C SER A 446 -29.55 -22.42 35.97
N ASN A 447 -30.22 -23.56 35.73
CA ASN A 447 -31.59 -23.74 36.27
C ASN A 447 -31.62 -23.52 37.78
N TYR A 448 -30.49 -23.77 38.44
CA TYR A 448 -30.39 -23.56 39.88
C TYR A 448 -30.56 -22.10 40.24
N GLN A 449 -30.29 -21.19 39.30
CA GLN A 449 -30.15 -19.78 39.66
C GLN A 449 -31.25 -18.81 39.17
N VAL A 450 -32.05 -19.26 38.21
CA VAL A 450 -33.22 -18.50 37.71
C VAL A 450 -34.12 -17.84 38.78
N GLU A 451 -34.52 -18.57 39.83
CA GLU A 451 -35.46 -18.05 40.84
C GLU A 451 -35.02 -16.76 41.54
N GLU A 452 -33.85 -16.78 42.17
CA GLU A 452 -33.38 -15.63 42.93
C GLU A 452 -32.74 -14.55 42.08
N ASP A 453 -32.47 -14.85 40.81
CA ASP A 453 -31.83 -13.88 39.91
C ASP A 453 -32.80 -12.83 39.41
N ILE A 454 -34.06 -13.20 39.27
CA ILE A 454 -35.10 -12.23 38.94
C ILE A 454 -35.05 -11.13 39.99
N GLY A 455 -34.93 -11.55 41.26
CA GLY A 455 -34.69 -10.62 42.37
C GLY A 455 -33.49 -9.79 42.04
N LYS A 456 -32.33 -10.43 42.01
CA LYS A 456 -31.03 -9.74 41.83
C LYS A 456 -30.92 -8.85 40.59
N LEU A 457 -31.57 -9.25 39.50
CA LEU A 457 -31.54 -8.48 38.25
C LEU A 457 -32.39 -7.21 38.34
N LYS A 458 -33.57 -7.30 38.96
CA LYS A 458 -34.40 -6.10 39.20
C LYS A 458 -33.60 -5.06 39.98
N SER A 459 -32.89 -5.51 41.01
CA SER A 459 -32.07 -4.62 41.82
C SER A 459 -31.02 -3.87 40.98
N CYS A 460 -30.37 -4.59 40.05
CA CYS A 460 -29.37 -4.02 39.14
C CYS A 460 -29.97 -3.01 38.19
N LEU A 461 -31.17 -3.31 37.71
CA LEU A 461 -31.92 -2.42 36.84
C LEU A 461 -32.25 -1.13 37.59
N THR A 462 -32.82 -1.28 38.78
CA THR A 462 -33.12 -0.14 39.64
C THR A 462 -31.91 0.79 39.80
N GLY A 463 -30.73 0.18 40.04
CA GLY A 463 -29.50 0.93 40.27
C GLY A 463 -28.99 1.67 39.04
N PHE A 464 -29.14 1.04 37.88
CA PHE A 464 -28.77 1.63 36.61
C PHE A 464 -29.64 2.85 36.31
N LEU A 465 -30.95 2.68 36.44
CA LEU A 465 -31.91 3.76 36.23
C LEU A 465 -31.75 4.89 37.25
N GLN A 466 -31.28 4.56 38.45
CA GLN A 466 -31.06 5.56 39.47
C GLN A 466 -29.79 6.36 39.21
N GLU A 467 -28.76 5.67 38.77
CA GLU A 467 -27.46 6.29 38.54
C GLU A 467 -27.55 7.40 37.50
N TYR A 468 -28.31 7.14 36.46
CA TYR A 468 -28.41 8.05 35.34
C TYR A 468 -29.64 8.93 35.46
N GLY A 469 -30.24 8.99 36.65
CA GLY A 469 -31.45 9.76 36.88
C GLY A 469 -32.51 9.50 35.82
N LEU A 470 -32.75 8.23 35.54
CA LEU A 470 -33.79 7.84 34.60
C LEU A 470 -35.01 7.32 35.34
N SER A 471 -36.08 8.10 35.26
CA SER A 471 -37.36 7.69 35.82
C SER A 471 -38.27 7.22 34.70
N VAL A 472 -37.98 6.01 34.24
CA VAL A 472 -38.85 5.25 33.32
C VAL A 472 -39.27 3.99 34.07
N MET A 473 -40.41 3.42 33.69
CA MET A 473 -40.81 2.16 34.32
C MET A 473 -40.68 0.99 33.35
N VAL A 474 -40.07 -0.10 33.84
CA VAL A 474 -39.87 -1.31 33.05
C VAL A 474 -40.77 -2.42 33.59
N LYS A 475 -41.64 -2.94 32.73
CA LYS A 475 -42.48 -4.10 33.07
C LYS A 475 -41.65 -5.25 33.60
N ASP A 476 -42.12 -5.85 34.69
CA ASP A 476 -41.39 -6.92 35.35
C ASP A 476 -41.19 -8.15 34.46
N ASP A 477 -42.13 -8.32 33.54
CA ASP A 477 -42.02 -9.35 32.51
C ASP A 477 -40.70 -9.30 31.76
N TYR A 478 -40.08 -8.12 31.68
CA TYR A 478 -38.78 -8.05 31.03
C TYR A 478 -37.67 -8.66 31.87
N VAL A 479 -37.62 -8.34 33.16
CA VAL A 479 -36.69 -9.00 34.10
C VAL A 479 -36.84 -10.54 34.07
N HIS A 480 -38.08 -11.02 34.10
CA HIS A 480 -38.35 -12.44 34.01
C HIS A 480 -37.82 -13.04 32.72
N GLU A 481 -38.04 -12.32 31.61
CA GLU A 481 -37.72 -12.83 30.30
C GLU A 481 -36.21 -12.83 30.06
N PHE A 482 -35.52 -11.83 30.58
CA PHE A 482 -34.08 -11.76 30.44
C PHE A 482 -33.35 -12.82 31.26
N CYS A 483 -33.92 -13.23 32.39
CA CYS A 483 -33.39 -14.37 33.14
C CYS A 483 -33.68 -15.65 32.36
N ARG A 484 -34.88 -15.75 31.82
CA ARG A 484 -35.24 -16.88 30.99
C ARG A 484 -34.13 -17.15 30.01
N TYR A 485 -33.77 -16.12 29.25
CA TYR A 485 -32.71 -16.19 28.24
C TYR A 485 -31.45 -16.94 28.70
N GLY A 486 -30.98 -16.61 29.91
CA GLY A 486 -29.80 -17.24 30.50
C GLY A 486 -28.56 -17.11 29.64
N ALA A 487 -28.34 -15.89 29.15
CA ALA A 487 -27.24 -15.56 28.23
C ALA A 487 -27.18 -16.44 26.95
N ALA A 488 -28.29 -17.09 26.59
CA ALA A 488 -28.33 -17.89 25.38
C ALA A 488 -27.99 -17.05 24.16
N GLU A 489 -27.55 -17.72 23.10
CA GLU A 489 -27.21 -17.02 21.87
C GLU A 489 -27.87 -17.73 20.72
N PRO A 490 -29.22 -17.74 20.70
CA PRO A 490 -29.92 -18.56 19.71
C PRO A 490 -29.36 -18.24 18.33
N HIS A 491 -29.14 -19.28 17.54
CA HIS A 491 -28.54 -19.10 16.23
C HIS A 491 -29.30 -18.13 15.32
N THR A 492 -30.62 -18.28 15.23
CA THR A 492 -31.37 -17.49 14.26
C THR A 492 -31.43 -16.00 14.62
N ILE A 493 -31.40 -15.69 15.92
CA ILE A 493 -31.22 -14.32 16.34
C ILE A 493 -29.84 -13.84 15.84
N ALA A 494 -28.80 -14.59 16.18
CA ALA A 494 -27.45 -14.23 15.74
C ALA A 494 -27.24 -14.23 14.22
N ALA A 495 -27.94 -15.10 13.49
CA ALA A 495 -27.91 -15.04 12.03
C ALA A 495 -28.42 -13.68 11.52
N PHE A 496 -29.56 -13.26 12.06
CA PHE A 496 -30.16 -11.96 11.73
C PHE A 496 -29.21 -10.81 11.94
N LEU A 497 -28.52 -10.80 13.07
CA LEU A 497 -27.56 -9.76 13.38
C LEU A 497 -26.41 -9.83 12.40
N GLY A 498 -25.93 -11.05 12.19
CA GLY A 498 -24.91 -11.36 11.17
C GLY A 498 -25.15 -10.72 9.81
N GLY A 499 -26.38 -10.78 9.32
CA GLY A 499 -26.71 -10.14 8.05
C GLY A 499 -26.75 -8.63 8.19
N ALA A 500 -27.51 -8.16 9.17
CA ALA A 500 -27.68 -6.74 9.41
C ALA A 500 -26.34 -6.05 9.58
N ALA A 501 -25.49 -6.64 10.41
CA ALA A 501 -24.18 -6.08 10.76
C ALA A 501 -23.22 -6.12 9.58
N ALA A 502 -23.19 -7.25 8.87
CA ALA A 502 -22.18 -7.47 7.84
C ALA A 502 -22.26 -6.38 6.79
N GLN A 503 -23.50 -5.96 6.50
CA GLN A 503 -23.75 -4.99 5.45
C GLN A 503 -23.45 -3.56 5.91
N GLU A 504 -23.53 -3.30 7.21
CA GLU A 504 -23.04 -2.02 7.73
C GLU A 504 -21.53 -1.94 7.58
N VAL A 505 -20.86 -3.07 7.77
CA VAL A 505 -19.41 -3.13 7.66
C VAL A 505 -19.01 -2.91 6.19
N ILE A 506 -19.74 -3.57 5.27
CA ILE A 506 -19.53 -3.37 3.83
C ILE A 506 -19.77 -1.91 3.45
N LYS A 507 -20.77 -1.28 4.06
CA LYS A 507 -20.97 0.16 3.93
C LYS A 507 -19.73 0.97 4.31
N ILE A 508 -19.19 0.72 5.51
CA ILE A 508 -17.99 1.44 5.95
C ILE A 508 -16.86 1.28 4.93
N ILE A 509 -16.61 0.03 4.54
CA ILE A 509 -15.51 -0.32 3.67
C ILE A 509 -15.59 0.40 2.33
N THR A 510 -16.74 0.28 1.65
CA THR A 510 -16.89 0.82 0.28
C THR A 510 -17.23 2.30 0.25
N LYS A 511 -17.52 2.86 1.42
CA LYS A 511 -17.97 4.24 1.55
C LYS A 511 -19.24 4.47 0.74
N GLN A 512 -19.82 3.39 0.20
CA GLN A 512 -21.13 3.42 -0.46
C GLN A 512 -22.28 3.14 0.51
N PHE A 513 -23.48 3.61 0.15
CA PHE A 513 -24.69 3.51 0.97
C PHE A 513 -24.59 4.31 2.29
N VAL A 514 -25.61 4.24 3.13
CA VAL A 514 -25.62 5.02 4.37
C VAL A 514 -25.67 4.13 5.61
N ILE A 515 -24.64 4.23 6.45
CA ILE A 515 -24.60 3.49 7.72
C ILE A 515 -25.71 3.92 8.67
N PHE A 516 -26.14 3.02 9.54
CA PHE A 516 -27.14 3.40 10.51
C PHE A 516 -26.51 4.37 11.50
N ASN A 517 -27.32 5.14 12.22
CA ASN A 517 -26.69 6.04 13.18
C ASN A 517 -26.93 5.66 14.60
N ASN A 518 -26.05 4.77 15.06
CA ASN A 518 -25.77 4.56 16.47
C ASN A 518 -26.13 3.19 17.05
N THR A 519 -27.42 2.92 17.21
CA THR A 519 -27.85 1.78 18.00
C THR A 519 -29.04 1.11 17.34
N TYR A 520 -28.84 -0.12 16.90
CA TYR A 520 -29.90 -0.92 16.34
C TYR A 520 -30.37 -1.89 17.42
N ILE A 521 -31.67 -2.14 17.49
CA ILE A 521 -32.21 -3.15 18.40
C ILE A 521 -33.18 -4.00 17.62
N TYR A 522 -32.89 -5.29 17.56
CA TYR A 522 -33.75 -6.25 16.92
C TYR A 522 -34.34 -7.11 18.00
N SER A 523 -35.64 -7.35 17.91
CA SER A 523 -36.35 -8.15 18.89
C SER A 523 -36.97 -9.35 18.23
N GLY A 524 -36.34 -10.52 18.39
CA GLY A 524 -36.83 -11.77 17.79
C GLY A 524 -38.23 -12.19 18.26
N MET A 525 -38.63 -11.69 19.42
CA MET A 525 -39.96 -11.93 19.99
C MET A 525 -41.07 -11.40 19.10
N SER A 526 -41.00 -10.11 18.78
CA SER A 526 -42.01 -9.43 17.97
C SER A 526 -41.62 -9.32 16.51
N GLN A 527 -40.36 -9.62 16.21
CA GLN A 527 -39.79 -9.47 14.86
C GLN A 527 -39.89 -8.02 14.46
N THR A 528 -39.55 -7.14 15.39
CA THR A 528 -39.55 -5.72 15.17
C THR A 528 -38.16 -5.20 15.49
N SER A 529 -37.78 -4.10 14.86
CA SER A 529 -36.47 -3.50 15.09
C SER A 529 -36.58 -1.97 15.17
N ALA A 530 -35.52 -1.32 15.63
CA ALA A 530 -35.54 0.11 15.78
C ALA A 530 -34.12 0.67 15.85
N THR A 531 -33.93 1.86 15.28
CA THR A 531 -32.66 2.57 15.43
C THR A 531 -32.80 3.71 16.42
N PHE A 532 -31.80 3.86 17.29
CA PHE A 532 -31.75 4.93 18.27
C PHE A 532 -30.43 5.67 18.15
N GLN A 533 -30.42 6.95 18.47
CA GLN A 533 -29.19 7.72 18.50
C GLN A 533 -28.84 7.93 19.94
N LEU A 534 -28.12 6.98 20.51
CA LEU A 534 -27.76 7.06 21.91
C LEU A 534 -26.40 7.72 22.12
N ASP B 33 -25.77 -36.93 20.26
CA ASP B 33 -25.72 -35.52 20.79
C ASP B 33 -24.76 -35.40 21.98
N TRP B 34 -23.82 -34.46 21.88
CA TRP B 34 -22.79 -34.28 22.91
C TRP B 34 -23.20 -33.30 23.99
N GLU B 35 -22.49 -33.36 25.12
CA GLU B 35 -22.73 -32.49 26.26
C GLU B 35 -22.67 -31.04 25.83
N GLY B 36 -23.75 -30.33 26.11
CA GLY B 36 -23.87 -28.90 25.82
C GLY B 36 -24.55 -28.59 24.51
N ARG B 37 -24.55 -29.54 23.58
CA ARG B 37 -24.97 -29.26 22.20
C ARG B 37 -26.14 -28.30 22.12
N TRP B 38 -27.23 -28.64 22.77
CA TRP B 38 -28.48 -27.93 22.53
C TRP B 38 -28.79 -26.88 23.57
N ASN B 39 -27.80 -26.54 24.40
CA ASN B 39 -27.99 -25.60 25.49
C ASN B 39 -28.56 -24.23 25.08
N HIS B 40 -28.39 -23.87 23.81
CA HIS B 40 -28.89 -22.61 23.29
C HIS B 40 -30.36 -22.68 22.88
N VAL B 41 -30.88 -23.89 22.69
CA VAL B 41 -32.27 -24.13 22.33
C VAL B 41 -33.10 -24.50 23.57
N LYS B 42 -32.48 -25.28 24.46
CA LYS B 42 -33.15 -25.86 25.63
C LYS B 42 -33.85 -24.84 26.53
N LYS B 43 -33.23 -23.70 26.78
CA LYS B 43 -33.81 -22.67 27.64
C LYS B 43 -35.21 -22.23 27.17
N PHE B 44 -35.47 -22.33 25.88
CA PHE B 44 -36.75 -21.86 25.33
C PHE B 44 -37.80 -22.94 25.34
N LEU B 45 -37.41 -24.15 25.70
CA LEU B 45 -38.34 -25.27 25.76
C LEU B 45 -38.56 -25.73 27.19
N GLU B 46 -37.49 -25.76 27.98
CA GLU B 46 -37.52 -26.26 29.36
C GLU B 46 -38.07 -25.23 30.35
N ARG B 47 -37.87 -23.95 30.03
CA ARG B 47 -38.26 -22.86 30.91
C ARG B 47 -39.54 -22.17 30.45
N SER B 48 -40.33 -21.71 31.42
CA SER B 48 -41.48 -20.89 31.12
C SER B 48 -41.07 -19.43 31.11
N GLY B 49 -41.99 -18.54 30.75
CA GLY B 49 -41.70 -17.12 30.62
C GLY B 49 -42.91 -16.32 30.14
N PRO B 50 -42.96 -15.03 30.50
CA PRO B 50 -44.10 -14.16 30.25
C PRO B 50 -44.56 -14.03 28.80
N PHE B 51 -43.66 -14.20 27.84
CA PHE B 51 -44.00 -13.91 26.45
C PHE B 51 -44.26 -15.15 25.56
N THR B 52 -44.58 -16.27 26.20
CA THR B 52 -44.79 -17.52 25.47
C THR B 52 -46.17 -17.56 24.86
N HIS B 53 -46.34 -18.40 23.84
CA HIS B 53 -47.67 -18.67 23.29
C HIS B 53 -48.48 -19.32 24.40
N PRO B 54 -49.76 -18.91 24.55
CA PRO B 54 -50.65 -19.49 25.58
C PRO B 54 -50.73 -21.03 25.62
N ASP B 55 -50.35 -21.71 24.54
CA ASP B 55 -50.34 -23.18 24.51
C ASP B 55 -49.05 -23.81 25.02
N PHE B 56 -48.04 -22.99 25.32
CA PHE B 56 -46.72 -23.49 25.73
C PHE B 56 -46.76 -24.28 27.03
N GLU B 57 -46.24 -25.51 26.98
CA GLU B 57 -45.95 -26.31 28.17
C GLU B 57 -44.44 -26.58 28.30
N PRO B 58 -43.80 -26.07 29.38
CA PRO B 58 -42.39 -26.36 29.57
C PRO B 58 -42.15 -27.82 29.88
N SER B 59 -41.18 -28.42 29.22
CA SER B 59 -40.84 -29.83 29.39
C SER B 59 -39.39 -30.05 29.02
N THR B 60 -38.79 -31.12 29.55
CA THR B 60 -37.45 -31.51 29.13
C THR B 60 -37.47 -32.54 27.98
N GLU B 61 -38.67 -32.84 27.47
CA GLU B 61 -38.75 -33.72 26.32
C GLU B 61 -39.44 -33.10 25.09
N SER B 62 -39.49 -31.78 25.03
CA SER B 62 -39.99 -31.07 23.84
C SER B 62 -38.95 -31.11 22.74
N LEU B 63 -37.69 -30.93 23.12
CA LEU B 63 -36.56 -30.93 22.20
C LEU B 63 -36.44 -32.26 21.46
N GLN B 64 -36.29 -33.35 22.21
CA GLN B 64 -36.17 -34.69 21.62
C GLN B 64 -37.35 -35.00 20.70
N PHE B 65 -38.54 -34.55 21.10
CA PHE B 65 -39.76 -34.70 20.33
C PHE B 65 -39.64 -33.94 18.99
N LEU B 66 -39.01 -32.76 19.04
CA LEU B 66 -38.78 -31.95 17.85
C LEU B 66 -37.78 -32.62 16.90
N LEU B 67 -36.60 -32.96 17.43
CA LEU B 67 -35.52 -33.59 16.66
C LEU B 67 -35.97 -34.88 15.99
N ASP B 68 -36.77 -35.66 16.71
CA ASP B 68 -37.20 -36.97 16.24
C ASP B 68 -38.33 -36.92 15.20
N THR B 69 -39.36 -36.12 15.46
CA THR B 69 -40.64 -36.30 14.76
C THR B 69 -41.22 -35.09 13.98
N CYS B 70 -40.66 -33.90 14.14
CA CYS B 70 -41.19 -32.75 13.41
C CYS B 70 -40.65 -32.67 11.99
N LYS B 71 -41.48 -33.04 11.03
CA LYS B 71 -41.10 -33.02 9.62
C LYS B 71 -41.24 -31.61 9.04
N VAL B 72 -40.15 -31.06 8.52
CA VAL B 72 -40.14 -29.72 7.93
C VAL B 72 -39.64 -29.76 6.48
N LEU B 73 -40.37 -29.12 5.58
CA LEU B 73 -39.95 -29.05 4.17
C LEU B 73 -39.46 -27.68 3.75
N VAL B 74 -38.21 -27.66 3.29
CA VAL B 74 -37.60 -26.43 2.80
C VAL B 74 -37.73 -26.42 1.30
N ILE B 75 -38.23 -25.33 0.73
CA ILE B 75 -38.35 -25.24 -0.73
C ILE B 75 -37.40 -24.24 -1.36
N GLY B 76 -36.46 -24.78 -2.14
CA GLY B 76 -35.41 -24.02 -2.78
C GLY B 76 -34.14 -24.23 -2.00
N ALA B 77 -33.07 -24.59 -2.71
CA ALA B 77 -31.77 -24.74 -2.09
C ALA B 77 -30.82 -23.64 -2.62
N GLY B 78 -31.39 -22.45 -2.81
CA GLY B 78 -30.61 -21.33 -3.34
C GLY B 78 -30.04 -20.46 -2.23
N GLY B 79 -29.95 -19.15 -2.52
CA GLY B 79 -29.51 -18.14 -1.55
C GLY B 79 -30.27 -18.27 -0.25
N LEU B 80 -31.57 -17.99 -0.28
CA LEU B 80 -32.42 -18.19 0.89
C LEU B 80 -32.43 -19.62 1.40
N GLY B 81 -32.45 -20.58 0.48
CA GLY B 81 -32.52 -22.02 0.79
C GLY B 81 -31.42 -22.46 1.72
N CYS B 82 -30.17 -22.31 1.27
CA CYS B 82 -28.99 -22.71 2.04
C CYS B 82 -29.05 -22.20 3.47
N GLU B 83 -29.36 -20.91 3.62
CA GLU B 83 -29.45 -20.25 4.91
C GLU B 83 -30.57 -20.83 5.81
N LEU B 84 -31.74 -21.13 5.24
CA LEU B 84 -32.81 -21.80 6.00
C LEU B 84 -32.37 -23.15 6.54
N LEU B 85 -31.73 -23.94 5.68
CA LEU B 85 -31.27 -25.27 6.01
C LEU B 85 -30.30 -25.25 7.18
N LYS B 86 -29.36 -24.30 7.14
CA LYS B 86 -28.44 -24.06 8.24
C LYS B 86 -29.23 -23.72 9.51
N ASN B 87 -30.11 -22.74 9.38
CA ASN B 87 -30.85 -22.21 10.50
C ASN B 87 -31.72 -23.25 11.21
N LEU B 88 -32.42 -24.07 10.44
CA LEU B 88 -33.23 -25.11 11.07
C LEU B 88 -32.41 -26.20 11.76
N ALA B 89 -31.34 -26.66 11.09
CA ALA B 89 -30.47 -27.70 11.63
C ALA B 89 -29.89 -27.29 12.98
N LEU B 90 -29.44 -26.04 13.08
CA LEU B 90 -28.86 -25.54 14.34
C LEU B 90 -29.92 -25.12 15.34
N SER B 91 -31.19 -25.13 14.91
CA SER B 91 -32.31 -24.78 15.75
C SER B 91 -33.03 -25.99 16.36
N GLY B 92 -32.52 -27.19 16.08
CA GLY B 92 -33.08 -28.40 16.68
C GLY B 92 -34.01 -29.17 15.78
N PHE B 93 -34.10 -28.78 14.52
CA PHE B 93 -34.80 -29.57 13.54
C PHE B 93 -33.87 -30.60 12.97
N ARG B 94 -34.41 -31.75 12.59
CA ARG B 94 -33.57 -32.82 12.13
C ARG B 94 -34.17 -33.58 10.96
N GLN B 95 -35.48 -33.69 10.94
CA GLN B 95 -36.14 -34.34 9.82
C GLN B 95 -36.51 -33.27 8.77
N ILE B 96 -35.53 -32.91 7.96
CA ILE B 96 -35.65 -31.82 7.01
C ILE B 96 -35.62 -32.33 5.58
N HIS B 97 -36.50 -31.81 4.73
CA HIS B 97 -36.48 -32.12 3.31
C HIS B 97 -36.18 -30.85 2.49
N VAL B 98 -35.57 -31.02 1.32
CA VAL B 98 -35.38 -29.92 0.38
C VAL B 98 -35.74 -30.27 -1.04
N ILE B 99 -36.42 -29.33 -1.70
CA ILE B 99 -36.70 -29.45 -3.12
C ILE B 99 -35.98 -28.31 -3.82
N ASP B 100 -35.25 -28.62 -4.88
CA ASP B 100 -34.67 -27.63 -5.79
C ASP B 100 -34.39 -28.27 -7.14
N MET B 101 -34.84 -27.61 -8.20
CA MET B 101 -34.80 -28.19 -9.54
C MET B 101 -33.56 -27.76 -10.32
N ASP B 102 -32.94 -26.67 -9.85
CA ASP B 102 -31.80 -26.07 -10.51
C ASP B 102 -30.50 -26.81 -10.23
N THR B 103 -29.48 -26.41 -10.98
CA THR B 103 -28.17 -27.01 -10.91
C THR B 103 -27.18 -25.91 -10.48
N ILE B 104 -26.00 -26.27 -9.98
CA ILE B 104 -25.07 -25.23 -9.46
C ILE B 104 -24.35 -24.41 -10.53
N ASP B 105 -24.50 -23.10 -10.41
CA ASP B 105 -23.97 -22.13 -11.36
C ASP B 105 -22.78 -21.42 -10.72
N VAL B 106 -21.91 -20.85 -11.54
CA VAL B 106 -20.76 -20.13 -11.00
C VAL B 106 -21.19 -18.88 -10.21
N SER B 107 -22.34 -18.30 -10.55
CA SER B 107 -22.75 -17.02 -9.97
C SER B 107 -23.47 -17.19 -8.64
N ASN B 108 -23.87 -18.44 -8.35
CA ASN B 108 -24.41 -18.82 -7.05
C ASN B 108 -23.41 -18.60 -5.93
N LEU B 109 -22.13 -18.65 -6.27
CA LEU B 109 -21.07 -18.78 -5.28
C LEU B 109 -20.84 -17.58 -4.34
N ASN B 110 -21.40 -16.42 -4.65
CA ASN B 110 -21.19 -15.25 -3.81
C ASN B 110 -22.07 -15.25 -2.58
N ARG B 111 -22.99 -16.22 -2.49
CA ARG B 111 -23.91 -16.31 -1.34
C ARG B 111 -24.36 -17.73 -1.00
N GLN B 112 -24.53 -18.58 -2.00
CA GLN B 112 -25.01 -19.94 -1.78
C GLN B 112 -23.89 -20.82 -1.20
N PHE B 113 -23.62 -20.57 0.08
CA PHE B 113 -22.42 -21.01 0.76
C PHE B 113 -22.23 -22.50 0.94
N LEU B 114 -23.25 -23.30 0.65
CA LEU B 114 -23.13 -24.75 0.79
C LEU B 114 -22.45 -25.37 -0.43
N PHE B 115 -22.17 -24.54 -1.44
CA PHE B 115 -21.57 -25.01 -2.68
C PHE B 115 -20.19 -24.43 -2.87
N ARG B 116 -19.22 -25.31 -3.14
CA ARG B 116 -17.87 -24.89 -3.50
C ARG B 116 -17.73 -25.01 -5.02
N PRO B 117 -16.76 -24.28 -5.64
CA PRO B 117 -16.70 -24.20 -7.11
C PRO B 117 -16.50 -25.55 -7.81
N LYS B 118 -15.97 -26.55 -7.10
CA LYS B 118 -15.85 -27.89 -7.67
C LYS B 118 -17.18 -28.62 -7.73
N ASP B 119 -18.26 -27.92 -7.40
CA ASP B 119 -19.60 -28.50 -7.38
C ASP B 119 -20.43 -28.05 -8.58
N ILE B 120 -19.91 -27.07 -9.33
CA ILE B 120 -20.57 -26.53 -10.51
C ILE B 120 -21.07 -27.62 -11.47
N GLY B 121 -22.36 -27.54 -11.81
CA GLY B 121 -23.01 -28.52 -12.67
C GLY B 121 -23.70 -29.65 -11.91
N ARG B 122 -23.61 -29.60 -10.58
CA ARG B 122 -24.28 -30.59 -9.70
C ARG B 122 -25.64 -30.05 -9.20
N PRO B 123 -26.54 -30.97 -8.80
CA PRO B 123 -27.84 -30.53 -8.29
C PRO B 123 -27.78 -29.95 -6.88
N LYS B 124 -28.22 -28.69 -6.73
CA LYS B 124 -28.23 -27.97 -5.45
C LYS B 124 -28.72 -28.81 -4.26
N ALA B 125 -29.94 -29.33 -4.32
CA ALA B 125 -30.47 -30.17 -3.26
C ALA B 125 -29.46 -31.22 -2.80
N GLU B 126 -28.92 -31.98 -3.77
CA GLU B 126 -27.89 -33.01 -3.52
C GLU B 126 -26.71 -32.45 -2.69
N VAL B 127 -26.09 -31.39 -3.20
CA VAL B 127 -24.92 -30.81 -2.56
C VAL B 127 -25.29 -30.22 -1.21
N ALA B 128 -26.44 -29.54 -1.15
CA ALA B 128 -26.86 -28.85 0.06
C ALA B 128 -27.10 -29.83 1.21
N ALA B 129 -27.71 -30.97 0.91
CA ALA B 129 -27.95 -31.97 1.95
C ALA B 129 -26.66 -32.72 2.30
N GLU B 130 -25.73 -32.74 1.35
CA GLU B 130 -24.48 -33.47 1.50
C GLU B 130 -23.60 -32.69 2.47
N PHE B 131 -23.49 -31.40 2.23
CA PHE B 131 -22.79 -30.46 3.11
C PHE B 131 -23.39 -30.48 4.50
N LEU B 132 -24.69 -30.24 4.61
CA LEU B 132 -25.34 -30.13 5.90
C LEU B 132 -25.17 -31.37 6.77
N ASN B 133 -25.40 -32.53 6.17
CA ASN B 133 -25.37 -33.78 6.89
C ASN B 133 -23.99 -34.15 7.42
N ASP B 134 -22.96 -33.62 6.79
CA ASP B 134 -21.59 -33.73 7.30
C ASP B 134 -21.22 -32.67 8.34
N ARG B 135 -21.64 -31.41 8.10
CA ARG B 135 -21.30 -30.32 9.01
C ARG B 135 -22.11 -30.33 10.31
N VAL B 136 -23.39 -30.70 10.21
CA VAL B 136 -24.24 -30.81 11.39
C VAL B 136 -24.55 -32.28 11.65
N PRO B 137 -23.83 -32.88 12.61
CA PRO B 137 -23.97 -34.29 13.01
C PRO B 137 -25.42 -34.75 13.22
N ASN B 138 -25.70 -35.98 12.75
CA ASN B 138 -26.98 -36.65 12.93
C ASN B 138 -28.13 -36.00 12.15
N CYS B 139 -27.81 -34.97 11.37
CA CYS B 139 -28.85 -34.28 10.62
C CYS B 139 -29.35 -35.15 9.47
N ASN B 140 -30.65 -35.14 9.25
CA ASN B 140 -31.26 -36.00 8.26
C ASN B 140 -31.87 -35.17 7.14
N VAL B 141 -31.06 -34.32 6.50
CA VAL B 141 -31.55 -33.55 5.37
C VAL B 141 -31.70 -34.49 4.17
N VAL B 142 -32.92 -34.52 3.62
CA VAL B 142 -33.27 -35.40 2.50
C VAL B 142 -33.47 -34.57 1.22
N PRO B 143 -32.59 -34.78 0.23
CA PRO B 143 -32.65 -34.01 -1.01
C PRO B 143 -33.65 -34.57 -2.03
N HIS B 144 -34.43 -33.67 -2.62
CA HIS B 144 -35.31 -33.99 -3.75
C HIS B 144 -34.91 -33.16 -4.98
N PHE B 145 -34.17 -33.78 -5.90
CA PHE B 145 -33.80 -33.12 -7.16
C PHE B 145 -35.02 -33.18 -8.09
N ASN B 146 -35.87 -32.17 -7.97
CA ASN B 146 -37.23 -32.20 -8.49
C ASN B 146 -37.82 -30.81 -8.63
N LYS B 147 -38.73 -30.65 -9.59
CA LYS B 147 -39.61 -29.48 -9.66
C LYS B 147 -40.67 -29.64 -8.58
N ILE B 148 -41.17 -28.52 -8.02
CA ILE B 148 -42.26 -28.64 -7.04
C ILE B 148 -43.51 -29.21 -7.68
N GLN B 149 -43.71 -28.91 -8.96
CA GLN B 149 -44.81 -29.46 -9.72
C GLN B 149 -44.81 -31.00 -9.72
N ASP B 150 -43.62 -31.60 -9.80
CA ASP B 150 -43.46 -33.05 -9.82
C ASP B 150 -44.27 -33.76 -8.74
N PHE B 151 -44.42 -33.11 -7.59
CA PHE B 151 -45.16 -33.70 -6.47
C PHE B 151 -46.64 -33.33 -6.48
N ASN B 152 -47.47 -34.21 -5.94
CA ASN B 152 -48.87 -33.88 -5.79
C ASN B 152 -49.20 -33.74 -4.31
N ASP B 153 -50.48 -33.74 -3.96
CA ASP B 153 -50.88 -33.37 -2.60
C ASP B 153 -50.50 -34.39 -1.52
N THR B 154 -50.65 -35.68 -1.86
CA THR B 154 -50.20 -36.81 -1.04
C THR B 154 -48.87 -36.51 -0.36
N PHE B 155 -47.95 -35.96 -1.15
CA PHE B 155 -46.59 -35.66 -0.72
C PHE B 155 -46.59 -34.53 0.29
N TYR B 156 -47.05 -33.35 -0.13
CA TYR B 156 -47.02 -32.17 0.73
C TYR B 156 -47.82 -32.32 2.03
N ARG B 157 -48.86 -33.15 2.00
CA ARG B 157 -49.68 -33.40 3.18
C ARG B 157 -48.88 -33.85 4.40
N GLN B 158 -47.77 -34.55 4.17
CA GLN B 158 -47.01 -35.16 5.26
C GLN B 158 -46.21 -34.21 6.17
N PHE B 159 -45.96 -32.99 5.74
CA PHE B 159 -45.10 -32.08 6.51
C PHE B 159 -45.86 -31.21 7.49
N HIS B 160 -45.21 -30.86 8.61
CA HIS B 160 -45.81 -30.03 9.64
C HIS B 160 -45.71 -28.55 9.34
N ILE B 161 -44.57 -28.15 8.75
CA ILE B 161 -44.34 -26.78 8.27
C ILE B 161 -43.58 -26.81 6.95
N ILE B 162 -43.93 -25.88 6.05
CA ILE B 162 -43.20 -25.73 4.80
C ILE B 162 -42.64 -24.31 4.70
N VAL B 163 -41.31 -24.22 4.65
CA VAL B 163 -40.63 -22.94 4.40
C VAL B 163 -40.07 -22.96 3.01
N CYS B 164 -40.26 -21.86 2.29
CA CYS B 164 -39.72 -21.76 0.95
C CYS B 164 -38.98 -20.47 0.69
N GLY B 165 -37.81 -20.61 0.06
CA GLY B 165 -37.05 -19.50 -0.44
C GLY B 165 -37.08 -19.64 -1.94
N LEU B 166 -38.17 -19.18 -2.55
CA LEU B 166 -38.36 -19.35 -3.98
C LEU B 166 -37.84 -18.21 -4.84
N ASP B 167 -37.85 -18.50 -6.13
CA ASP B 167 -37.20 -17.78 -7.21
C ASP B 167 -38.04 -16.59 -7.68
N SER B 168 -39.33 -16.85 -7.91
CA SER B 168 -40.23 -15.99 -8.66
C SER B 168 -41.61 -15.90 -7.99
N ILE B 169 -42.55 -15.19 -8.62
CA ILE B 169 -43.92 -15.15 -8.10
C ILE B 169 -44.69 -16.44 -8.44
N ILE B 170 -44.75 -16.76 -9.74
CA ILE B 170 -45.55 -17.89 -10.20
C ILE B 170 -45.42 -19.15 -9.32
N ALA B 171 -44.21 -19.47 -8.87
CA ALA B 171 -43.98 -20.66 -8.05
C ALA B 171 -44.48 -20.50 -6.61
N ARG B 172 -44.40 -19.28 -6.07
CA ARG B 172 -45.01 -18.96 -4.79
C ARG B 172 -46.53 -19.11 -4.87
N ARG B 173 -47.08 -18.72 -6.02
CA ARG B 173 -48.50 -18.90 -6.29
C ARG B 173 -48.88 -20.38 -6.32
N TRP B 174 -48.03 -21.20 -6.93
CA TRP B 174 -48.29 -22.63 -7.00
C TRP B 174 -48.35 -23.27 -5.61
N ILE B 175 -47.28 -23.12 -4.83
CA ILE B 175 -47.22 -23.73 -3.50
C ILE B 175 -48.34 -23.24 -2.57
N ASN B 176 -48.68 -21.96 -2.69
CA ASN B 176 -49.83 -21.39 -2.01
C ASN B 176 -51.10 -22.18 -2.26
N GLY B 177 -51.35 -22.44 -3.55
CA GLY B 177 -52.52 -23.20 -3.99
C GLY B 177 -52.51 -24.64 -3.50
N MET B 178 -51.34 -25.27 -3.55
CA MET B 178 -51.22 -26.66 -3.15
C MET B 178 -51.60 -26.83 -1.68
N LEU B 179 -51.17 -25.91 -0.84
CA LEU B 179 -51.42 -26.03 0.60
C LEU B 179 -52.87 -25.72 0.98
N ILE B 180 -53.49 -24.85 0.18
CA ILE B 180 -54.92 -24.50 0.34
C ILE B 180 -55.79 -25.67 -0.11
N SER B 181 -55.31 -26.44 -1.09
CA SER B 181 -56.07 -27.57 -1.61
C SER B 181 -56.07 -28.74 -0.63
N LEU B 182 -55.08 -28.75 0.26
CA LEU B 182 -55.00 -29.75 1.34
C LEU B 182 -56.06 -29.54 2.39
N LEU B 183 -56.52 -28.31 2.54
CA LEU B 183 -57.55 -27.96 3.52
C LEU B 183 -58.81 -28.81 3.36
N ASN B 184 -59.30 -29.33 4.48
CA ASN B 184 -60.57 -30.04 4.51
C ASN B 184 -61.65 -29.26 5.23
N TYR B 185 -62.60 -28.74 4.46
CA TYR B 185 -63.81 -28.12 4.97
C TYR B 185 -64.94 -29.15 5.05
N GLU B 186 -65.34 -29.52 6.27
CA GLU B 186 -66.49 -30.42 6.47
C GLU B 186 -67.79 -29.63 6.57
N ASP B 187 -68.45 -29.49 5.42
CA ASP B 187 -69.74 -28.79 5.30
C ASP B 187 -69.66 -27.34 5.81
N GLY B 188 -68.83 -26.54 5.13
CA GLY B 188 -68.69 -25.13 5.46
C GLY B 188 -67.61 -24.74 6.45
N VAL B 189 -67.36 -25.60 7.45
CA VAL B 189 -66.37 -25.30 8.52
C VAL B 189 -65.03 -26.07 8.37
N LEU B 190 -63.94 -25.46 8.83
CA LEU B 190 -62.56 -25.90 8.52
C LEU B 190 -61.88 -26.73 9.61
N ASP B 191 -61.40 -27.93 9.22
CA ASP B 191 -60.60 -28.78 10.11
C ASP B 191 -59.19 -28.18 10.29
N PRO B 192 -58.91 -27.59 11.47
CA PRO B 192 -57.66 -26.89 11.71
C PRO B 192 -56.42 -27.78 11.53
N SER B 193 -56.52 -29.05 11.93
CA SER B 193 -55.44 -30.01 11.74
C SER B 193 -55.03 -30.22 10.27
N SER B 194 -55.84 -29.73 9.33
CA SER B 194 -55.52 -29.85 7.91
C SER B 194 -54.79 -28.61 7.37
N ILE B 195 -54.43 -27.70 8.26
CA ILE B 195 -53.67 -26.50 7.90
C ILE B 195 -52.17 -26.82 7.96
N VAL B 196 -51.44 -26.43 6.92
CA VAL B 196 -49.98 -26.59 6.91
C VAL B 196 -49.33 -25.21 6.82
N PRO B 197 -48.86 -24.65 7.96
CA PRO B 197 -48.24 -23.32 7.95
C PRO B 197 -47.21 -23.19 6.84
N LEU B 198 -47.25 -22.07 6.12
CA LEU B 198 -46.31 -21.76 5.05
C LEU B 198 -45.54 -20.50 5.40
N ILE B 199 -44.21 -20.59 5.41
CA ILE B 199 -43.41 -19.39 5.61
C ILE B 199 -42.69 -19.05 4.32
N ASP B 200 -42.90 -17.83 3.84
CA ASP B 200 -42.33 -17.40 2.58
C ASP B 200 -41.40 -16.22 2.79
N GLY B 201 -40.15 -16.42 2.38
CA GLY B 201 -39.19 -15.34 2.29
C GLY B 201 -38.99 -14.97 0.84
N GLY B 202 -38.66 -13.70 0.62
CA GLY B 202 -38.30 -13.18 -0.69
C GLY B 202 -37.29 -12.07 -0.47
N THR B 203 -36.47 -11.81 -1.47
CA THR B 203 -35.31 -10.91 -1.34
C THR B 203 -34.93 -10.28 -2.67
N GLU B 204 -34.46 -9.05 -2.63
CA GLU B 204 -34.15 -8.30 -3.85
C GLU B 204 -33.26 -7.11 -3.51
N GLY B 205 -31.98 -7.23 -3.84
CA GLY B 205 -30.99 -6.23 -3.50
C GLY B 205 -30.77 -6.15 -2.00
N PHE B 206 -31.02 -4.98 -1.46
CA PHE B 206 -30.93 -4.78 -0.03
C PHE B 206 -32.32 -4.65 0.57
N LYS B 207 -33.34 -5.01 -0.21
CA LYS B 207 -34.71 -5.08 0.30
C LYS B 207 -35.11 -6.54 0.41
N GLY B 208 -35.89 -6.86 1.44
CA GLY B 208 -36.34 -8.22 1.66
C GLY B 208 -37.63 -8.30 2.45
N ASN B 209 -38.33 -9.44 2.34
CA ASN B 209 -39.56 -9.66 3.10
C ASN B 209 -39.76 -11.10 3.58
N ALA B 210 -40.55 -11.25 4.64
CA ALA B 210 -40.89 -12.57 5.17
C ALA B 210 -42.35 -12.64 5.61
N ARG B 211 -42.97 -13.79 5.35
CA ARG B 211 -44.39 -14.01 5.60
C ARG B 211 -44.66 -15.28 6.39
N VAL B 212 -45.60 -15.20 7.32
CA VAL B 212 -46.23 -16.38 7.90
C VAL B 212 -47.68 -16.50 7.40
N ILE B 213 -47.92 -17.52 6.58
CA ILE B 213 -49.26 -17.80 6.05
C ILE B 213 -49.89 -19.05 6.69
N LEU B 214 -51.15 -18.93 7.08
CA LEU B 214 -51.92 -20.05 7.60
C LEU B 214 -53.08 -20.25 6.64
N PRO B 215 -52.94 -21.19 5.69
CA PRO B 215 -53.96 -21.33 4.65
C PRO B 215 -55.34 -21.46 5.26
N GLY B 216 -56.28 -20.65 4.76
CA GLY B 216 -57.66 -20.64 5.26
C GLY B 216 -57.86 -19.93 6.60
N MET B 217 -56.87 -19.18 7.05
CA MET B 217 -56.98 -18.47 8.32
C MET B 217 -56.45 -17.05 8.20
N THR B 218 -55.26 -16.93 7.63
CA THR B 218 -54.64 -15.61 7.41
C THR B 218 -54.37 -15.36 5.94
N ALA B 219 -53.96 -14.14 5.61
CA ALA B 219 -53.74 -13.73 4.22
C ALA B 219 -52.75 -14.64 3.54
N CYS B 220 -53.12 -15.12 2.36
CA CYS B 220 -52.25 -16.01 1.60
C CYS B 220 -51.46 -15.23 0.53
N ILE B 221 -50.62 -15.94 -0.21
CA ILE B 221 -49.80 -15.34 -1.27
C ILE B 221 -50.67 -14.47 -2.19
N GLU B 222 -51.80 -15.02 -2.64
CA GLU B 222 -52.69 -14.36 -3.60
C GLU B 222 -53.50 -13.19 -3.02
N CYS B 223 -53.85 -13.28 -1.75
CA CYS B 223 -54.44 -12.16 -1.01
C CYS B 223 -53.59 -10.89 -1.14
N THR B 224 -52.27 -11.05 -1.05
CA THR B 224 -51.33 -9.93 -1.14
C THR B 224 -50.57 -9.91 -2.47
N LEU B 225 -51.18 -10.42 -3.54
CA LEU B 225 -50.48 -10.56 -4.83
C LEU B 225 -50.05 -9.23 -5.43
N GLU B 226 -50.86 -8.19 -5.24
CA GLU B 226 -50.57 -6.89 -5.82
C GLU B 226 -49.43 -6.15 -5.13
N LEU B 227 -48.83 -6.78 -4.13
CA LEU B 227 -47.75 -6.18 -3.35
C LEU B 227 -46.42 -6.21 -4.06
N TYR B 228 -46.25 -7.18 -4.96
CA TYR B 228 -45.09 -7.25 -5.84
C TYR B 228 -45.02 -6.01 -6.73
N PRO B 229 -43.81 -5.48 -6.96
CA PRO B 229 -43.66 -4.30 -7.81
C PRO B 229 -44.05 -4.61 -9.26
N PRO B 230 -44.19 -3.57 -10.10
CA PRO B 230 -44.53 -3.85 -11.51
C PRO B 230 -43.39 -4.59 -12.20
N GLN B 231 -43.72 -5.67 -12.92
CA GLN B 231 -42.71 -6.47 -13.61
C GLN B 231 -42.32 -5.81 -14.94
N VAL B 232 -41.75 -4.59 -14.82
CA VAL B 232 -41.52 -3.69 -15.96
C VAL B 232 -41.20 -4.39 -17.29
N ASN B 233 -42.11 -4.20 -18.25
CA ASN B 233 -41.89 -4.68 -19.61
C ASN B 233 -42.24 -3.56 -20.60
N PHE B 234 -41.52 -3.55 -21.71
CA PHE B 234 -41.52 -2.43 -22.64
C PHE B 234 -42.58 -2.56 -23.73
N PRO B 235 -43.12 -1.43 -24.20
CA PRO B 235 -44.07 -1.43 -25.33
C PRO B 235 -43.41 -2.02 -26.56
N MET B 236 -44.03 -3.06 -27.13
CA MET B 236 -43.48 -3.75 -28.31
C MET B 236 -43.14 -2.80 -29.46
N CYS B 237 -43.81 -1.65 -29.53
CA CYS B 237 -43.51 -0.61 -30.52
C CYS B 237 -42.17 0.10 -30.28
N THR B 238 -41.82 0.33 -29.01
CA THR B 238 -40.55 0.97 -28.62
C THR B 238 -39.38 0.04 -28.94
N ILE B 239 -39.54 -1.23 -28.58
CA ILE B 239 -38.62 -2.29 -28.96
C ILE B 239 -38.55 -2.40 -30.49
N ALA B 240 -39.72 -2.39 -31.14
CA ALA B 240 -39.81 -2.59 -32.60
C ALA B 240 -38.96 -1.60 -33.41
N SER B 241 -39.01 -0.32 -33.02
CA SER B 241 -38.21 0.73 -33.65
C SER B 241 -38.39 2.13 -33.03
N MET B 242 -38.29 2.22 -31.70
CA MET B 242 -38.16 3.53 -31.04
C MET B 242 -37.32 3.53 -29.75
N PRO B 243 -36.16 2.84 -29.75
CA PRO B 243 -35.34 2.74 -28.55
C PRO B 243 -34.80 4.09 -28.07
N ARG B 244 -34.80 4.27 -26.75
CA ARG B 244 -34.24 5.46 -26.12
C ARG B 244 -33.25 5.07 -25.02
N LEU B 245 -33.31 3.80 -24.61
CA LEU B 245 -32.46 3.24 -23.56
C LEU B 245 -31.73 1.99 -24.06
N PRO B 246 -30.51 1.73 -23.55
CA PRO B 246 -29.73 0.56 -23.98
C PRO B 246 -30.45 -0.76 -23.77
N GLU B 247 -31.24 -0.86 -22.71
CA GLU B 247 -32.05 -2.06 -22.43
C GLU B 247 -32.98 -2.44 -23.59
N HIS B 248 -33.57 -1.42 -24.24
CA HIS B 248 -34.47 -1.58 -25.38
C HIS B 248 -33.79 -2.27 -26.57
N CYS B 249 -32.51 -1.95 -26.78
CA CYS B 249 -31.70 -2.54 -27.85
C CYS B 249 -31.49 -4.04 -27.62
N ILE B 250 -31.23 -4.41 -26.37
CA ILE B 250 -30.95 -5.80 -26.02
C ILE B 250 -32.24 -6.60 -26.11
N GLU B 251 -33.34 -5.93 -25.74
CA GLU B 251 -34.67 -6.51 -25.85
C GLU B 251 -35.06 -6.70 -27.32
N TYR B 252 -34.76 -5.70 -28.15
CA TYR B 252 -34.93 -5.83 -29.60
C TYR B 252 -34.28 -7.13 -30.08
N VAL B 253 -33.02 -7.33 -29.72
CA VAL B 253 -32.27 -8.51 -30.13
C VAL B 253 -32.87 -9.78 -29.52
N ARG B 254 -33.36 -9.67 -28.29
CA ARG B 254 -33.92 -10.81 -27.57
C ARG B 254 -35.14 -11.41 -28.28
N MET B 255 -36.26 -10.68 -28.30
CA MET B 255 -37.52 -11.21 -28.82
C MET B 255 -37.75 -11.02 -30.31
N LEU B 256 -37.03 -10.08 -30.92
CA LEU B 256 -37.23 -9.78 -32.34
C LEU B 256 -36.12 -10.32 -33.25
N GLN B 257 -34.88 -9.88 -33.04
CA GLN B 257 -33.77 -10.21 -33.95
C GLN B 257 -33.25 -11.65 -33.83
N TRP B 258 -33.45 -12.27 -32.68
CA TRP B 258 -33.09 -13.68 -32.51
C TRP B 258 -34.01 -14.62 -33.32
N PRO B 259 -35.34 -14.44 -33.21
CA PRO B 259 -36.24 -15.24 -34.03
C PRO B 259 -36.06 -14.99 -35.53
N LYS B 260 -35.86 -13.71 -35.90
CA LYS B 260 -35.69 -13.31 -37.29
C LYS B 260 -34.49 -13.98 -38.00
N GLU B 261 -33.35 -13.98 -37.32
CA GLU B 261 -32.09 -14.46 -37.92
C GLU B 261 -31.68 -15.89 -37.53
N GLN B 262 -32.35 -16.46 -36.53
CA GLN B 262 -32.05 -17.82 -36.03
C GLN B 262 -30.55 -18.19 -36.12
N PRO B 263 -29.68 -17.44 -35.41
CA PRO B 263 -28.24 -17.47 -35.69
C PRO B 263 -27.48 -18.70 -35.22
N PHE B 264 -28.00 -19.42 -34.23
CA PHE B 264 -27.31 -20.60 -33.73
C PHE B 264 -27.97 -21.91 -34.18
N GLY B 265 -28.51 -21.87 -35.40
CA GLY B 265 -29.26 -22.98 -35.95
C GLY B 265 -30.75 -22.73 -35.78
N GLU B 266 -31.52 -23.00 -36.84
CA GLU B 266 -32.97 -22.81 -36.79
C GLU B 266 -33.60 -23.87 -35.89
N GLY B 267 -34.47 -23.41 -34.98
CA GLY B 267 -35.10 -24.30 -34.00
C GLY B 267 -34.28 -24.51 -32.74
N VAL B 268 -33.28 -23.65 -32.53
CA VAL B 268 -32.49 -23.65 -31.30
C VAL B 268 -32.89 -22.44 -30.46
N PRO B 269 -33.47 -22.68 -29.26
CA PRO B 269 -33.92 -21.58 -28.41
C PRO B 269 -32.74 -20.81 -27.82
N LEU B 270 -32.96 -19.53 -27.52
CA LEU B 270 -31.99 -18.74 -26.81
C LEU B 270 -31.78 -19.32 -25.40
N ASP B 271 -30.54 -19.75 -25.14
CA ASP B 271 -30.15 -20.20 -23.80
C ASP B 271 -29.45 -19.07 -23.07
N GLY B 272 -30.06 -18.58 -22.00
CA GLY B 272 -29.53 -17.45 -21.22
C GLY B 272 -28.27 -17.78 -20.45
N ASP B 273 -28.00 -19.07 -20.26
CA ASP B 273 -26.80 -19.49 -19.54
C ASP B 273 -25.56 -19.51 -20.43
N ASP B 274 -25.74 -19.89 -21.70
CA ASP B 274 -24.65 -20.12 -22.64
C ASP B 274 -23.89 -18.84 -23.04
N PRO B 275 -22.56 -18.81 -22.77
CA PRO B 275 -21.71 -17.62 -22.99
C PRO B 275 -21.55 -17.20 -24.46
N GLU B 276 -21.83 -18.10 -25.40
CA GLU B 276 -21.76 -17.78 -26.82
C GLU B 276 -22.99 -17.01 -27.24
N HIS B 277 -24.17 -17.51 -26.83
CA HIS B 277 -25.45 -16.87 -27.09
C HIS B 277 -25.42 -15.44 -26.60
N ILE B 278 -25.04 -15.26 -25.34
CA ILE B 278 -24.97 -13.94 -24.72
C ILE B 278 -24.01 -13.02 -25.49
N GLN B 279 -22.87 -13.58 -25.89
CA GLN B 279 -21.90 -12.85 -26.71
C GLN B 279 -22.57 -12.32 -27.99
N TRP B 280 -23.30 -13.20 -28.68
CA TRP B 280 -23.97 -12.82 -29.93
C TRP B 280 -24.93 -11.64 -29.76
N ILE B 281 -25.82 -11.74 -28.77
CA ILE B 281 -26.75 -10.65 -28.47
C ILE B 281 -25.97 -9.37 -28.17
N PHE B 282 -24.92 -9.49 -27.35
CA PHE B 282 -24.13 -8.32 -26.94
C PHE B 282 -23.59 -7.49 -28.11
N GLN B 283 -22.88 -8.13 -29.04
CA GLN B 283 -22.39 -7.45 -30.25
C GLN B 283 -23.56 -6.86 -31.05
N LYS B 284 -24.58 -7.68 -31.28
CA LYS B 284 -25.77 -7.30 -32.04
C LYS B 284 -26.57 -6.15 -31.42
N SER B 285 -26.28 -5.84 -30.15
CA SER B 285 -26.91 -4.74 -29.44
C SER B 285 -26.07 -3.47 -29.50
N LEU B 286 -24.76 -3.64 -29.63
CA LEU B 286 -23.85 -2.52 -29.82
C LEU B 286 -24.01 -1.93 -31.21
N GLU B 287 -24.34 -2.78 -32.18
CA GLU B 287 -24.71 -2.34 -33.53
C GLU B 287 -25.93 -1.46 -33.47
N ARG B 288 -27.03 -2.04 -33.01
CA ARG B 288 -28.31 -1.35 -32.92
C ARG B 288 -28.21 -0.08 -32.09
N ALA B 289 -27.44 -0.12 -31.02
CA ALA B 289 -27.29 1.04 -30.13
C ALA B 289 -26.51 2.18 -30.81
N SER B 290 -25.37 1.83 -31.42
CA SER B 290 -24.50 2.78 -32.10
C SER B 290 -25.23 3.48 -33.24
N GLN B 291 -26.14 2.76 -33.88
CA GLN B 291 -27.01 3.32 -34.90
C GLN B 291 -27.86 4.46 -34.36
N TYR B 292 -28.62 4.17 -33.30
CA TYR B 292 -29.51 5.16 -32.71
C TYR B 292 -28.81 6.06 -31.67
N ASN B 293 -27.48 6.01 -31.65
CA ASN B 293 -26.65 6.86 -30.77
C ASN B 293 -26.84 6.60 -29.28
N ILE B 294 -26.84 5.31 -28.90
CA ILE B 294 -27.09 4.92 -27.50
C ILE B 294 -25.89 4.28 -26.79
N ARG B 295 -25.27 5.08 -25.90
CA ARG B 295 -24.25 4.59 -24.99
C ARG B 295 -24.91 3.82 -23.84
N GLY B 296 -24.31 2.70 -23.46
CA GLY B 296 -24.76 1.99 -22.28
C GLY B 296 -24.88 0.49 -22.42
N VAL B 297 -24.62 -0.06 -23.60
CA VAL B 297 -24.70 -1.52 -23.78
C VAL B 297 -23.42 -2.21 -23.32
N THR B 298 -23.50 -2.85 -22.15
CA THR B 298 -22.38 -3.59 -21.59
C THR B 298 -22.69 -5.10 -21.58
N TYR B 299 -21.69 -5.94 -21.34
CA TYR B 299 -21.92 -7.38 -21.24
C TYR B 299 -22.77 -7.70 -20.01
N ARG B 300 -22.63 -6.87 -18.99
CA ARG B 300 -23.34 -7.06 -17.74
C ARG B 300 -24.82 -6.69 -17.88
N LEU B 301 -25.10 -5.58 -18.55
CA LEU B 301 -26.48 -5.15 -18.79
C LEU B 301 -27.19 -6.15 -19.69
N THR B 302 -26.49 -6.64 -20.70
CA THR B 302 -27.03 -7.67 -21.60
C THR B 302 -27.45 -8.90 -20.82
N GLN B 303 -26.54 -9.42 -19.99
CA GLN B 303 -26.80 -10.61 -19.21
C GLN B 303 -27.97 -10.39 -18.24
N GLY B 304 -28.03 -9.19 -17.66
CA GLY B 304 -29.16 -8.77 -16.83
C GLY B 304 -30.45 -8.81 -17.61
N VAL B 305 -30.60 -7.89 -18.57
CA VAL B 305 -31.82 -7.75 -19.37
C VAL B 305 -32.38 -9.07 -19.87
N VAL B 306 -31.51 -9.94 -20.37
CA VAL B 306 -31.91 -11.25 -20.89
C VAL B 306 -32.48 -12.16 -19.80
N LYS B 307 -31.69 -12.39 -18.76
CA LYS B 307 -32.05 -13.34 -17.70
C LYS B 307 -33.02 -12.72 -16.69
N ARG B 308 -33.30 -11.42 -16.85
CA ARG B 308 -34.00 -10.60 -15.85
C ARG B 308 -33.38 -10.85 -14.47
N ILE B 309 -32.13 -10.43 -14.32
CA ILE B 309 -31.34 -10.82 -13.16
C ILE B 309 -31.62 -9.96 -11.94
N ILE B 310 -31.95 -10.62 -10.82
CA ILE B 310 -32.07 -9.96 -9.52
C ILE B 310 -30.69 -9.79 -8.88
N PRO B 311 -30.33 -8.54 -8.53
CA PRO B 311 -29.12 -8.27 -7.75
C PRO B 311 -29.18 -8.91 -6.35
N ALA B 312 -28.19 -9.73 -6.00
CA ALA B 312 -28.22 -10.51 -4.74
C ALA B 312 -26.91 -10.55 -3.95
N VAL B 313 -26.99 -10.26 -2.64
CA VAL B 313 -25.87 -10.45 -1.71
C VAL B 313 -26.23 -11.43 -0.59
N ALA B 314 -25.25 -11.88 0.16
CA ALA B 314 -25.48 -12.84 1.23
C ALA B 314 -26.17 -12.22 2.45
N SER B 315 -25.79 -10.98 2.78
CA SER B 315 -26.28 -10.33 4.00
C SER B 315 -27.80 -10.23 4.03
N THR B 316 -28.40 -9.68 2.97
CA THR B 316 -29.86 -9.54 2.92
C THR B 316 -30.54 -10.91 3.04
N ASN B 317 -30.05 -11.89 2.28
CA ASN B 317 -30.58 -13.25 2.33
C ASN B 317 -30.56 -13.83 3.73
N ALA B 318 -29.41 -13.71 4.40
CA ALA B 318 -29.25 -14.13 5.78
C ALA B 318 -30.35 -13.55 6.67
N VAL B 319 -30.50 -12.24 6.66
CA VAL B 319 -31.53 -11.53 7.43
C VAL B 319 -32.90 -12.17 7.29
N ILE B 320 -33.35 -12.33 6.05
CA ILE B 320 -34.67 -12.91 5.75
C ILE B 320 -34.79 -14.37 6.17
N ALA B 321 -33.81 -15.18 5.81
CA ALA B 321 -33.86 -16.60 6.11
C ALA B 321 -33.90 -16.85 7.61
N ALA B 322 -33.29 -15.93 8.37
CA ALA B 322 -33.26 -16.01 9.83
C ALA B 322 -34.65 -15.81 10.40
N VAL B 323 -35.30 -14.71 9.99
CA VAL B 323 -36.68 -14.44 10.37
C VAL B 323 -37.57 -15.66 10.13
N CYS B 324 -37.62 -16.14 8.91
CA CYS B 324 -38.36 -17.37 8.59
C CYS B 324 -38.05 -18.51 9.56
N ALA B 325 -36.78 -18.80 9.74
CA ALA B 325 -36.35 -19.87 10.64
C ALA B 325 -36.91 -19.64 12.04
N THR B 326 -36.60 -18.49 12.63
CA THR B 326 -37.17 -18.11 13.93
C THR B 326 -38.67 -18.45 13.98
N GLU B 327 -39.41 -18.13 12.93
CA GLU B 327 -40.85 -18.35 12.94
C GLU B 327 -41.24 -19.83 12.86
N VAL B 328 -40.49 -20.62 12.09
CA VAL B 328 -40.71 -22.07 12.00
C VAL B 328 -40.55 -22.68 13.39
N PHE B 329 -39.46 -22.30 14.05
CA PHE B 329 -39.18 -22.71 15.40
C PHE B 329 -40.35 -22.34 16.32
N LYS B 330 -40.78 -21.08 16.26
CA LYS B 330 -41.91 -20.60 17.05
C LYS B 330 -43.19 -21.40 16.81
N ILE B 331 -43.53 -21.64 15.55
CA ILE B 331 -44.75 -22.40 15.25
C ILE B 331 -44.62 -23.83 15.75
N ALA B 332 -43.56 -24.52 15.36
CA ALA B 332 -43.36 -25.90 15.77
C ALA B 332 -43.31 -26.08 17.28
N THR B 333 -42.70 -25.14 17.99
CA THR B 333 -42.48 -25.33 19.44
C THR B 333 -43.43 -24.58 20.37
N SER B 334 -44.19 -23.64 19.82
CA SER B 334 -45.09 -22.75 20.58
C SER B 334 -44.35 -21.97 21.66
N ALA B 335 -43.06 -21.72 21.44
CA ALA B 335 -42.21 -21.07 22.43
C ALA B 335 -42.50 -19.58 22.56
N TYR B 336 -43.14 -19.03 21.53
CA TYR B 336 -43.55 -17.62 21.47
C TYR B 336 -44.66 -17.49 20.44
N ILE B 337 -45.35 -16.34 20.44
CA ILE B 337 -46.39 -16.06 19.47
C ILE B 337 -45.78 -15.73 18.10
N PRO B 338 -46.10 -16.53 17.06
CA PRO B 338 -45.60 -16.30 15.70
C PRO B 338 -45.79 -14.88 15.19
N LEU B 339 -44.89 -14.47 14.31
CA LEU B 339 -45.03 -13.24 13.58
C LEU B 339 -46.42 -13.15 12.98
N ASN B 340 -47.14 -12.10 13.35
CA ASN B 340 -48.46 -11.92 12.77
C ASN B 340 -48.39 -11.26 11.43
N ASN B 341 -47.81 -12.02 10.50
CA ASN B 341 -47.96 -11.82 9.06
C ASN B 341 -46.75 -11.45 8.28
N TYR B 342 -46.39 -10.17 8.34
CA TYR B 342 -45.53 -9.62 7.32
C TYR B 342 -44.40 -8.81 7.91
N LEU B 343 -43.23 -8.90 7.28
CA LEU B 343 -42.12 -8.04 7.61
C LEU B 343 -41.39 -7.62 6.34
N VAL B 344 -41.12 -6.33 6.22
CA VAL B 344 -40.29 -5.80 5.14
C VAL B 344 -38.98 -5.27 5.73
N PHE B 345 -37.89 -5.49 5.00
CA PHE B 345 -36.55 -5.10 5.44
C PHE B 345 -35.88 -4.28 4.34
N ASN B 346 -35.21 -3.20 4.74
CA ASN B 346 -34.48 -2.35 3.80
C ASN B 346 -33.15 -1.91 4.41
N ASP B 347 -32.10 -2.02 3.60
CA ASP B 347 -30.72 -1.95 4.09
C ASP B 347 -29.96 -0.75 3.52
N VAL B 348 -30.52 -0.13 2.49
CA VAL B 348 -29.86 0.94 1.75
C VAL B 348 -29.51 2.15 2.61
N ASP B 349 -30.48 2.60 3.40
CA ASP B 349 -30.30 3.84 4.14
C ASP B 349 -30.51 3.56 5.62
N GLY B 350 -29.41 3.34 6.34
CA GLY B 350 -29.50 2.82 7.69
C GLY B 350 -30.18 1.46 7.65
N LEU B 351 -30.92 1.14 8.71
CA LEU B 351 -31.66 -0.10 8.79
C LEU B 351 -33.11 0.20 9.09
N TYR B 352 -34.01 -0.31 8.25
CA TYR B 352 -35.43 -0.17 8.53
C TYR B 352 -36.14 -1.50 8.41
N THR B 353 -37.05 -1.77 9.34
CA THR B 353 -38.02 -2.87 9.18
C THR B 353 -39.43 -2.44 9.55
N TYR B 354 -40.42 -2.87 8.77
CA TYR B 354 -41.82 -2.67 9.14
C TYR B 354 -42.55 -4.00 9.17
N THR B 355 -43.26 -4.24 10.27
CA THR B 355 -44.03 -5.47 10.51
C THR B 355 -45.52 -5.15 10.59
N PHE B 356 -46.35 -5.97 9.95
CA PHE B 356 -47.78 -5.75 9.98
C PHE B 356 -48.59 -7.02 9.76
N GLU B 357 -49.89 -6.93 10.00
CA GLU B 357 -50.82 -8.03 9.84
C GLU B 357 -51.61 -7.85 8.56
N ALA B 358 -51.21 -8.56 7.50
CA ALA B 358 -51.89 -8.45 6.22
C ALA B 358 -53.30 -9.03 6.33
N GLU B 359 -54.28 -8.23 5.92
CA GLU B 359 -55.67 -8.62 5.97
C GLU B 359 -55.94 -9.67 4.89
N ARG B 360 -56.65 -10.71 5.25
CA ARG B 360 -57.12 -11.71 4.30
C ARG B 360 -58.18 -11.09 3.40
N LYS B 361 -58.12 -11.36 2.10
CA LYS B 361 -59.18 -10.90 1.19
C LYS B 361 -60.37 -11.85 1.18
N GLU B 362 -61.56 -11.32 1.53
CA GLU B 362 -62.79 -12.14 1.64
C GLU B 362 -63.18 -12.79 0.31
N ASN B 363 -62.85 -12.09 -0.78
CA ASN B 363 -63.09 -12.53 -2.15
C ASN B 363 -61.99 -13.34 -2.82
N CYS B 364 -60.87 -13.59 -2.12
CA CYS B 364 -59.66 -14.14 -2.75
C CYS B 364 -59.93 -15.37 -3.64
N PRO B 365 -59.39 -15.35 -4.87
CA PRO B 365 -59.64 -16.44 -5.82
C PRO B 365 -58.93 -17.73 -5.43
N ALA B 366 -58.07 -17.65 -4.43
CA ALA B 366 -57.29 -18.80 -4.01
C ALA B 366 -57.80 -19.38 -2.70
N CYS B 367 -57.83 -18.55 -1.65
CA CYS B 367 -58.05 -19.07 -0.32
C CYS B 367 -59.49 -19.00 0.19
N SER B 368 -60.32 -18.14 -0.38
CA SER B 368 -61.72 -18.07 0.04
C SER B 368 -62.51 -19.24 -0.52
N GLN B 369 -63.62 -19.59 0.13
CA GLN B 369 -64.37 -20.81 -0.15
C GLN B 369 -65.29 -20.76 -1.39
N LEU B 370 -66.23 -19.80 -1.42
CA LEU B 370 -67.26 -19.73 -2.46
C LEU B 370 -66.74 -19.18 -3.81
N PRO B 371 -67.23 -19.73 -4.94
CA PRO B 371 -66.85 -19.33 -6.31
C PRO B 371 -66.80 -17.83 -6.56
N GLN B 372 -65.96 -17.43 -7.51
CA GLN B 372 -65.87 -16.05 -7.96
C GLN B 372 -67.15 -15.64 -8.65
N ASN B 373 -67.48 -14.36 -8.60
CA ASN B 373 -68.62 -13.86 -9.38
C ASN B 373 -68.22 -13.01 -10.57
N ILE B 374 -68.53 -13.49 -11.76
CA ILE B 374 -68.23 -12.76 -12.98
C ILE B 374 -69.54 -12.41 -13.71
N GLN B 375 -69.58 -11.19 -14.26
CA GLN B 375 -70.77 -10.64 -14.92
C GLN B 375 -70.50 -10.35 -16.39
N PHE B 376 -71.17 -11.06 -17.28
CA PHE B 376 -70.99 -10.87 -18.73
C PHE B 376 -72.32 -10.85 -19.49
N SER B 377 -72.34 -10.14 -20.62
CA SER B 377 -73.45 -10.21 -21.54
C SER B 377 -73.57 -11.61 -22.16
N PRO B 378 -74.79 -12.11 -22.39
CA PRO B 378 -74.95 -13.40 -23.05
C PRO B 378 -74.34 -13.40 -24.46
N SER B 379 -74.11 -12.21 -24.99
CA SER B 379 -73.50 -12.05 -26.32
C SER B 379 -72.02 -11.62 -26.23
N ALA B 380 -71.43 -11.74 -25.03
CA ALA B 380 -69.98 -11.68 -24.88
C ALA B 380 -69.32 -12.90 -25.55
N LYS B 381 -68.13 -12.70 -26.12
CA LYS B 381 -67.57 -13.65 -27.07
C LYS B 381 -67.04 -14.96 -26.46
N LEU B 382 -66.33 -14.85 -25.33
CA LEU B 382 -65.59 -15.96 -24.69
C LEU B 382 -64.15 -15.56 -24.60
N GLN B 383 -63.66 -14.97 -25.68
CA GLN B 383 -62.40 -14.24 -25.67
C GLN B 383 -62.47 -13.21 -24.57
N GLU B 384 -63.62 -12.55 -24.46
CA GLU B 384 -63.87 -11.53 -23.45
C GLU B 384 -63.68 -12.07 -22.04
N VAL B 385 -64.09 -13.31 -21.81
CA VAL B 385 -63.93 -13.93 -20.49
C VAL B 385 -62.44 -14.17 -20.20
N LEU B 386 -61.77 -14.83 -21.15
CA LEU B 386 -60.33 -15.07 -21.09
C LEU B 386 -59.49 -13.81 -20.87
N ASP B 387 -59.80 -12.76 -21.63
CA ASP B 387 -59.15 -11.46 -21.44
C ASP B 387 -59.34 -10.97 -20.01
N TYR B 388 -60.54 -11.16 -19.46
CA TYR B 388 -60.79 -10.79 -18.08
C TYR B 388 -59.91 -11.62 -17.13
N LEU B 389 -59.81 -12.91 -17.41
CA LEU B 389 -59.05 -13.86 -16.60
C LEU B 389 -57.56 -13.59 -16.60
N THR B 390 -57.05 -13.19 -17.75
CA THR B 390 -55.63 -12.90 -17.93
C THR B 390 -55.25 -11.56 -17.28
N ASN B 391 -56.04 -10.53 -17.55
CA ASN B 391 -55.66 -9.16 -17.21
C ASN B 391 -56.07 -8.61 -15.85
N SER B 392 -57.18 -9.09 -15.29
CA SER B 392 -57.66 -8.55 -14.01
C SER B 392 -56.56 -8.57 -12.96
N ALA B 393 -56.25 -7.40 -12.42
CA ALA B 393 -55.15 -7.25 -11.46
C ALA B 393 -55.38 -8.04 -10.17
N SER B 394 -56.52 -8.71 -10.07
CA SER B 394 -56.80 -9.58 -8.93
C SER B 394 -56.71 -11.05 -9.33
N LEU B 395 -56.88 -11.33 -10.61
CA LEU B 395 -56.77 -12.68 -11.11
C LEU B 395 -55.36 -12.98 -11.64
N GLN B 396 -54.92 -12.20 -12.61
CA GLN B 396 -53.56 -12.29 -13.17
C GLN B 396 -53.12 -13.72 -13.55
N MET B 397 -53.97 -14.42 -14.29
CA MET B 397 -53.62 -15.75 -14.79
C MET B 397 -52.84 -15.59 -16.08
N LYS B 398 -52.01 -16.56 -16.44
CA LYS B 398 -51.17 -16.36 -17.64
C LYS B 398 -51.60 -17.21 -18.83
N SER B 399 -52.06 -18.44 -18.59
CA SER B 399 -52.51 -19.27 -19.69
C SER B 399 -53.71 -20.15 -19.31
N PRO B 400 -54.85 -19.52 -18.93
CA PRO B 400 -55.96 -20.26 -18.32
C PRO B 400 -56.71 -21.21 -19.25
N ALA B 401 -57.42 -22.17 -18.67
CA ALA B 401 -58.25 -23.11 -19.41
C ALA B 401 -59.65 -23.14 -18.82
N ILE B 402 -60.64 -22.87 -19.64
CA ILE B 402 -62.04 -22.86 -19.19
C ILE B 402 -62.76 -24.17 -19.53
N THR B 403 -63.54 -24.66 -18.56
CA THR B 403 -64.26 -25.92 -18.65
C THR B 403 -65.63 -25.72 -18.01
N ALA B 404 -66.68 -26.28 -18.62
CA ALA B 404 -68.01 -26.26 -18.03
C ALA B 404 -68.81 -27.52 -18.35
N THR B 405 -69.78 -27.82 -17.49
CA THR B 405 -70.70 -28.93 -17.71
C THR B 405 -71.81 -28.48 -18.64
N LEU B 406 -71.55 -28.60 -19.93
CA LEU B 406 -72.54 -28.31 -20.97
C LEU B 406 -73.09 -29.65 -21.47
N GLU B 407 -74.41 -29.81 -21.40
CA GLU B 407 -75.13 -31.07 -21.65
C GLU B 407 -74.81 -32.13 -20.59
N GLY B 408 -74.34 -33.31 -21.02
CA GLY B 408 -74.04 -34.41 -20.11
C GLY B 408 -72.63 -34.40 -19.57
N LYS B 409 -71.64 -34.41 -20.46
CA LYS B 409 -70.24 -34.50 -20.08
C LYS B 409 -69.66 -33.16 -19.64
N ASN B 410 -68.56 -33.18 -18.89
CA ASN B 410 -67.73 -32.00 -18.71
C ASN B 410 -67.16 -31.62 -20.08
N ARG B 411 -67.29 -30.37 -20.47
CA ARG B 411 -66.77 -29.97 -21.77
C ARG B 411 -65.72 -28.87 -21.69
N THR B 412 -64.61 -29.10 -22.40
CA THR B 412 -63.51 -28.17 -22.46
C THR B 412 -63.85 -27.09 -23.47
N LEU B 413 -64.20 -25.90 -22.96
CA LEU B 413 -64.46 -24.75 -23.82
C LEU B 413 -63.22 -24.31 -24.58
N TYR B 414 -62.11 -24.18 -23.86
CA TYR B 414 -60.83 -23.77 -24.43
C TYR B 414 -59.71 -24.12 -23.47
N LEU B 415 -58.63 -24.65 -24.01
CA LEU B 415 -57.45 -25.02 -23.23
C LEU B 415 -56.22 -24.51 -23.98
N GLN B 416 -55.16 -24.17 -23.26
CA GLN B 416 -53.99 -23.56 -23.89
C GLN B 416 -52.73 -24.42 -23.81
N SER B 417 -52.61 -25.16 -22.71
CA SER B 417 -51.39 -25.92 -22.38
C SER B 417 -51.00 -27.02 -23.38
N VAL B 418 -51.95 -27.83 -23.85
CA VAL B 418 -51.63 -28.84 -24.90
C VAL B 418 -52.12 -28.41 -26.29
N THR B 419 -51.17 -28.10 -27.16
CA THR B 419 -51.46 -27.51 -28.50
C THR B 419 -52.41 -28.34 -29.38
N SER B 420 -52.49 -29.64 -29.09
CA SER B 420 -53.53 -30.49 -29.66
C SER B 420 -54.91 -29.87 -29.44
N ILE B 421 -55.21 -29.56 -28.18
CA ILE B 421 -56.51 -29.02 -27.78
C ILE B 421 -56.67 -27.50 -27.99
N GLU B 422 -55.58 -26.74 -27.91
CA GLU B 422 -55.58 -25.30 -28.22
C GLU B 422 -55.74 -25.04 -29.72
N GLU B 423 -56.36 -26.01 -30.39
CA GLU B 423 -56.55 -26.05 -31.84
C GLU B 423 -57.92 -26.62 -32.16
N ARG B 424 -58.27 -27.71 -31.47
CA ARG B 424 -59.61 -28.32 -31.58
C ARG B 424 -60.67 -27.36 -31.01
N THR B 425 -60.26 -26.48 -30.10
CA THR B 425 -61.19 -25.58 -29.41
C THR B 425 -61.09 -24.11 -29.84
N ARG B 426 -60.03 -23.74 -30.55
CA ARG B 426 -59.78 -22.31 -30.87
C ARG B 426 -61.01 -21.51 -31.40
N PRO B 427 -61.80 -22.11 -32.33
CA PRO B 427 -63.09 -21.53 -32.74
C PRO B 427 -63.97 -20.98 -31.60
N ASN B 428 -64.13 -21.77 -30.54
CA ASN B 428 -64.99 -21.40 -29.41
C ASN B 428 -64.76 -20.02 -28.80
N LEU B 429 -63.67 -19.37 -29.19
CA LEU B 429 -63.39 -18.01 -28.73
C LEU B 429 -64.36 -17.01 -29.34
N SER B 430 -65.40 -17.54 -29.99
CA SER B 430 -66.56 -16.75 -30.48
C SER B 430 -67.93 -17.36 -30.13
N LYS B 431 -68.73 -16.58 -29.39
CA LYS B 431 -70.12 -16.92 -29.06
C LYS B 431 -70.88 -15.66 -28.62
N LEU B 433 -71.43 -16.41 -25.58
CA LEU B 433 -71.55 -17.38 -24.48
C LEU B 433 -72.85 -18.16 -24.53
N LYS B 434 -73.92 -17.49 -24.96
CA LYS B 434 -75.24 -18.13 -25.11
C LYS B 434 -75.19 -19.14 -26.24
N GLU B 435 -74.52 -18.76 -27.34
CA GLU B 435 -74.26 -19.66 -28.47
C GLU B 435 -73.52 -20.93 -28.04
N LEU B 436 -72.74 -20.84 -26.97
CA LEU B 436 -72.01 -22.00 -26.41
C LEU B 436 -72.90 -22.93 -25.60
N GLY B 437 -73.97 -22.40 -25.01
CA GLY B 437 -74.92 -23.20 -24.25
C GLY B 437 -74.89 -22.94 -22.76
N LEU B 438 -74.21 -21.85 -22.38
CA LEU B 438 -74.08 -21.50 -20.97
C LEU B 438 -75.24 -20.64 -20.49
N VAL B 439 -75.69 -20.89 -19.27
CA VAL B 439 -76.87 -20.24 -18.68
C VAL B 439 -76.45 -19.41 -17.47
N ASP B 440 -77.12 -18.28 -17.26
CA ASP B 440 -76.94 -17.48 -16.06
C ASP B 440 -76.99 -18.41 -14.86
N GLY B 441 -76.00 -18.29 -13.97
CA GLY B 441 -75.90 -19.13 -12.78
C GLY B 441 -74.86 -20.22 -12.85
N GLN B 442 -74.53 -20.64 -14.08
CA GLN B 442 -73.59 -21.73 -14.29
C GLN B 442 -72.19 -21.41 -13.76
N GLU B 443 -71.51 -22.44 -13.27
CA GLU B 443 -70.12 -22.31 -12.85
C GLU B 443 -69.16 -22.89 -13.90
N LEU B 444 -68.06 -22.17 -14.11
CA LEU B 444 -67.01 -22.63 -15.00
C LEU B 444 -65.80 -23.01 -14.18
N ALA B 445 -65.13 -24.09 -14.60
CA ALA B 445 -63.90 -24.58 -14.00
C ALA B 445 -62.70 -23.97 -14.73
N VAL B 446 -61.91 -23.20 -14.00
CA VAL B 446 -60.71 -22.60 -14.57
C VAL B 446 -59.42 -23.21 -14.01
N ALA B 447 -58.51 -23.56 -14.92
CA ALA B 447 -57.19 -24.10 -14.58
C ALA B 447 -56.12 -23.27 -15.25
N ASP B 448 -54.95 -23.19 -14.61
CA ASP B 448 -53.87 -22.31 -15.05
C ASP B 448 -52.57 -22.80 -14.40
N VAL B 449 -51.43 -22.51 -15.01
CA VAL B 449 -50.15 -22.97 -14.47
C VAL B 449 -49.75 -22.35 -13.12
N THR B 450 -50.26 -21.15 -12.85
CA THR B 450 -49.96 -20.44 -11.61
C THR B 450 -50.41 -21.16 -10.34
N THR B 451 -51.22 -22.22 -10.50
CA THR B 451 -51.83 -22.92 -9.36
C THR B 451 -52.38 -24.31 -9.69
N PRO B 452 -52.21 -25.28 -8.77
CA PRO B 452 -52.76 -26.62 -9.04
C PRO B 452 -54.25 -26.73 -8.74
N GLN B 453 -54.86 -25.65 -8.27
CA GLN B 453 -56.27 -25.63 -7.91
C GLN B 453 -57.16 -25.41 -9.10
N THR B 454 -58.38 -25.94 -9.02
CA THR B 454 -59.43 -25.57 -9.96
C THR B 454 -60.16 -24.39 -9.36
N VAL B 455 -60.01 -23.24 -10.01
CA VAL B 455 -60.66 -22.01 -9.60
C VAL B 455 -62.08 -21.99 -10.16
N LEU B 456 -63.06 -21.78 -9.29
CA LEU B 456 -64.46 -21.78 -9.70
C LEU B 456 -65.06 -20.37 -9.84
N PHE B 457 -65.60 -20.08 -11.03
CA PHE B 457 -66.30 -18.82 -11.30
C PHE B 457 -67.78 -19.09 -11.52
N LYS B 458 -68.64 -18.23 -11.00
CA LYS B 458 -70.07 -18.33 -11.24
C LYS B 458 -70.51 -17.25 -12.23
N LEU B 459 -71.08 -17.67 -13.34
CA LEU B 459 -71.45 -16.76 -14.42
C LEU B 459 -72.79 -16.07 -14.17
N HIS B 460 -72.84 -14.78 -14.44
CA HIS B 460 -74.05 -13.96 -14.32
C HIS B 460 -74.30 -13.21 -15.62
N PHE B 461 -75.43 -13.48 -16.26
CA PHE B 461 -75.83 -12.76 -17.48
C PHE B 461 -76.50 -11.42 -17.18
N THR B 462 -76.42 -10.49 -18.13
CA THR B 462 -76.78 -9.08 -17.92
C THR B 462 -77.53 -8.43 -19.09
N LEU C 7 43.71 -23.54 4.32
CA LEU C 7 42.76 -22.38 4.44
C LEU C 7 42.31 -21.80 3.09
N LEU C 8 41.08 -22.18 2.70
CA LEU C 8 40.35 -21.52 1.62
C LEU C 8 39.72 -20.25 2.18
N LYS C 9 39.46 -20.26 3.49
CA LYS C 9 38.98 -19.08 4.21
C LYS C 9 39.80 -17.79 3.93
N GLU C 10 41.09 -17.93 3.66
CA GLU C 10 41.94 -16.79 3.28
C GLU C 10 41.70 -16.31 1.84
N GLN C 11 41.28 -17.20 0.96
CA GLN C 11 40.92 -16.79 -0.40
C GLN C 11 39.56 -16.11 -0.34
N LYS C 12 38.67 -16.68 0.47
CA LYS C 12 37.31 -16.19 0.63
C LYS C 12 37.23 -14.78 1.21
N TYR C 13 38.06 -14.47 2.20
CA TYR C 13 38.00 -13.16 2.84
C TYR C 13 39.05 -12.18 2.33
N ASP C 14 39.62 -12.46 1.16
CA ASP C 14 40.79 -11.73 0.65
C ASP C 14 40.61 -10.22 0.60
N ARG C 15 39.58 -9.75 -0.09
CA ARG C 15 39.35 -8.32 -0.31
C ARG C 15 39.23 -7.51 0.97
N GLN C 16 38.74 -8.11 2.04
CA GLN C 16 38.66 -7.41 3.32
C GLN C 16 39.95 -7.55 4.14
N LEU C 17 40.65 -8.65 3.94
CA LEU C 17 41.93 -8.86 4.63
C LEU C 17 42.89 -7.75 4.25
N ARG C 18 42.76 -7.26 3.02
CA ARG C 18 43.52 -6.13 2.53
C ARG C 18 43.18 -4.82 3.24
N LEU C 19 42.20 -4.86 4.15
CA LEU C 19 41.76 -3.65 4.83
C LEU C 19 42.08 -3.63 6.32
N TRP C 20 41.83 -4.75 7.00
CA TRP C 20 42.09 -4.82 8.45
C TRP C 20 43.02 -5.97 8.85
N GLY C 21 43.61 -6.62 7.85
CA GLY C 21 44.62 -7.65 8.09
C GLY C 21 44.11 -8.96 8.68
N ASP C 22 45.05 -9.86 8.95
CA ASP C 22 44.72 -11.13 9.57
C ASP C 22 44.37 -10.93 11.03
N HIS C 23 44.99 -9.95 11.66
CA HIS C 23 44.74 -9.67 13.06
C HIS C 23 43.37 -9.05 13.32
N GLY C 24 42.88 -8.24 12.39
CA GLY C 24 41.53 -7.72 12.47
C GLY C 24 40.54 -8.84 12.28
N GLN C 25 40.75 -9.63 11.23
CA GLN C 25 39.93 -10.80 10.93
C GLN C 25 39.77 -11.69 12.17
N GLU C 26 40.86 -11.92 12.91
CA GLU C 26 40.83 -12.73 14.14
C GLU C 26 39.88 -12.12 15.18
N ALA C 27 40.03 -10.83 15.46
CA ALA C 27 39.16 -10.09 16.38
C ALA C 27 37.70 -10.25 15.98
N LEU C 28 37.48 -10.21 14.67
CA LEU C 28 36.15 -10.34 14.11
C LEU C 28 35.62 -11.77 14.29
N GLU C 29 36.43 -12.76 13.91
CA GLU C 29 36.05 -14.18 13.94
C GLU C 29 35.93 -14.75 15.36
N SER C 30 36.24 -13.94 16.36
CA SER C 30 36.12 -14.40 17.73
C SER C 30 35.24 -13.47 18.55
N ALA C 31 34.44 -12.66 17.88
CA ALA C 31 33.52 -11.75 18.56
C ALA C 31 32.13 -12.34 18.58
N HIS C 32 31.28 -11.79 19.43
CA HIS C 32 29.89 -12.25 19.54
C HIS C 32 29.00 -11.04 19.69
N VAL C 33 28.08 -10.88 18.74
CA VAL C 33 27.27 -9.68 18.63
C VAL C 33 25.78 -9.96 18.91
N CYS C 34 25.16 -9.03 19.63
CA CYS C 34 23.78 -9.15 20.01
C CYS C 34 22.94 -8.22 19.19
N LEU C 35 21.85 -8.72 18.62
CA LEU C 35 20.90 -7.89 17.91
C LEU C 35 19.54 -7.94 18.58
N ILE C 36 19.01 -6.77 18.94
CA ILE C 36 17.63 -6.64 19.38
C ILE C 36 16.80 -6.23 18.17
N ASN C 37 15.65 -6.89 18.00
CA ASN C 37 14.67 -6.62 16.93
C ASN C 37 15.17 -6.92 15.52
N ALA C 38 14.80 -8.07 14.96
CA ALA C 38 15.26 -8.49 13.64
C ALA C 38 14.36 -7.96 12.54
N THR C 39 14.20 -6.65 12.56
CA THR C 39 13.45 -5.93 11.56
C THR C 39 14.34 -5.79 10.31
N ALA C 40 13.96 -4.99 9.31
CA ALA C 40 14.83 -4.80 8.14
C ALA C 40 16.14 -4.08 8.47
N THR C 41 16.03 -3.01 9.25
CA THR C 41 17.19 -2.33 9.85
C THR C 41 18.13 -3.33 10.56
N GLY C 42 17.56 -4.19 11.39
CA GLY C 42 18.32 -5.21 12.12
C GLY C 42 18.98 -6.27 11.24
N THR C 43 18.22 -6.83 10.29
CA THR C 43 18.79 -7.89 9.49
C THR C 43 19.78 -7.36 8.47
N GLU C 44 19.66 -6.07 8.12
CA GLU C 44 20.63 -5.44 7.20
C GLU C 44 21.98 -5.25 7.87
N ILE C 45 21.97 -4.74 9.11
CA ILE C 45 23.21 -4.60 9.88
C ILE C 45 23.87 -5.96 10.02
N LEU C 46 23.06 -6.95 10.42
CA LEU C 46 23.56 -8.28 10.73
C LEU C 46 24.09 -8.99 9.48
N LYS C 47 23.38 -8.80 8.37
CA LYS C 47 23.85 -9.23 7.07
C LYS C 47 25.28 -8.76 6.82
N ASN C 48 25.56 -7.53 7.17
CA ASN C 48 26.87 -6.94 6.85
C ASN C 48 27.98 -7.36 7.80
N LEU C 49 27.61 -8.02 8.91
CA LEU C 49 28.57 -8.60 9.86
C LEU C 49 28.72 -10.10 9.64
N VAL C 50 27.63 -10.76 9.29
CA VAL C 50 27.67 -12.19 8.99
C VAL C 50 28.57 -12.46 7.80
N LEU C 51 28.50 -11.60 6.78
CA LEU C 51 29.26 -11.79 5.55
C LEU C 51 30.79 -11.73 5.71
N PRO C 52 31.31 -10.73 6.44
CA PRO C 52 32.75 -10.76 6.68
C PRO C 52 33.18 -11.87 7.66
N GLY C 53 32.20 -12.58 8.21
CA GLY C 53 32.47 -13.69 9.10
C GLY C 53 32.62 -13.35 10.57
N ILE C 54 31.67 -12.58 11.11
CA ILE C 54 31.61 -12.35 12.56
C ILE C 54 31.59 -13.74 13.23
N GLY C 55 32.24 -13.87 14.38
CA GLY C 55 32.27 -15.12 15.14
C GLY C 55 30.89 -15.72 15.40
N SER C 56 30.07 -15.01 16.16
CA SER C 56 28.70 -15.47 16.38
C SER C 56 27.71 -14.34 16.70
N PHE C 57 26.43 -14.65 16.59
CA PHE C 57 25.39 -13.67 16.88
C PHE C 57 24.16 -14.24 17.59
N THR C 58 23.56 -13.43 18.45
CA THR C 58 22.30 -13.76 19.06
C THR C 58 21.31 -12.67 18.68
N ILE C 59 20.13 -13.08 18.21
CA ILE C 59 19.02 -12.18 17.87
C ILE C 59 17.94 -12.33 18.93
N ILE C 60 17.83 -11.31 19.78
CA ILE C 60 16.75 -11.19 20.74
C ILE C 60 15.60 -10.51 20.04
N ASP C 61 14.42 -11.13 20.05
CA ASP C 61 13.19 -10.57 19.48
C ASP C 61 11.99 -11.39 19.91
N GLY C 62 11.00 -10.76 20.52
CA GLY C 62 9.80 -11.45 20.99
C GLY C 62 8.54 -11.25 20.16
N ASN C 63 8.69 -10.87 18.90
CA ASN C 63 7.54 -10.65 18.05
C ASN C 63 7.35 -11.75 17.05
N GLN C 64 6.14 -11.82 16.49
CA GLN C 64 5.89 -12.66 15.34
C GLN C 64 6.13 -11.87 14.07
N VAL C 65 6.53 -12.57 13.01
CA VAL C 65 6.61 -12.00 11.68
C VAL C 65 5.22 -11.54 11.23
N SER C 66 5.07 -10.23 11.05
CA SER C 66 3.85 -9.67 10.46
C SER C 66 3.90 -9.83 8.93
N GLY C 67 2.78 -9.55 8.26
CA GLY C 67 2.74 -9.61 6.81
C GLY C 67 3.71 -8.61 6.21
N GLU C 68 3.74 -7.41 6.79
CA GLU C 68 4.58 -6.34 6.29
C GLU C 68 6.03 -6.49 6.71
N ASP C 69 6.28 -7.27 7.76
CA ASP C 69 7.65 -7.64 8.08
C ASP C 69 8.27 -8.43 6.94
N ALA C 70 7.50 -9.36 6.39
CA ALA C 70 7.94 -10.15 5.24
C ALA C 70 8.10 -9.29 3.99
N GLY C 71 7.44 -8.12 3.99
CA GLY C 71 7.46 -7.20 2.86
C GLY C 71 8.77 -6.46 2.66
N ASN C 72 9.39 -6.01 3.75
CA ASN C 72 10.59 -5.17 3.66
C ASN C 72 11.91 -5.81 4.07
N ASN C 73 11.86 -7.08 4.48
CA ASN C 73 13.03 -7.83 4.95
C ASN C 73 13.48 -8.85 3.92
N PHE C 74 14.78 -8.99 3.73
CA PHE C 74 15.35 -9.97 2.81
C PHE C 74 15.61 -11.32 3.49
N PHE C 75 15.41 -11.33 4.80
CA PHE C 75 15.72 -12.49 5.63
C PHE C 75 14.48 -13.00 6.37
N LEU C 76 13.33 -12.74 5.77
CA LEU C 76 12.05 -13.26 6.16
C LEU C 76 11.33 -13.56 4.84
N GLN C 77 10.30 -14.40 4.87
CA GLN C 77 9.58 -14.83 3.66
C GLN C 77 8.12 -15.00 3.97
N ARG C 78 7.28 -15.17 2.94
CA ARG C 78 5.84 -15.29 3.17
C ARG C 78 5.54 -16.41 4.16
N SER C 79 6.38 -17.45 4.15
CA SER C 79 6.21 -18.62 5.03
C SER C 79 6.54 -18.32 6.49
N SER C 80 7.24 -17.21 6.74
CA SER C 80 7.63 -16.87 8.11
C SER C 80 6.47 -16.23 8.87
N ILE C 81 5.46 -15.74 8.14
CA ILE C 81 4.35 -15.01 8.79
C ILE C 81 3.71 -15.86 9.90
N GLY C 82 3.55 -15.24 11.07
CA GLY C 82 3.00 -15.93 12.25
C GLY C 82 4.06 -16.54 13.16
N LYS C 83 5.20 -16.93 12.58
CA LYS C 83 6.33 -17.50 13.31
C LYS C 83 7.15 -16.41 13.94
N ASN C 84 7.87 -16.73 15.01
CA ASN C 84 8.69 -15.76 15.74
C ASN C 84 9.81 -15.17 14.88
N ARG C 85 9.97 -13.85 14.98
CA ARG C 85 10.86 -13.10 14.10
C ARG C 85 12.34 -13.41 14.28
N ALA C 86 12.77 -13.52 15.54
CA ALA C 86 14.18 -13.84 15.83
C ALA C 86 14.62 -15.16 15.17
N GLU C 87 13.84 -16.22 15.41
CA GLU C 87 14.16 -17.55 14.90
C GLU C 87 14.15 -17.56 13.38
N ALA C 88 13.11 -16.97 12.79
CA ALA C 88 12.95 -16.96 11.36
C ALA C 88 14.16 -16.30 10.71
N ALA C 89 14.50 -15.11 11.21
CA ALA C 89 15.56 -14.29 10.67
C ALA C 89 16.92 -14.96 10.78
N MET C 90 17.12 -15.71 11.85
CA MET C 90 18.38 -16.40 12.09
C MET C 90 18.63 -17.48 11.05
N GLU C 91 17.60 -18.29 10.79
CA GLU C 91 17.66 -19.35 9.80
C GLU C 91 18.15 -18.87 8.43
N PHE C 92 17.68 -17.69 8.02
CA PHE C 92 18.03 -17.12 6.72
C PHE C 92 19.39 -16.43 6.75
N LEU C 93 19.75 -15.88 7.90
CA LEU C 93 21.05 -15.25 8.04
C LEU C 93 22.21 -16.26 8.11
N GLN C 94 21.98 -17.39 8.77
CA GLN C 94 22.98 -18.44 8.86
C GLN C 94 23.41 -18.96 7.50
N GLU C 95 22.46 -18.98 6.57
CA GLU C 95 22.69 -19.49 5.22
C GLU C 95 23.71 -18.64 4.46
N LEU C 96 23.93 -17.41 4.92
CA LEU C 96 24.87 -16.47 4.28
C LEU C 96 26.32 -16.92 4.41
N ASN C 97 26.70 -17.38 5.60
CA ASN C 97 28.09 -17.71 5.91
C ASN C 97 28.17 -18.81 6.96
N SER C 98 28.51 -20.02 6.53
CA SER C 98 28.55 -21.18 7.43
C SER C 98 29.74 -21.22 8.40
N ASP C 99 30.49 -20.13 8.52
CA ASP C 99 31.53 -20.03 9.55
C ASP C 99 31.01 -19.19 10.72
N VAL C 100 29.73 -18.84 10.66
CA VAL C 100 29.13 -17.96 11.65
C VAL C 100 28.10 -18.70 12.49
N SER C 101 28.35 -18.69 13.79
CA SER C 101 27.47 -19.32 14.76
C SER C 101 26.28 -18.41 15.03
N GLY C 102 25.07 -18.93 14.82
CA GLY C 102 23.86 -18.12 15.00
C GLY C 102 22.93 -18.65 16.07
N SER C 103 22.50 -17.75 16.95
CA SER C 103 21.62 -18.11 18.04
C SER C 103 20.46 -17.13 18.12
N PHE C 104 19.40 -17.46 18.87
CA PHE C 104 18.25 -16.57 19.03
C PHE C 104 17.56 -16.72 20.40
N VAL C 105 16.74 -15.74 20.77
CA VAL C 105 16.04 -15.73 22.05
C VAL C 105 14.63 -15.21 21.85
N GLU C 106 13.62 -16.00 22.23
CA GLU C 106 12.21 -15.65 21.98
C GLU C 106 11.66 -14.57 22.92
N GLU C 107 12.33 -14.35 24.05
CA GLU C 107 11.91 -13.32 25.01
C GLU C 107 12.20 -11.92 24.47
N SER C 108 11.42 -10.93 24.91
CA SER C 108 11.59 -9.53 24.54
C SER C 108 12.66 -8.83 25.39
N PRO C 109 13.26 -7.75 24.84
CA PRO C 109 14.24 -6.90 25.56
C PRO C 109 13.78 -6.40 26.93
N GLU C 110 12.49 -6.09 27.08
CA GLU C 110 11.96 -5.67 28.38
C GLU C 110 11.96 -6.81 29.41
N ASN C 111 11.44 -7.97 28.99
CA ASN C 111 11.50 -9.21 29.79
C ASN C 111 12.91 -9.53 30.22
N LEU C 112 13.84 -9.52 29.27
CA LEU C 112 15.23 -9.75 29.57
C LEU C 112 15.75 -8.88 30.70
N LEU C 113 15.49 -7.57 30.63
CA LEU C 113 16.00 -6.63 31.62
C LEU C 113 15.40 -6.86 33.00
N ASP C 114 14.12 -7.27 33.04
CA ASP C 114 13.42 -7.63 34.28
C ASP C 114 13.92 -8.93 34.91
N ASN C 115 14.45 -9.85 34.10
CA ASN C 115 14.71 -11.22 34.57
C ASN C 115 16.13 -11.76 34.43
N ASP C 116 16.95 -11.13 33.60
CA ASP C 116 18.32 -11.59 33.34
C ASP C 116 19.11 -10.45 32.72
N PRO C 117 19.31 -9.34 33.47
CA PRO C 117 20.08 -8.20 32.96
C PRO C 117 21.52 -8.59 32.63
N SER C 118 22.11 -9.43 33.49
CA SER C 118 23.47 -9.91 33.32
C SER C 118 23.68 -10.69 32.03
N PHE C 119 22.58 -10.98 31.33
CA PHE C 119 22.61 -11.73 30.08
C PHE C 119 23.46 -11.01 29.05
N PHE C 120 23.31 -9.68 29.02
CA PHE C 120 23.99 -8.83 28.04
C PHE C 120 25.47 -8.71 28.28
N CYS C 121 25.97 -9.27 29.37
CA CYS C 121 27.40 -9.18 29.66
C CYS C 121 28.24 -10.13 28.80
N ARG C 122 27.58 -10.94 27.97
CA ARG C 122 28.27 -11.93 27.15
C ARG C 122 28.65 -11.42 25.76
N PHE C 123 28.16 -10.24 25.40
CA PHE C 123 28.34 -9.74 24.04
C PHE C 123 29.48 -8.73 23.87
N THR C 124 30.11 -8.77 22.70
CA THR C 124 31.12 -7.79 22.32
C THR C 124 30.45 -6.43 22.06
N VAL C 125 29.33 -6.45 21.35
CA VAL C 125 28.57 -5.24 21.08
C VAL C 125 27.09 -5.57 21.08
N VAL C 126 26.27 -4.68 21.62
CA VAL C 126 24.84 -4.82 21.52
C VAL C 126 24.29 -3.78 20.53
N VAL C 127 23.60 -4.26 19.50
CA VAL C 127 23.02 -3.40 18.49
C VAL C 127 21.50 -3.46 18.60
N ALA C 128 20.91 -2.42 19.18
CA ALA C 128 19.47 -2.32 19.36
C ALA C 128 18.84 -1.58 18.18
N THR C 129 17.71 -2.09 17.69
CA THR C 129 17.01 -1.46 16.57
C THR C 129 15.53 -1.21 16.88
N GLN C 130 14.99 -0.15 16.29
CA GLN C 130 13.56 0.18 16.36
C GLN C 130 12.93 0.20 17.77
N LEU C 131 13.75 0.37 18.81
CA LEU C 131 13.24 0.39 20.18
C LEU C 131 12.41 1.63 20.48
N PRO C 132 11.32 1.48 21.26
CA PRO C 132 10.64 2.66 21.78
C PRO C 132 11.53 3.34 22.80
N GLU C 133 11.13 4.52 23.24
CA GLU C 133 11.96 5.37 24.08
C GLU C 133 12.21 4.78 25.46
N SER C 134 11.17 4.26 26.10
CA SER C 134 11.31 3.69 27.44
C SER C 134 12.30 2.51 27.46
N THR C 135 12.21 1.63 26.46
CA THR C 135 13.09 0.47 26.35
C THR C 135 14.53 0.91 26.10
N SER C 136 14.71 1.73 25.08
CA SER C 136 15.97 2.37 24.77
C SER C 136 16.66 2.96 26.01
N LEU C 137 15.94 3.79 26.79
CA LEU C 137 16.49 4.41 28.00
C LEU C 137 16.92 3.41 29.09
N ARG C 138 16.10 2.38 29.32
CA ARG C 138 16.45 1.29 30.24
C ARG C 138 17.74 0.57 29.86
N LEU C 139 17.78 0.11 28.61
CA LEU C 139 18.89 -0.68 28.11
C LEU C 139 20.20 0.10 28.09
N ALA C 140 20.11 1.36 27.66
CA ALA C 140 21.24 2.27 27.64
C ALA C 140 21.86 2.38 29.02
N ASP C 141 21.00 2.46 30.02
CA ASP C 141 21.43 2.55 31.39
C ASP C 141 22.05 1.25 31.87
N VAL C 142 21.32 0.15 31.73
CA VAL C 142 21.84 -1.13 32.18
C VAL C 142 23.22 -1.37 31.56
N LEU C 143 23.33 -1.18 30.24
CA LEU C 143 24.57 -1.47 29.53
C LEU C 143 25.69 -0.49 29.83
N TRP C 144 25.32 0.76 30.14
CA TRP C 144 26.29 1.76 30.54
C TRP C 144 26.98 1.37 31.83
N ASN C 145 26.17 1.00 32.84
CA ASN C 145 26.71 0.60 34.14
C ASN C 145 27.45 -0.72 34.13
N SER C 146 27.18 -1.57 33.15
CA SER C 146 27.95 -2.81 33.01
C SER C 146 28.93 -2.73 31.85
N GLN C 147 29.20 -1.49 31.40
CA GLN C 147 30.23 -1.21 30.40
C GLN C 147 30.20 -2.03 29.11
N ILE C 148 29.01 -2.34 28.60
CA ILE C 148 28.90 -3.03 27.32
C ILE C 148 28.57 -2.01 26.22
N PRO C 149 29.40 -1.98 25.15
CA PRO C 149 29.21 -1.13 23.99
C PRO C 149 27.84 -1.31 23.38
N LEU C 150 27.08 -0.22 23.31
CA LEU C 150 25.74 -0.19 22.74
C LEU C 150 25.69 0.66 21.47
N LEU C 151 24.87 0.22 20.51
CA LEU C 151 24.60 0.99 19.30
C LEU C 151 23.09 0.98 19.03
N ILE C 152 22.45 2.14 19.10
CA ILE C 152 21.02 2.23 18.85
C ILE C 152 20.81 2.69 17.42
N CYS C 153 19.97 1.97 16.69
CA CYS C 153 19.71 2.28 15.28
C CYS C 153 18.23 2.35 15.00
N ARG C 154 17.83 3.30 14.19
CA ARG C 154 16.43 3.51 13.90
C ARG C 154 16.19 3.88 12.44
N THR C 155 15.29 3.17 11.78
CA THR C 155 14.75 3.64 10.51
C THR C 155 13.35 4.14 10.77
N TYR C 156 13.05 5.34 10.32
CA TYR C 156 11.71 5.90 10.45
C TYR C 156 11.45 6.75 9.20
N GLY C 157 10.59 6.24 8.31
CA GLY C 157 10.40 6.83 6.99
C GLY C 157 11.74 6.97 6.32
N LEU C 158 12.01 8.13 5.74
CA LEU C 158 13.30 8.30 5.06
C LEU C 158 14.46 8.71 5.98
N VAL C 159 14.17 8.93 7.26
CA VAL C 159 15.22 9.26 8.24
C VAL C 159 15.91 7.99 8.76
N GLY C 160 17.23 8.07 8.90
CA GLY C 160 18.03 7.01 9.51
C GLY C 160 18.87 7.61 10.61
N TYR C 161 18.98 6.91 11.73
CA TYR C 161 19.53 7.48 12.96
C TYR C 161 20.32 6.40 13.68
N MET C 162 21.53 6.73 14.13
CA MET C 162 22.25 5.84 15.04
C MET C 162 23.03 6.56 16.13
N ARG C 163 22.92 6.04 17.34
CA ARG C 163 23.60 6.58 18.47
C ARG C 163 24.59 5.56 18.98
N ILE C 164 25.86 5.95 19.04
CA ILE C 164 26.87 5.09 19.62
C ILE C 164 27.15 5.46 21.07
N ILE C 165 27.32 4.44 21.91
CA ILE C 165 27.60 4.64 23.33
C ILE C 165 28.71 3.73 23.85
N ILE C 166 29.95 4.18 23.74
CA ILE C 166 31.05 3.56 24.48
C ILE C 166 31.66 4.62 25.41
N LYS C 167 31.81 4.27 26.69
CA LYS C 167 32.36 5.19 27.68
C LYS C 167 33.73 5.73 27.24
N GLU C 168 34.60 4.81 26.85
CA GLU C 168 35.90 5.14 26.29
C GLU C 168 36.33 4.07 25.32
N HIS C 169 36.69 4.49 24.12
CA HIS C 169 37.13 3.59 23.06
C HIS C 169 38.45 4.11 22.51
N PRO C 170 39.57 3.55 23.00
CA PRO C 170 40.92 3.96 22.62
C PRO C 170 41.43 3.20 21.41
N VAL C 171 41.97 3.94 20.44
CA VAL C 171 42.39 3.33 19.17
C VAL C 171 43.85 3.63 18.83
N ILE C 172 44.55 2.60 18.37
CA ILE C 172 45.95 2.68 18.05
C ILE C 172 46.11 2.70 16.52
N GLU C 173 45.57 1.67 15.87
CA GLU C 173 45.68 1.52 14.42
C GLU C 173 44.53 2.25 13.73
N SER C 174 44.60 3.59 13.67
CA SER C 174 43.49 4.43 13.18
C SER C 174 43.40 4.63 11.65
N HIS C 175 44.27 3.95 10.91
CA HIS C 175 44.27 3.96 9.44
C HIS C 175 43.97 5.31 8.76
N PRO C 176 44.71 6.39 9.11
CA PRO C 176 44.42 7.68 8.44
C PRO C 176 44.65 7.59 6.93
N ASP C 177 43.81 8.25 6.15
CA ASP C 177 43.89 8.17 4.70
C ASP C 177 45.17 8.79 4.20
N ASN C 178 45.55 9.90 4.81
CA ASN C 178 46.77 10.62 4.52
C ASN C 178 47.43 11.12 5.80
N ALA C 179 48.75 11.26 5.74
CA ALA C 179 49.54 11.81 6.85
C ALA C 179 50.81 12.43 6.29
N LEU C 180 51.32 13.44 6.99
CA LEU C 180 52.62 14.00 6.67
C LEU C 180 53.70 13.01 7.08
N GLU C 181 54.64 12.74 6.17
CA GLU C 181 55.71 11.76 6.39
C GLU C 181 56.66 12.22 7.51
N ASP C 182 57.19 11.25 8.26
CA ASP C 182 58.08 11.53 9.40
C ASP C 182 59.54 11.42 8.95
N LEU C 183 60.14 12.55 8.59
CA LEU C 183 61.43 12.54 7.91
C LEU C 183 62.58 13.14 8.72
N ARG C 184 62.23 13.96 9.72
CA ARG C 184 63.17 14.53 10.69
C ARG C 184 64.30 15.34 10.06
N LEU C 185 64.03 15.96 8.92
CA LEU C 185 65.04 16.79 8.25
C LEU C 185 65.33 18.05 9.04
N ASP C 186 64.31 18.59 9.70
CA ASP C 186 64.44 19.80 10.49
C ASP C 186 65.22 19.54 11.78
N LYS C 187 65.00 18.37 12.37
CA LYS C 187 65.68 17.96 13.59
C LYS C 187 66.18 16.52 13.42
N PRO C 188 67.29 16.34 12.68
CA PRO C 188 67.74 15.00 12.29
C PRO C 188 68.24 14.21 13.46
N PHE C 189 68.19 12.87 13.34
CA PHE C 189 68.80 12.00 14.34
C PHE C 189 70.23 11.64 13.91
N PRO C 190 71.16 11.51 14.88
CA PRO C 190 72.57 11.22 14.63
C PRO C 190 72.91 10.13 13.60
N GLU C 191 72.13 9.05 13.51
CA GLU C 191 72.40 7.99 12.53
C GLU C 191 72.08 8.44 11.11
N LEU C 192 71.26 9.49 11.00
CA LEU C 192 70.81 10.05 9.72
C LEU C 192 71.81 11.06 9.21
N ARG C 193 72.23 11.97 10.10
CA ARG C 193 73.29 12.95 9.83
C ARG C 193 74.56 12.26 9.29
N GLU C 194 74.90 11.10 9.85
CA GLU C 194 75.97 10.25 9.34
C GLU C 194 75.75 9.85 7.87
N HIS C 195 74.53 9.44 7.52
CA HIS C 195 74.21 9.01 6.16
C HIS C 195 74.35 10.15 5.16
N PHE C 196 73.96 11.36 5.58
CA PHE C 196 73.97 12.53 4.72
C PHE C 196 75.37 13.02 4.37
N GLN C 197 76.29 12.85 5.31
CA GLN C 197 77.67 13.31 5.13
C GLN C 197 78.51 12.36 4.29
N SER C 198 78.05 11.12 4.14
CA SER C 198 78.67 10.18 3.20
C SER C 198 78.18 10.43 1.77
N TYR C 199 77.62 11.62 1.55
CA TYR C 199 77.23 12.09 0.23
C TYR C 199 77.93 13.40 -0.10
N ASP C 200 78.70 13.38 -1.20
CA ASP C 200 79.29 14.60 -1.74
C ASP C 200 78.78 14.82 -3.16
N LEU C 201 77.97 15.86 -3.32
CA LEU C 201 77.27 16.16 -4.59
C LEU C 201 78.22 16.56 -5.70
N ASP C 202 79.08 17.53 -5.38
CA ASP C 202 79.97 18.18 -6.33
C ASP C 202 81.05 17.25 -6.87
N HIS C 203 81.12 16.03 -6.34
CA HIS C 203 82.16 15.08 -6.73
C HIS C 203 81.61 13.70 -7.18
N MET C 204 80.31 13.64 -7.44
CA MET C 204 79.65 12.39 -7.84
C MET C 204 79.84 12.04 -9.33
N GLU C 205 79.50 10.80 -9.69
CA GLU C 205 79.59 10.33 -11.06
C GLU C 205 78.46 10.89 -11.95
N LYS C 206 78.18 10.20 -13.06
CA LYS C 206 77.10 10.60 -13.97
C LYS C 206 75.75 10.16 -13.43
N LYS C 207 75.46 8.86 -13.55
CA LYS C 207 74.21 8.28 -13.05
C LYS C 207 73.99 8.49 -11.54
N ASP C 208 75.09 8.50 -10.78
CA ASP C 208 75.06 8.71 -9.32
C ASP C 208 74.33 9.99 -8.88
N HIS C 209 74.48 11.04 -9.67
CA HIS C 209 73.86 12.33 -9.38
C HIS C 209 72.35 12.28 -9.64
N SER C 210 71.96 11.81 -10.83
CA SER C 210 70.56 11.77 -11.24
C SER C 210 69.75 10.66 -10.57
N HIS C 211 70.40 9.88 -9.70
CA HIS C 211 69.74 8.80 -8.97
C HIS C 211 69.88 8.88 -7.44
N THR C 212 70.26 10.04 -6.94
CA THR C 212 70.29 10.30 -5.49
C THR C 212 68.87 10.66 -5.01
N PRO C 213 68.38 9.96 -3.97
CA PRO C 213 67.05 10.22 -3.42
C PRO C 213 66.91 11.66 -2.93
N TRP C 214 65.71 12.23 -3.12
CA TRP C 214 65.51 13.66 -2.92
C TRP C 214 65.62 14.15 -1.47
N ILE C 215 65.43 13.24 -0.51
CA ILE C 215 65.55 13.59 0.92
C ILE C 215 66.97 14.01 1.21
N VAL C 216 67.93 13.24 0.70
CA VAL C 216 69.34 13.56 0.78
C VAL C 216 69.59 14.92 0.14
N ILE C 217 69.08 15.09 -1.08
CA ILE C 217 69.25 16.33 -1.81
C ILE C 217 68.77 17.53 -0.99
N ILE C 218 67.55 17.47 -0.46
CA ILE C 218 67.04 18.56 0.36
C ILE C 218 67.88 18.74 1.61
N ALA C 219 68.40 17.63 2.12
CA ALA C 219 69.20 17.64 3.35
C ALA C 219 70.47 18.44 3.13
N LYS C 220 71.15 18.12 2.02
CA LYS C 220 72.39 18.77 1.63
C LYS C 220 72.21 20.28 1.57
N TYR C 221 71.27 20.71 0.74
CA TYR C 221 71.06 22.14 0.53
C TYR C 221 70.53 22.85 1.77
N LEU C 222 69.98 22.09 2.72
CA LEU C 222 69.57 22.67 4.00
C LEU C 222 70.78 23.03 4.86
N ALA C 223 71.90 22.34 4.62
CA ALA C 223 73.19 22.69 5.23
C ALA C 223 73.77 23.95 4.59
N GLN C 224 73.88 23.94 3.25
CA GLN C 224 74.37 25.11 2.50
C GLN C 224 73.59 26.36 2.87
N TRP C 225 72.27 26.22 3.07
CA TRP C 225 71.44 27.34 3.52
C TRP C 225 71.83 27.78 4.92
N TYR C 226 72.14 26.80 5.76
CA TYR C 226 72.48 27.05 7.15
C TYR C 226 73.82 27.80 7.28
N SER C 227 74.79 27.45 6.42
CA SER C 227 76.03 28.22 6.29
C SER C 227 75.67 29.67 5.98
N GLU C 228 75.07 29.87 4.81
CA GLU C 228 74.76 31.20 4.27
C GLU C 228 73.69 31.98 5.04
N THR C 229 73.47 31.63 6.31
CA THR C 229 72.54 32.38 7.18
C THR C 229 73.09 32.56 8.62
N ARG C 232 69.91 29.89 10.19
CA ARG C 232 68.45 29.74 10.15
C ARG C 232 67.99 28.68 9.14
N ILE C 233 66.70 28.35 9.19
CA ILE C 233 66.06 27.35 8.32
C ILE C 233 64.89 28.02 7.56
N PRO C 234 64.67 27.63 6.27
CA PRO C 234 63.65 28.28 5.44
C PRO C 234 62.21 28.10 5.95
N LYS C 235 61.58 29.18 6.36
CA LYS C 235 60.27 29.12 7.01
C LYS C 235 59.12 29.75 6.21
N THR C 236 59.26 31.02 5.84
CA THR C 236 58.23 31.70 5.04
C THR C 236 58.19 31.18 3.60
N TYR C 237 57.11 31.49 2.88
CA TYR C 237 56.94 31.04 1.49
C TYR C 237 57.95 31.68 0.56
N LYS C 238 58.23 32.96 0.78
CA LYS C 238 59.27 33.69 0.04
C LYS C 238 60.64 33.00 0.21
N GLU C 239 60.92 32.58 1.44
CA GLU C 239 62.15 31.86 1.76
C GLU C 239 62.22 30.48 1.12
N LYS C 240 61.12 29.74 1.13
CA LYS C 240 61.07 28.39 0.56
C LYS C 240 61.24 28.44 -0.96
N GLU C 241 60.81 29.54 -1.58
CA GLU C 241 61.00 29.75 -3.01
C GLU C 241 62.47 29.90 -3.35
N ASP C 242 63.16 30.73 -2.56
CA ASP C 242 64.60 30.94 -2.73
C ASP C 242 65.40 29.66 -2.50
N PHE C 243 64.98 28.86 -1.53
CA PHE C 243 65.59 27.56 -1.27
C PHE C 243 65.41 26.62 -2.47
N ARG C 244 64.24 26.70 -3.10
CA ARG C 244 63.95 25.92 -4.30
C ARG C 244 64.93 26.27 -5.42
N ASP C 245 65.21 27.56 -5.57
CA ASP C 245 66.13 28.04 -6.60
C ASP C 245 67.54 27.55 -6.36
N LEU C 246 68.01 27.66 -5.11
CA LEU C 246 69.32 27.16 -4.73
C LEU C 246 69.48 25.68 -5.11
N ILE C 247 68.38 24.92 -5.01
CA ILE C 247 68.40 23.53 -5.48
C ILE C 247 68.55 23.49 -7.00
N ARG C 248 67.79 24.34 -7.68
CA ARG C 248 67.76 24.35 -9.14
C ARG C 248 69.14 24.65 -9.74
N GLN C 249 69.89 25.53 -9.08
CA GLN C 249 71.25 25.88 -9.47
C GLN C 249 72.19 24.68 -9.41
N GLY C 250 71.90 23.76 -8.49
CA GLY C 250 72.68 22.54 -8.36
C GLY C 250 72.45 21.49 -9.45
N ILE C 251 71.50 21.70 -10.35
CA ILE C 251 71.27 20.75 -11.44
C ILE C 251 72.45 20.79 -12.42
N LEU C 252 72.79 19.62 -12.96
CA LEU C 252 73.92 19.47 -13.87
C LEU C 252 73.65 20.04 -15.26
N LYS C 253 74.59 20.84 -15.77
CA LYS C 253 74.58 21.31 -17.15
C LYS C 253 75.36 20.30 -18.04
N ASN C 254 75.25 20.43 -19.35
CA ASN C 254 75.90 19.49 -20.29
C ASN C 254 76.95 20.12 -21.23
N GLU C 255 77.46 19.32 -22.17
CA GLU C 255 78.49 19.75 -23.14
C GLU C 255 78.12 21.02 -23.92
N ASN C 256 76.83 21.19 -24.20
CA ASN C 256 76.29 22.34 -24.93
C ASN C 256 75.93 23.54 -24.03
N GLY C 257 75.49 23.29 -22.79
CA GLY C 257 75.26 24.36 -21.82
C GLY C 257 73.91 24.37 -21.10
N ALA C 258 73.01 23.47 -21.50
CA ALA C 258 71.64 23.40 -20.97
C ALA C 258 71.50 22.44 -19.78
N PRO C 259 70.73 22.85 -18.73
CA PRO C 259 70.49 21.97 -17.58
C PRO C 259 69.89 20.64 -18.01
N GLU C 260 70.13 19.60 -17.21
CA GLU C 260 69.69 18.25 -17.54
C GLU C 260 68.37 17.86 -16.88
N ASP C 261 67.72 16.85 -17.46
CA ASP C 261 66.51 16.30 -16.88
C ASP C 261 66.86 15.38 -15.71
N GLU C 262 66.97 15.98 -14.53
CA GLU C 262 67.17 15.23 -13.30
C GLU C 262 65.88 15.29 -12.48
N GLU C 263 65.00 14.31 -12.72
CA GLU C 263 63.69 14.25 -12.07
C GLU C 263 63.82 14.17 -10.56
N ASN C 264 64.89 13.52 -10.09
CA ASN C 264 65.18 13.47 -8.66
C ASN C 264 65.34 14.86 -8.07
N PHE C 265 65.98 15.76 -8.82
CA PHE C 265 66.11 17.15 -8.40
C PHE C 265 64.80 17.91 -8.51
N GLU C 266 64.00 17.60 -9.53
CA GLU C 266 62.66 18.16 -9.67
C GLU C 266 61.81 17.77 -8.46
N GLU C 267 61.79 16.46 -8.17
CA GLU C 267 61.07 15.90 -7.02
C GLU C 267 61.45 16.60 -5.73
N ALA C 268 62.74 16.85 -5.56
CA ALA C 268 63.23 17.56 -4.40
C ALA C 268 62.61 18.95 -4.30
N ILE C 269 62.51 19.64 -5.43
CA ILE C 269 61.97 21.01 -5.47
C ILE C 269 60.47 21.02 -5.16
N LYS C 270 59.75 20.00 -5.63
CA LYS C 270 58.32 19.85 -5.33
C LYS C 270 58.04 19.60 -3.85
N ASN C 271 58.90 18.77 -3.24
CA ASN C 271 58.70 18.36 -1.87
C ASN C 271 59.22 19.32 -0.80
N VAL C 272 59.74 20.46 -1.24
CA VAL C 272 60.12 21.55 -0.33
C VAL C 272 58.87 21.96 0.45
N ASN C 273 57.72 21.77 -0.19
CA ASN C 273 56.42 22.10 0.40
C ASN C 273 56.20 21.46 1.77
N THR C 274 56.44 20.15 1.86
CA THR C 274 56.14 19.37 3.05
C THR C 274 57.36 19.10 3.95
N ALA C 275 58.47 18.69 3.33
CA ALA C 275 59.64 18.16 4.02
C ALA C 275 60.42 19.15 4.87
N LEU C 276 59.92 20.37 4.99
CA LEU C 276 60.55 21.37 5.85
C LEU C 276 59.66 21.70 7.04
N ASN C 277 58.40 21.26 6.99
CA ASN C 277 57.49 21.42 8.11
C ASN C 277 58.08 20.72 9.31
N THR C 278 58.30 21.50 10.36
CA THR C 278 58.98 21.02 11.58
C THR C 278 58.32 19.75 12.15
N THR C 279 59.14 18.85 12.70
CA THR C 279 58.64 17.66 13.39
C THR C 279 57.91 18.07 14.67
N GLN C 280 56.58 18.05 14.59
CA GLN C 280 55.70 18.50 15.66
C GLN C 280 54.89 17.32 16.23
N ILE C 281 54.80 17.25 17.55
CA ILE C 281 53.92 16.30 18.24
C ILE C 281 52.47 16.75 18.09
N PRO C 282 51.65 15.96 17.37
CA PRO C 282 50.28 16.37 17.06
C PRO C 282 49.52 16.74 18.34
N SER C 283 48.68 17.77 18.27
CA SER C 283 47.98 18.24 19.47
C SER C 283 46.96 17.23 19.99
N SER C 284 46.60 16.27 19.15
CA SER C 284 45.75 15.16 19.56
C SER C 284 46.51 14.27 20.54
N ILE C 285 47.76 13.98 20.20
CA ILE C 285 48.64 13.16 21.04
C ILE C 285 49.07 13.92 22.28
N GLU C 286 49.22 15.24 22.16
CA GLU C 286 49.46 16.11 23.31
C GLU C 286 48.31 15.96 24.31
N ASP C 287 47.07 15.96 23.79
CA ASP C 287 45.86 15.79 24.61
C ASP C 287 45.79 14.44 25.33
N ILE C 288 46.29 13.38 24.68
CA ILE C 288 46.28 12.05 25.29
C ILE C 288 47.21 12.04 26.52
N PHE C 289 48.42 12.56 26.33
CA PHE C 289 49.41 12.67 27.41
C PHE C 289 48.84 13.42 28.60
N ASN C 290 48.27 14.58 28.33
CA ASN C 290 47.71 15.44 29.38
C ASN C 290 46.41 14.93 30.01
N ASP C 291 45.97 13.75 29.59
CA ASP C 291 44.76 13.14 30.14
C ASP C 291 45.03 12.53 31.50
N ASP C 292 44.07 12.70 32.40
CA ASP C 292 44.08 12.10 33.72
C ASP C 292 44.48 10.61 33.70
N ARG C 293 43.98 9.87 32.72
CA ARG C 293 44.20 8.41 32.67
C ARG C 293 45.62 7.99 32.30
N CYS C 294 46.38 8.91 31.71
CA CYS C 294 47.80 8.67 31.35
C CYS C 294 48.76 9.11 32.46
N ILE C 295 48.49 10.30 33.03
CA ILE C 295 49.26 10.85 34.16
C ILE C 295 49.23 9.94 35.39
N ASN C 296 48.08 9.29 35.63
CA ASN C 296 47.87 8.55 36.87
C ASN C 296 47.69 7.05 36.69
N ILE C 297 48.77 6.38 36.28
CA ILE C 297 48.82 4.93 36.20
C ILE C 297 48.44 4.28 37.54
N THR C 298 47.58 3.26 37.45
CA THR C 298 47.26 2.39 38.59
C THR C 298 47.54 0.92 38.22
N LYS C 299 47.25 -0.01 39.14
CA LYS C 299 47.39 -1.44 38.87
C LYS C 299 46.23 -1.92 37.98
N GLN C 300 45.16 -1.12 37.97
CA GLN C 300 43.94 -1.41 37.23
C GLN C 300 44.00 -0.97 35.75
N THR C 301 44.63 0.19 35.50
CA THR C 301 44.92 0.73 34.16
C THR C 301 45.06 -0.29 33.00
N PRO C 302 44.38 -0.02 31.86
CA PRO C 302 44.40 -0.94 30.71
C PRO C 302 45.66 -0.84 29.86
N SER C 303 45.89 -1.90 29.08
CA SER C 303 47.04 -2.04 28.18
C SER C 303 47.35 -0.83 27.30
N PHE C 304 46.31 -0.13 26.84
CA PHE C 304 46.49 1.07 26.02
C PHE C 304 47.12 2.23 26.79
N TRP C 305 46.62 2.52 27.99
CA TRP C 305 47.11 3.69 28.74
C TRP C 305 48.49 3.47 29.30
N ILE C 306 48.88 2.21 29.49
CA ILE C 306 50.26 1.88 29.82
C ILE C 306 51.12 2.43 28.68
N LEU C 307 50.94 1.86 27.49
CA LEU C 307 51.65 2.30 26.30
C LEU C 307 51.59 3.81 26.09
N ALA C 308 50.44 4.41 26.40
CA ALA C 308 50.27 5.86 26.27
C ALA C 308 51.34 6.57 27.07
N ARG C 309 51.55 6.10 28.31
CA ARG C 309 52.57 6.66 29.19
C ARG C 309 54.00 6.25 28.78
N ALA C 310 54.17 5.01 28.34
CA ALA C 310 55.47 4.57 27.81
C ALA C 310 55.89 5.38 26.58
N LEU C 311 55.01 6.26 26.12
CA LEU C 311 55.31 7.18 25.02
C LEU C 311 55.58 8.58 25.54
N LYS C 312 54.87 8.98 26.59
CA LYS C 312 55.11 10.26 27.26
C LYS C 312 56.51 10.30 27.86
N GLU C 313 56.92 9.20 28.50
CA GLU C 313 58.24 9.07 29.12
C GLU C 313 59.36 9.12 28.08
N PHE C 314 59.12 8.52 26.91
CA PHE C 314 60.05 8.59 25.78
C PHE C 314 60.22 10.06 25.35
N VAL C 315 59.13 10.82 25.37
CA VAL C 315 59.19 12.22 24.97
C VAL C 315 60.04 13.03 25.95
N ALA C 316 60.02 12.64 27.22
CA ALA C 316 60.88 13.27 28.23
C ALA C 316 62.35 12.92 28.01
N LYS C 317 62.64 11.63 27.80
CA LYS C 317 64.02 11.13 27.69
C LYS C 317 64.49 11.01 26.25
N GLU C 318 64.65 9.78 25.77
CA GLU C 318 65.28 9.48 24.47
C GLU C 318 64.90 10.36 23.26
N GLY C 319 63.67 10.89 23.26
CA GLY C 319 63.14 11.63 22.10
C GLY C 319 63.34 13.14 22.15
N GLN C 320 64.11 13.60 23.14
CA GLN C 320 64.43 15.02 23.32
C GLN C 320 63.25 15.99 23.10
N GLY C 321 62.03 15.49 23.36
CA GLY C 321 60.80 16.29 23.20
C GLY C 321 59.89 15.90 22.05
N ASN C 322 60.21 14.80 21.35
CA ASN C 322 59.42 14.34 20.21
C ASN C 322 59.16 12.83 20.22
N LEU C 323 58.12 12.41 19.48
CA LEU C 323 57.70 10.99 19.33
C LEU C 323 58.77 10.13 18.68
N PRO C 324 58.57 8.79 18.64
CA PRO C 324 59.52 7.91 17.96
C PRO C 324 59.52 8.11 16.44
N VAL C 325 60.58 7.67 15.78
CA VAL C 325 60.65 7.73 14.33
C VAL C 325 59.76 6.64 13.75
N ARG C 326 59.00 6.99 12.70
CA ARG C 326 58.06 6.08 12.07
C ARG C 326 58.80 4.90 11.47
N GLY C 327 59.72 5.17 10.54
CA GLY C 327 60.50 4.11 9.90
C GLY C 327 60.09 3.79 8.48
N THR C 328 58.97 4.38 8.04
CA THR C 328 58.53 4.28 6.65
C THR C 328 58.98 5.54 5.93
N ILE C 329 59.18 5.40 4.62
CA ILE C 329 59.55 6.51 3.75
C ILE C 329 58.84 6.39 2.41
N PRO C 330 58.35 7.51 1.87
CA PRO C 330 57.64 7.50 0.60
C PRO C 330 58.57 7.01 -0.50
N ASP C 331 57.98 6.60 -1.61
CA ASP C 331 58.76 6.27 -2.79
C ASP C 331 59.29 7.55 -3.44
N MET C 332 60.45 7.44 -4.09
CA MET C 332 61.09 8.56 -4.76
C MET C 332 62.03 8.06 -5.84
N ILE C 333 62.46 8.94 -6.75
CA ILE C 333 63.37 8.48 -7.79
C ILE C 333 64.80 8.41 -7.23
N ALA C 334 65.32 7.19 -7.24
CA ALA C 334 66.66 6.85 -6.74
C ALA C 334 67.02 5.45 -7.21
N ASP C 335 68.32 5.16 -7.29
CA ASP C 335 68.76 3.79 -7.57
C ASP C 335 68.57 2.91 -6.34
N SER C 336 68.26 1.64 -6.58
CA SER C 336 67.99 0.65 -5.53
C SER C 336 68.87 0.85 -4.29
N GLY C 337 70.18 0.75 -4.47
CA GLY C 337 71.15 0.84 -3.38
C GLY C 337 70.98 2.04 -2.49
N LYS C 338 70.88 3.22 -3.11
CA LYS C 338 70.79 4.49 -2.37
C LYS C 338 69.46 4.62 -1.65
N TYR C 339 68.41 4.07 -2.25
CA TYR C 339 67.08 4.04 -1.63
C TYR C 339 67.06 3.09 -0.43
N ILE C 340 67.48 1.85 -0.67
CA ILE C 340 67.54 0.78 0.35
C ILE C 340 68.33 1.18 1.59
N LYS C 341 69.49 1.81 1.39
CA LYS C 341 70.34 2.24 2.49
C LYS C 341 69.67 3.36 3.28
N LEU C 342 69.04 4.30 2.58
CA LEU C 342 68.33 5.40 3.21
C LEU C 342 67.10 4.88 3.97
N GLN C 343 66.49 3.84 3.43
CA GLN C 343 65.34 3.21 4.07
C GLN C 343 65.74 2.58 5.40
N ASN C 344 66.84 1.83 5.36
CA ASN C 344 67.29 1.08 6.52
C ASN C 344 67.84 1.96 7.62
N VAL C 345 68.28 3.16 7.28
CA VAL C 345 68.67 4.15 8.32
C VAL C 345 67.45 4.60 9.12
N TYR C 346 66.38 4.94 8.41
CA TYR C 346 65.09 5.27 9.04
C TYR C 346 64.52 4.08 9.81
N ARG C 347 64.45 2.93 9.15
CA ARG C 347 63.89 1.72 9.74
C ARG C 347 64.57 1.36 11.08
N GLU C 348 65.90 1.32 11.08
CA GLU C 348 66.67 0.88 12.25
C GLU C 348 66.51 1.80 13.44
N LYS C 349 66.45 3.10 13.20
CA LYS C 349 66.23 4.06 14.28
C LYS C 349 64.88 3.81 14.93
N ALA C 350 63.90 3.34 14.14
CA ALA C 350 62.58 2.97 14.66
C ALA C 350 62.65 1.74 15.57
N LYS C 351 63.24 0.66 15.05
CA LYS C 351 63.50 -0.54 15.85
C LYS C 351 64.25 -0.22 17.15
N LYS C 352 65.12 0.78 17.09
CA LYS C 352 65.87 1.25 18.25
C LYS C 352 64.99 2.07 19.21
N ASP C 353 64.12 2.90 18.64
CA ASP C 353 63.23 3.78 19.43
C ASP C 353 62.08 3.00 20.05
N ALA C 354 61.68 1.92 19.36
CA ALA C 354 60.64 1.03 19.86
C ALA C 354 61.15 0.25 21.07
N ALA C 355 62.35 -0.30 20.93
CA ALA C 355 63.03 -0.99 22.01
C ALA C 355 63.31 -0.05 23.18
N ALA C 356 63.42 1.23 22.90
CA ALA C 356 63.56 2.22 23.97
C ALA C 356 62.24 2.38 24.71
N VAL C 357 61.14 2.33 23.97
CA VAL C 357 59.79 2.37 24.54
C VAL C 357 59.53 1.06 25.31
N GLY C 358 59.99 -0.06 24.73
CA GLY C 358 59.90 -1.39 25.34
C GLY C 358 60.53 -1.52 26.72
N ASN C 359 61.52 -0.68 26.99
CA ASN C 359 62.12 -0.58 28.32
C ASN C 359 61.26 0.25 29.27
N HIS C 360 60.64 1.31 28.74
CA HIS C 360 59.69 2.11 29.52
C HIS C 360 58.42 1.34 29.82
N VAL C 361 58.19 0.29 29.02
CA VAL C 361 57.09 -0.65 29.26
C VAL C 361 57.35 -1.43 30.55
N ALA C 362 58.48 -2.14 30.59
CA ALA C 362 58.89 -2.91 31.76
C ALA C 362 59.00 -2.07 33.04
N LYS C 363 59.56 -0.87 32.93
CA LYS C 363 59.75 0.02 34.08
C LYS C 363 58.42 0.51 34.67
N LEU C 364 57.38 0.51 33.85
CA LEU C 364 56.03 0.86 34.31
C LEU C 364 55.29 -0.37 34.83
N LEU C 365 55.59 -1.52 34.24
CA LEU C 365 55.12 -2.82 34.76
C LEU C 365 55.78 -3.21 36.09
N GLN C 366 56.78 -2.43 36.50
CA GLN C 366 57.31 -2.50 37.87
C GLN C 366 56.28 -1.93 38.84
N SER C 367 55.93 -0.65 38.66
CA SER C 367 54.90 0.01 39.49
C SER C 367 53.59 -0.78 39.53
N ILE C 368 53.25 -1.41 38.40
CA ILE C 368 52.04 -2.22 38.29
C ILE C 368 52.26 -3.60 38.93
N GLY C 369 53.42 -4.20 38.68
CA GLY C 369 53.75 -5.50 39.25
C GLY C 369 53.27 -6.65 38.39
N GLN C 370 53.58 -6.59 37.09
CA GLN C 370 53.23 -7.63 36.12
C GLN C 370 54.42 -7.90 35.21
N ALA C 371 54.55 -9.14 34.75
CA ALA C 371 55.69 -9.56 33.93
C ALA C 371 55.95 -8.65 32.73
N PRO C 372 57.24 -8.35 32.46
CA PRO C 372 57.64 -7.44 31.38
C PRO C 372 57.17 -7.89 29.98
N GLU C 373 57.17 -9.19 29.73
CA GLU C 373 56.84 -9.74 28.42
C GLU C 373 55.34 -9.98 28.16
N SER C 374 54.48 -9.29 28.93
CA SER C 374 53.03 -9.41 28.76
C SER C 374 52.51 -8.70 27.49
N ILE C 375 53.15 -7.59 27.13
CA ILE C 375 52.88 -6.89 25.88
C ILE C 375 53.95 -7.26 24.86
N SER C 376 53.54 -7.94 23.77
CA SER C 376 54.49 -8.45 22.79
C SER C 376 55.12 -7.37 21.90
N GLU C 377 56.27 -7.71 21.30
CA GLU C 377 56.97 -6.84 20.35
C GLU C 377 56.15 -6.63 19.07
N LYS C 378 55.36 -7.65 18.72
CA LYS C 378 54.42 -7.56 17.61
C LYS C 378 53.38 -6.45 17.84
N GLU C 379 53.08 -6.21 19.12
CA GLU C 379 52.15 -5.14 19.54
C GLU C 379 52.89 -3.82 19.78
N LEU C 380 54.19 -3.92 20.04
CA LEU C 380 54.99 -2.75 20.32
C LEU C 380 55.32 -2.01 19.03
N LYS C 381 55.54 -2.78 17.96
CA LYS C 381 55.69 -2.23 16.62
C LYS C 381 54.54 -1.30 16.27
N LEU C 382 53.32 -1.84 16.33
CA LEU C 382 52.11 -1.11 15.95
C LEU C 382 51.94 0.21 16.70
N LEU C 383 52.19 0.19 18.02
CA LEU C 383 52.08 1.42 18.80
C LEU C 383 53.12 2.46 18.41
N CYS C 384 54.32 2.00 18.03
CA CYS C 384 55.38 2.92 17.63
C CYS C 384 55.22 3.44 16.20
N SER C 385 54.86 2.54 15.27
CA SER C 385 54.38 2.96 13.95
C SER C 385 53.34 4.08 14.05
N ASN C 386 52.31 3.83 14.86
CA ASN C 386 51.16 4.71 14.94
C ASN C 386 51.17 5.65 16.14
N SER C 387 52.37 6.03 16.59
CA SER C 387 52.52 6.90 17.75
C SER C 387 51.87 8.26 17.58
N ALA C 388 51.65 8.65 16.32
CA ALA C 388 51.09 9.95 15.97
C ALA C 388 49.59 9.88 15.66
N PHE C 389 49.08 8.67 15.55
CA PHE C 389 47.75 8.43 15.02
C PHE C 389 46.76 7.88 16.06
N LEU C 390 47.14 7.93 17.33
CA LEU C 390 46.31 7.36 18.38
C LEU C 390 45.10 8.26 18.58
N ARG C 391 43.95 7.63 18.83
CA ARG C 391 42.71 8.36 19.05
C ARG C 391 41.95 7.74 20.19
N VAL C 392 41.38 8.59 21.03
CA VAL C 392 40.54 8.17 22.14
C VAL C 392 39.16 8.78 21.92
N VAL C 393 38.17 7.92 21.71
CA VAL C 393 36.81 8.41 21.54
C VAL C 393 36.00 8.10 22.79
N ARG C 394 35.34 9.12 23.33
CA ARG C 394 34.50 8.95 24.50
C ARG C 394 33.07 9.42 24.19
N CYS C 395 32.09 8.63 24.62
CA CYS C 395 30.69 8.94 24.35
C CYS C 395 29.93 9.31 25.61
N ARG C 396 29.16 10.39 25.54
CA ARG C 396 28.25 10.71 26.62
C ARG C 396 27.20 9.62 26.69
N SER C 397 26.81 9.25 27.92
CA SER C 397 25.75 8.26 28.14
C SER C 397 24.43 8.76 27.55
N LEU C 398 23.47 7.85 27.43
CA LEU C 398 22.15 8.27 26.97
C LEU C 398 21.45 9.12 28.03
N ALA C 399 21.62 8.76 29.31
CA ALA C 399 21.02 9.51 30.42
C ALA C 399 21.48 10.96 30.43
N GLU C 400 22.73 11.18 30.04
CA GLU C 400 23.27 12.54 29.90
C GLU C 400 22.55 13.35 28.83
N GLU C 401 22.42 12.78 27.63
CA GLU C 401 21.73 13.40 26.49
C GLU C 401 20.28 13.73 26.81
N TYR C 402 19.65 12.87 27.60
CA TYR C 402 18.23 12.96 27.87
C TYR C 402 17.95 13.72 29.16
N GLY C 403 18.99 13.89 29.98
CA GLY C 403 18.88 14.64 31.22
C GLY C 403 18.51 16.08 30.93
N LEU C 404 17.61 16.64 31.74
CA LEU C 404 17.17 18.03 31.58
C LEU C 404 18.32 19.01 31.79
N ASP C 405 19.21 18.66 32.72
CA ASP C 405 20.31 19.52 33.12
C ASP C 405 21.58 19.21 32.35
N THR C 406 21.51 18.24 31.46
CA THR C 406 22.73 17.77 30.79
C THR C 406 22.67 17.72 29.26
N ILE C 407 21.52 18.07 28.69
CA ILE C 407 21.34 18.21 27.24
C ILE C 407 22.43 19.10 26.61
N ASN C 408 22.84 18.80 25.37
CA ASN C 408 23.79 19.66 24.66
C ASN C 408 23.08 20.74 23.85
N LYS C 409 22.34 21.61 24.55
CA LYS C 409 21.48 22.63 23.94
C LYS C 409 22.22 23.54 22.96
N ASP C 410 23.40 24.00 23.33
CA ASP C 410 24.22 24.82 22.41
C ASP C 410 24.28 24.15 21.05
N GLU C 411 24.66 22.86 21.01
CA GLU C 411 24.75 22.08 19.77
C GLU C 411 23.44 22.06 18.95
N ILE C 412 22.32 21.82 19.64
CA ILE C 412 21.01 21.79 18.98
C ILE C 412 20.65 23.16 18.41
N ILE C 413 20.61 24.19 19.25
CA ILE C 413 20.25 25.55 18.80
C ILE C 413 21.17 26.02 17.68
N SER C 414 22.48 25.87 17.90
CA SER C 414 23.47 26.25 16.91
C SER C 414 23.19 25.65 15.54
N SER C 415 22.78 24.39 15.52
CA SER C 415 22.54 23.68 14.27
C SER C 415 21.20 24.06 13.61
N MET C 416 20.20 24.37 14.44
CA MET C 416 18.88 24.74 13.95
C MET C 416 18.79 26.09 13.22
N ASP C 417 19.91 26.82 13.15
CA ASP C 417 19.96 28.09 12.40
C ASP C 417 19.58 27.86 10.92
N ASN C 418 20.15 26.83 10.32
CA ASN C 418 19.60 26.26 9.10
C ASN C 418 18.33 25.49 9.46
N PRO C 419 17.15 25.98 9.06
CA PRO C 419 15.94 25.29 9.52
C PRO C 419 15.78 23.86 8.95
N ASP C 420 16.52 23.54 7.87
CA ASP C 420 16.55 22.19 7.27
C ASP C 420 17.85 21.43 7.53
N ASN C 421 18.51 21.75 8.64
CA ASN C 421 19.68 21.02 9.11
C ASN C 421 19.23 19.66 9.61
N GLU C 422 19.99 18.61 9.31
CA GLU C 422 19.69 17.24 9.80
C GLU C 422 19.11 17.15 11.21
N ILE C 423 19.54 18.04 12.11
CA ILE C 423 19.05 18.01 13.49
C ILE C 423 17.53 18.05 13.65
N VAL C 424 16.79 18.70 12.73
CA VAL C 424 15.31 18.67 12.81
C VAL C 424 14.82 17.25 12.87
N LEU C 425 15.46 16.39 12.07
CA LEU C 425 15.07 15.00 11.95
C LEU C 425 15.20 14.26 13.27
N TYR C 426 16.24 14.60 14.02
CA TYR C 426 16.40 14.14 15.40
C TYR C 426 15.31 14.68 16.29
N LEU C 427 14.99 15.97 16.16
CA LEU C 427 14.01 16.61 17.02
C LEU C 427 12.67 15.98 16.79
N MET C 428 12.38 15.74 15.52
CA MET C 428 11.15 15.08 15.10
C MET C 428 11.07 13.66 15.66
N LEU C 429 12.19 12.94 15.61
CA LEU C 429 12.25 11.61 16.22
C LEU C 429 11.88 11.68 17.69
N ARG C 430 12.44 12.63 18.40
CA ARG C 430 12.12 12.80 19.81
C ARG C 430 10.64 13.14 20.03
N ALA C 431 10.08 13.97 19.15
CA ALA C 431 8.66 14.32 19.23
C ALA C 431 7.80 13.07 19.02
N VAL C 432 8.15 12.29 17.99
CA VAL C 432 7.51 11.01 17.67
C VAL C 432 7.52 10.02 18.84
N ASP C 433 8.66 9.92 19.53
CA ASP C 433 8.80 9.03 20.68
C ASP C 433 7.93 9.46 21.84
N ARG C 434 7.84 10.76 22.05
CA ARG C 434 6.94 11.35 23.02
C ARG C 434 5.49 11.05 22.64
N PHE C 435 5.17 11.25 21.36
CA PHE C 435 3.85 10.93 20.84
C PHE C 435 3.52 9.49 21.16
N HIS C 436 4.45 8.59 20.84
CA HIS C 436 4.20 7.18 21.03
C HIS C 436 3.84 6.81 22.47
N LYS C 437 4.63 7.28 23.42
CA LYS C 437 4.38 6.91 24.81
C LYS C 437 3.15 7.59 25.43
N GLN C 438 2.72 8.71 24.87
CA GLN C 438 1.43 9.28 25.21
C GLN C 438 0.29 8.43 24.66
N GLN C 439 0.44 7.99 23.41
CA GLN C 439 -0.68 7.48 22.62
C GLN C 439 -0.69 5.96 22.45
N GLY C 440 0.36 5.29 22.91
CA GLY C 440 0.50 3.86 22.71
C GLY C 440 0.63 3.42 21.25
N ARG C 441 0.98 4.34 20.37
CA ARG C 441 0.99 4.11 18.92
C ARG C 441 1.77 5.23 18.23
N TYR C 442 2.23 4.99 17.00
CA TYR C 442 2.93 6.03 16.25
C TYR C 442 1.98 6.88 15.42
N PRO C 443 2.42 8.10 15.03
CA PRO C 443 1.52 8.94 14.25
C PRO C 443 1.30 8.47 12.81
N GLY C 444 0.03 8.50 12.39
CA GLY C 444 -0.34 8.38 10.99
C GLY C 444 -0.11 7.01 10.38
N VAL C 445 -0.18 5.98 11.20
CA VAL C 445 0.05 4.61 10.74
C VAL C 445 -1.11 4.16 9.86
N SER C 446 -2.32 4.44 10.35
CA SER C 446 -3.54 4.16 9.63
C SER C 446 -3.93 5.38 8.78
N ASN C 447 -4.57 5.16 7.64
CA ASN C 447 -5.08 6.28 6.85
C ASN C 447 -6.14 7.07 7.59
N TYR C 448 -6.88 6.41 8.49
CA TYR C 448 -7.89 7.10 9.28
C TYR C 448 -7.23 8.19 10.10
N GLN C 449 -6.01 7.94 10.56
CA GLN C 449 -5.46 8.76 11.64
C GLN C 449 -4.51 9.89 11.23
N VAL C 450 -4.02 9.88 9.99
CA VAL C 450 -3.19 10.98 9.46
C VAL C 450 -3.69 12.42 9.74
N GLU C 451 -4.94 12.73 9.41
CA GLU C 451 -5.47 14.11 9.49
C GLU C 451 -5.35 14.76 10.87
N GLU C 452 -5.92 14.12 11.89
CA GLU C 452 -5.91 14.67 13.23
C GLU C 452 -4.58 14.50 13.95
N ASP C 453 -3.72 13.62 13.43
CA ASP C 453 -2.43 13.34 14.06
C ASP C 453 -1.39 14.40 13.83
N ILE C 454 -1.50 15.11 12.70
CA ILE C 454 -0.65 16.26 12.44
C ILE C 454 -0.81 17.23 13.61
N GLY C 455 -2.05 17.44 14.03
CA GLY C 455 -2.36 18.16 15.25
C GLY C 455 -1.61 17.56 16.42
N LYS C 456 -1.96 16.33 16.78
CA LYS C 456 -1.45 15.67 18.01
C LYS C 456 0.08 15.59 18.10
N LEU C 457 0.75 15.56 16.94
CA LEU C 457 2.21 15.46 16.88
C LEU C 457 2.91 16.81 17.11
N LYS C 458 2.34 17.90 16.56
CA LYS C 458 2.84 19.26 16.85
C LYS C 458 2.76 19.55 18.35
N SER C 459 1.69 19.10 18.99
CA SER C 459 1.53 19.32 20.42
C SER C 459 2.66 18.67 21.22
N CYS C 460 3.07 17.46 20.80
CA CYS C 460 4.18 16.74 21.44
C CYS C 460 5.51 17.40 21.14
N LEU C 461 5.66 17.93 19.93
CA LEU C 461 6.86 18.65 19.55
C LEU C 461 7.05 19.88 20.43
N THR C 462 5.98 20.63 20.63
CA THR C 462 5.98 21.81 21.50
C THR C 462 6.35 21.41 22.93
N GLY C 463 5.75 20.31 23.40
CA GLY C 463 6.02 19.78 24.74
C GLY C 463 7.47 19.39 24.96
N PHE C 464 8.07 18.74 23.95
CA PHE C 464 9.46 18.34 24.00
C PHE C 464 10.36 19.55 23.98
N LEU C 465 10.06 20.50 23.09
CA LEU C 465 10.82 21.74 23.00
C LEU C 465 10.65 22.66 24.22
N GLN C 466 9.54 22.53 24.94
CA GLN C 466 9.32 23.35 26.12
C GLN C 466 10.04 22.79 27.34
N GLU C 467 9.80 21.51 27.62
CA GLU C 467 10.39 20.81 28.76
C GLU C 467 11.90 20.98 28.81
N TYR C 468 12.54 20.95 27.64
CA TYR C 468 13.98 21.08 27.56
C TYR C 468 14.42 22.53 27.34
N GLY C 469 13.45 23.44 27.33
CA GLY C 469 13.73 24.87 27.15
C GLY C 469 14.46 25.18 25.86
N LEU C 470 13.90 24.75 24.74
CA LEU C 470 14.52 24.96 23.44
C LEU C 470 13.70 25.92 22.60
N SER C 471 14.29 27.08 22.32
CA SER C 471 13.71 28.06 21.43
C SER C 471 14.32 27.86 20.05
N VAL C 472 13.67 26.99 19.27
CA VAL C 472 14.02 26.71 17.88
C VAL C 472 12.72 26.57 17.10
N MET C 473 12.69 27.06 15.87
CA MET C 473 11.48 26.93 15.07
C MET C 473 11.58 25.74 14.12
N VAL C 474 10.55 24.90 14.12
CA VAL C 474 10.49 23.72 13.26
C VAL C 474 9.41 23.89 12.20
N LYS C 475 9.81 23.87 10.94
CA LYS C 475 8.87 24.00 9.83
C LYS C 475 7.75 22.98 9.94
N ASP C 476 6.51 23.46 9.79
CA ASP C 476 5.33 22.60 9.91
C ASP C 476 5.34 21.48 8.87
N ASP C 477 6.06 21.70 7.78
CA ASP C 477 6.25 20.68 6.75
C ASP C 477 6.89 19.40 7.31
N TYR C 478 7.65 19.51 8.39
CA TYR C 478 8.25 18.34 9.01
C TYR C 478 7.23 17.51 9.79
N VAL C 479 6.41 18.15 10.63
CA VAL C 479 5.32 17.47 11.33
C VAL C 479 4.43 16.73 10.31
N HIS C 480 4.10 17.42 9.21
CA HIS C 480 3.37 16.81 8.11
C HIS C 480 4.08 15.57 7.56
N GLU C 481 5.39 15.68 7.35
CA GLU C 481 6.17 14.63 6.71
C GLU C 481 6.30 13.39 7.59
N PHE C 482 6.48 13.61 8.89
CA PHE C 482 6.64 12.51 9.81
C PHE C 482 5.35 11.73 10.02
N CYS C 483 4.21 12.38 9.82
CA CYS C 483 2.94 11.67 9.78
C CYS C 483 2.86 10.85 8.51
N ARG C 484 3.22 11.46 7.39
CA ARG C 484 3.22 10.78 6.10
C ARG C 484 3.89 9.42 6.26
N TYR C 485 5.11 9.43 6.81
CA TYR C 485 5.88 8.20 7.05
C TYR C 485 5.06 7.04 7.63
N GLY C 486 4.21 7.35 8.61
CA GLY C 486 3.40 6.34 9.28
C GLY C 486 4.24 5.23 9.87
N ALA C 487 5.41 5.61 10.42
CA ALA C 487 6.39 4.68 10.96
C ALA C 487 6.89 3.61 9.96
N ALA C 488 6.84 3.90 8.66
CA ALA C 488 7.34 2.96 7.66
C ALA C 488 8.83 2.69 7.87
N GLU C 489 9.28 1.52 7.40
CA GLU C 489 10.67 1.17 7.51
C GLU C 489 11.21 0.90 6.11
N PRO C 490 11.21 1.93 5.24
CA PRO C 490 11.53 1.67 3.84
C PRO C 490 12.82 0.85 3.76
N HIS C 491 12.85 -0.13 2.86
CA HIS C 491 14.02 -1.00 2.78
C HIS C 491 15.32 -0.31 2.42
N THR C 492 15.27 0.64 1.48
CA THR C 492 16.51 1.24 1.01
C THR C 492 17.08 2.24 2.01
N ILE C 493 16.21 2.74 2.90
CA ILE C 493 16.68 3.52 4.02
C ILE C 493 17.42 2.60 4.99
N ALA C 494 16.77 1.52 5.39
CA ALA C 494 17.35 0.60 6.35
C ALA C 494 18.64 -0.05 5.87
N ALA C 495 18.69 -0.43 4.59
CA ALA C 495 19.91 -0.95 3.95
C ALA C 495 21.07 0.01 4.15
N PHE C 496 20.81 1.29 3.91
CA PHE C 496 21.81 2.33 4.08
C PHE C 496 22.36 2.30 5.51
N LEU C 497 21.46 2.41 6.48
CA LEU C 497 21.84 2.42 7.90
C LEU C 497 22.56 1.13 8.25
N GLY C 498 22.03 0.01 7.78
CA GLY C 498 22.69 -1.28 7.90
C GLY C 498 24.15 -1.34 7.47
N GLY C 499 24.51 -0.63 6.41
CA GLY C 499 25.89 -0.59 5.96
C GLY C 499 26.72 0.28 6.90
N ALA C 500 26.18 1.46 7.18
CA ALA C 500 26.84 2.44 8.01
C ALA C 500 27.02 1.89 9.41
N ALA C 501 25.97 1.25 9.92
CA ALA C 501 25.98 0.73 11.28
C ALA C 501 26.99 -0.39 11.41
N ALA C 502 26.99 -1.30 10.44
CA ALA C 502 27.77 -2.53 10.51
C ALA C 502 29.26 -2.21 10.60
N GLN C 503 29.68 -1.20 9.86
CA GLN C 503 31.09 -0.84 9.83
C GLN C 503 31.54 -0.22 11.15
N GLU C 504 30.67 0.61 11.75
CA GLU C 504 30.96 1.16 13.07
C GLU C 504 31.13 0.04 14.10
N VAL C 505 30.31 -0.99 13.99
CA VAL C 505 30.38 -2.15 14.89
C VAL C 505 31.71 -2.88 14.71
N ILE C 506 32.13 -3.06 13.45
CA ILE C 506 33.41 -3.68 13.13
C ILE C 506 34.55 -2.83 13.70
N LYS C 507 34.41 -1.51 13.60
CA LYS C 507 35.34 -0.58 14.29
C LYS C 507 35.48 -0.86 15.78
N ILE C 508 34.35 -1.02 16.48
CA ILE C 508 34.42 -1.38 17.90
C ILE C 508 35.16 -2.71 18.06
N ILE C 509 34.69 -3.75 17.36
CA ILE C 509 35.25 -5.08 17.47
C ILE C 509 36.77 -5.10 17.26
N THR C 510 37.24 -4.61 16.10
CA THR C 510 38.66 -4.75 15.73
C THR C 510 39.56 -3.74 16.41
N LYS C 511 38.94 -2.76 17.06
CA LYS C 511 39.64 -1.60 17.61
C LYS C 511 40.40 -0.83 16.54
N GLN C 512 40.24 -1.24 15.28
CA GLN C 512 40.78 -0.51 14.13
C GLN C 512 39.83 0.59 13.65
N PHE C 513 40.38 1.58 12.93
CA PHE C 513 39.63 2.75 12.43
C PHE C 513 39.01 3.62 13.56
N VAL C 514 38.33 4.70 13.20
CA VAL C 514 37.76 5.60 14.21
C VAL C 514 36.22 5.63 14.17
N ILE C 515 35.59 5.31 15.30
CA ILE C 515 34.12 5.32 15.41
C ILE C 515 33.57 6.74 15.37
N PHE C 516 32.33 6.88 14.91
CA PHE C 516 31.72 8.20 14.87
C PHE C 516 31.42 8.67 16.29
N ASN C 517 31.38 9.97 16.53
CA ASN C 517 31.13 10.39 17.92
C ASN C 517 29.73 10.93 18.13
N ASN C 518 28.84 9.96 18.35
CA ASN C 518 27.60 10.16 19.05
C ASN C 518 26.32 9.90 18.26
N THR C 519 25.95 10.82 17.39
CA THR C 519 24.66 10.72 16.73
C THR C 519 24.78 10.99 15.25
N TYR C 520 24.55 9.95 14.45
CA TYR C 520 24.55 10.07 12.99
C TYR C 520 23.11 10.21 12.52
N ILE C 521 22.86 11.13 11.59
CA ILE C 521 21.53 11.34 11.03
C ILE C 521 21.60 11.28 9.52
N TYR C 522 20.89 10.32 8.95
CA TYR C 522 20.84 10.18 7.51
C TYR C 522 19.45 10.61 7.08
N SER C 523 19.41 11.33 5.96
CA SER C 523 18.17 11.88 5.44
C SER C 523 17.96 11.43 4.01
N GLY C 524 17.16 10.38 3.83
CA GLY C 524 16.87 9.84 2.50
C GLY C 524 16.22 10.80 1.52
N MET C 525 15.58 11.84 2.05
CA MET C 525 14.99 12.90 1.25
C MET C 525 16.05 13.60 0.41
N SER C 526 17.05 14.15 1.08
CA SER C 526 18.10 14.95 0.45
C SER C 526 19.38 14.19 0.16
N GLN C 527 19.51 13.00 0.74
CA GLN C 527 20.71 12.18 0.62
C GLN C 527 21.88 12.94 1.20
N THR C 528 21.70 13.39 2.42
CA THR C 528 22.72 14.13 3.14
C THR C 528 22.77 13.53 4.54
N SER C 529 23.91 13.66 5.21
CA SER C 529 24.07 13.09 6.54
C SER C 529 24.92 13.99 7.43
N ALA C 530 24.80 13.84 8.75
CA ALA C 530 25.52 14.69 9.66
C ALA C 530 25.76 13.99 11.00
N THR C 531 26.98 14.08 11.52
CA THR C 531 27.28 13.54 12.84
C THR C 531 27.19 14.66 13.87
N PHE C 532 26.41 14.44 14.92
CA PHE C 532 26.27 15.40 16.01
C PHE C 532 26.80 14.77 17.29
N GLN C 533 27.00 15.59 18.31
CA GLN C 533 27.50 15.11 19.61
C GLN C 533 26.56 15.59 20.68
N LEU C 534 25.60 14.74 21.03
CA LEU C 534 24.58 15.07 22.00
C LEU C 534 24.89 14.44 23.35
N ASP D 33 0.59 -11.18 -4.35
CA ASP D 33 0.82 -10.35 -3.11
C ASP D 33 0.03 -10.89 -1.93
N TRP D 34 0.39 -10.46 -0.72
CA TRP D 34 -0.28 -10.90 0.51
C TRP D 34 -0.53 -9.72 1.45
N GLU D 35 -1.42 -9.95 2.41
CA GLU D 35 -1.82 -8.91 3.37
C GLU D 35 -0.62 -8.24 3.97
N GLY D 36 -0.53 -6.93 3.71
CA GLY D 36 0.47 -6.07 4.33
C GLY D 36 1.78 -5.97 3.59
N ARG D 37 1.96 -6.74 2.52
CA ARG D 37 3.25 -6.84 1.87
C ARG D 37 3.90 -5.48 1.59
N TRP D 38 3.19 -4.61 0.91
CA TRP D 38 3.80 -3.38 0.40
C TRP D 38 3.52 -2.15 1.27
N ASN D 39 3.19 -2.38 2.54
CA ASN D 39 2.82 -1.30 3.44
C ASN D 39 3.94 -0.29 3.70
N HIS D 40 5.19 -0.72 3.49
CA HIS D 40 6.34 0.15 3.63
C HIS D 40 6.64 0.98 2.38
N VAL D 41 5.84 0.81 1.34
CA VAL D 41 6.03 1.50 0.06
C VAL D 41 4.78 2.31 -0.28
N LYS D 42 3.62 1.73 0.02
CA LYS D 42 2.32 2.35 -0.21
C LYS D 42 2.21 3.76 0.36
N LYS D 43 2.66 3.93 1.60
CA LYS D 43 2.67 5.22 2.27
C LYS D 43 3.24 6.35 1.40
N PHE D 44 4.21 6.02 0.54
CA PHE D 44 4.88 7.03 -0.28
C PHE D 44 4.25 7.22 -1.65
N LEU D 45 3.28 6.39 -1.99
CA LEU D 45 2.62 6.48 -3.28
C LEU D 45 1.17 6.89 -3.15
N GLU D 46 0.56 6.54 -2.01
CA GLU D 46 -0.85 6.76 -1.76
C GLU D 46 -1.11 8.07 -1.05
N ARG D 47 -0.08 8.54 -0.32
CA ARG D 47 -0.18 9.75 0.48
C ARG D 47 0.62 10.93 -0.11
N SER D 48 0.06 12.12 -0.01
CA SER D 48 0.77 13.33 -0.38
C SER D 48 1.63 13.81 0.78
N GLY D 49 2.44 14.83 0.52
CA GLY D 49 3.43 15.32 1.47
C GLY D 49 4.19 16.54 0.97
N PRO D 50 4.78 17.32 1.89
CA PRO D 50 5.47 18.55 1.54
C PRO D 50 6.64 18.40 0.57
N PHE D 51 7.47 17.37 0.75
CA PHE D 51 8.72 17.28 0.00
C PHE D 51 8.67 16.39 -1.25
N THR D 52 7.47 16.22 -1.80
CA THR D 52 7.25 15.41 -2.99
C THR D 52 7.64 16.20 -4.23
N HIS D 53 7.96 15.50 -5.31
CA HIS D 53 8.22 16.15 -6.60
C HIS D 53 6.96 16.83 -7.11
N PRO D 54 7.10 18.07 -7.62
CA PRO D 54 6.02 18.80 -8.30
C PRO D 54 5.05 17.93 -9.13
N ASP D 55 5.59 16.91 -9.81
CA ASP D 55 4.78 16.07 -10.70
C ASP D 55 4.03 14.93 -10.01
N PHE D 56 4.30 14.69 -8.73
CA PHE D 56 3.72 13.57 -7.97
C PHE D 56 2.19 13.58 -7.91
N GLU D 57 1.57 12.43 -8.19
CA GLU D 57 0.13 12.23 -7.99
C GLU D 57 -0.21 11.05 -7.05
N PRO D 58 -0.84 11.33 -5.90
CA PRO D 58 -1.26 10.30 -4.95
C PRO D 58 -2.33 9.42 -5.58
N SER D 59 -2.10 8.11 -5.57
CA SER D 59 -2.97 7.15 -6.20
C SER D 59 -2.79 5.78 -5.60
N THR D 60 -3.84 4.96 -5.60
CA THR D 60 -3.72 3.57 -5.13
C THR D 60 -3.17 2.67 -6.22
N GLU D 61 -3.24 3.12 -7.47
CA GLU D 61 -2.67 2.35 -8.56
C GLU D 61 -1.34 2.92 -9.07
N SER D 62 -0.61 3.64 -8.22
CA SER D 62 0.77 4.03 -8.52
C SER D 62 1.64 2.80 -8.35
N LEU D 63 1.43 2.08 -7.25
CA LEU D 63 2.19 0.89 -6.92
C LEU D 63 2.02 -0.20 -7.96
N GLN D 64 0.77 -0.58 -8.22
CA GLN D 64 0.46 -1.65 -9.17
C GLN D 64 1.03 -1.35 -10.56
N PHE D 65 0.97 -0.08 -10.97
CA PHE D 65 1.52 0.37 -12.26
C PHE D 65 3.04 0.22 -12.25
N LEU D 66 3.64 0.45 -11.08
CA LEU D 66 5.08 0.24 -10.89
C LEU D 66 5.42 -1.25 -11.02
N LEU D 67 4.80 -2.07 -10.18
CA LEU D 67 5.04 -3.52 -10.15
C LEU D 67 4.91 -4.18 -11.50
N ASP D 68 3.98 -3.67 -12.32
CA ASP D 68 3.59 -4.31 -13.58
C ASP D 68 4.44 -3.91 -14.78
N THR D 69 4.70 -2.60 -14.93
CA THR D 69 5.18 -2.07 -16.20
C THR D 69 6.55 -1.40 -16.23
N CYS D 70 7.04 -0.93 -15.08
CA CYS D 70 8.33 -0.23 -15.03
C CYS D 70 9.53 -1.15 -15.25
N LYS D 71 10.13 -1.06 -16.44
CA LYS D 71 11.30 -1.87 -16.79
C LYS D 71 12.61 -1.22 -16.33
N VAL D 72 13.32 -1.89 -15.43
CA VAL D 72 14.59 -1.41 -14.90
C VAL D 72 15.74 -2.37 -15.24
N LEU D 73 16.85 -1.84 -15.75
CA LEU D 73 18.05 -2.64 -16.02
C LEU D 73 19.15 -2.39 -14.99
N VAL D 74 19.59 -3.47 -14.37
CA VAL D 74 20.67 -3.43 -13.39
C VAL D 74 21.91 -3.95 -14.08
N ILE D 75 23.00 -3.20 -14.02
CA ILE D 75 24.22 -3.62 -14.69
C ILE D 75 25.31 -4.05 -13.72
N GLY D 76 25.61 -5.35 -13.75
CA GLY D 76 26.59 -5.96 -12.90
C GLY D 76 25.93 -6.71 -11.78
N ALA D 77 26.30 -7.97 -11.59
CA ALA D 77 25.79 -8.77 -10.48
C ALA D 77 26.84 -8.97 -9.40
N GLY D 78 27.71 -7.98 -9.22
CA GLY D 78 28.77 -8.08 -8.22
C GLY D 78 28.34 -7.60 -6.85
N GLY D 79 29.28 -7.00 -6.13
CA GLY D 79 29.02 -6.38 -4.82
C GLY D 79 27.85 -5.39 -4.88
N LEU D 80 28.01 -4.31 -5.62
CA LEU D 80 26.92 -3.34 -5.77
C LEU D 80 25.68 -3.97 -6.39
N GLY D 81 25.89 -4.76 -7.45
CA GLY D 81 24.82 -5.36 -8.23
C GLY D 81 23.87 -6.18 -7.41
N CYS D 82 24.41 -7.12 -6.63
CA CYS D 82 23.60 -7.99 -5.77
C CYS D 82 22.72 -7.19 -4.83
N GLU D 83 23.31 -6.15 -4.23
CA GLU D 83 22.63 -5.27 -3.32
C GLU D 83 21.54 -4.44 -4.02
N LEU D 84 21.84 -3.94 -5.21
CA LEU D 84 20.83 -3.22 -6.02
C LEU D 84 19.59 -4.07 -6.31
N LEU D 85 19.83 -5.31 -6.72
CA LEU D 85 18.77 -6.26 -7.04
C LEU D 85 17.82 -6.49 -5.88
N LYS D 86 18.39 -6.74 -4.70
CA LYS D 86 17.67 -6.85 -3.44
C LYS D 86 16.87 -5.58 -3.19
N ASN D 87 17.57 -4.45 -3.29
CA ASN D 87 17.00 -3.16 -2.98
C ASN D 87 15.82 -2.80 -3.86
N LEU D 88 15.86 -3.19 -5.12
CA LEU D 88 14.76 -2.87 -6.03
C LEU D 88 13.55 -3.79 -5.85
N ALA D 89 13.80 -5.11 -5.80
CA ALA D 89 12.76 -6.11 -5.54
C ALA D 89 11.92 -5.77 -4.31
N LEU D 90 12.56 -5.25 -3.27
CA LEU D 90 11.84 -4.90 -2.05
C LEU D 90 11.23 -3.50 -2.07
N SER D 91 11.46 -2.78 -3.16
CA SER D 91 10.96 -1.41 -3.32
C SER D 91 9.76 -1.32 -4.27
N GLY D 92 9.33 -2.44 -4.80
CA GLY D 92 8.15 -2.49 -5.65
C GLY D 92 8.48 -2.65 -7.12
N PHE D 93 9.76 -2.85 -7.42
CA PHE D 93 10.14 -3.18 -8.79
C PHE D 93 9.97 -4.67 -9.03
N ARG D 94 9.53 -5.03 -10.22
CA ARG D 94 9.30 -6.43 -10.51
C ARG D 94 9.90 -6.88 -11.83
N GLN D 95 9.81 -6.03 -12.85
CA GLN D 95 10.39 -6.35 -14.15
C GLN D 95 11.83 -5.86 -14.18
N ILE D 96 12.75 -6.72 -13.77
CA ILE D 96 14.14 -6.32 -13.57
C ILE D 96 15.04 -7.18 -14.45
N HIS D 97 16.00 -6.55 -15.11
CA HIS D 97 17.00 -7.30 -15.87
C HIS D 97 18.39 -7.09 -15.25
N VAL D 98 19.26 -8.08 -15.45
CA VAL D 98 20.68 -7.95 -15.06
C VAL D 98 21.60 -8.44 -16.15
N ILE D 99 22.68 -7.68 -16.37
CA ILE D 99 23.75 -8.11 -17.23
C ILE D 99 24.99 -8.23 -16.35
N ASP D 100 25.68 -9.36 -16.48
CA ASP D 100 26.99 -9.57 -15.88
C ASP D 100 27.70 -10.67 -16.67
N MET D 101 29.00 -10.48 -16.88
CA MET D 101 29.76 -11.32 -17.78
C MET D 101 30.66 -12.34 -17.07
N ASP D 102 30.94 -12.07 -15.79
CA ASP D 102 31.80 -12.90 -14.97
C ASP D 102 31.11 -14.18 -14.48
N THR D 103 31.93 -15.14 -14.07
CA THR D 103 31.45 -16.30 -13.34
C THR D 103 31.69 -16.04 -11.85
N ILE D 104 31.21 -16.94 -10.99
CA ILE D 104 31.42 -16.77 -9.55
C ILE D 104 32.79 -17.26 -9.10
N ASP D 105 33.45 -16.43 -8.32
CA ASP D 105 34.81 -16.65 -7.87
C ASP D 105 34.80 -16.81 -6.36
N VAL D 106 35.76 -17.54 -5.82
CA VAL D 106 35.77 -17.77 -4.38
C VAL D 106 35.78 -16.45 -3.59
N SER D 107 36.48 -15.43 -4.07
CA SER D 107 36.68 -14.19 -3.30
C SER D 107 35.48 -13.23 -3.34
N ASN D 108 34.54 -13.51 -4.24
CA ASN D 108 33.27 -12.80 -4.30
C ASN D 108 32.48 -12.99 -3.01
N LEU D 109 32.73 -14.13 -2.36
CA LEU D 109 31.85 -14.62 -1.30
C LEU D 109 31.74 -13.76 -0.04
N ASN D 110 32.70 -12.85 0.17
CA ASN D 110 32.71 -12.07 1.41
C ASN D 110 31.74 -10.89 1.39
N ARG D 111 31.00 -10.75 0.29
CA ARG D 111 30.04 -9.66 0.13
C ARG D 111 28.92 -9.93 -0.88
N GLN D 112 29.22 -10.70 -1.93
CA GLN D 112 28.23 -10.97 -2.96
C GLN D 112 27.24 -12.06 -2.48
N PHE D 113 26.32 -11.62 -1.63
CA PHE D 113 25.50 -12.50 -0.78
C PHE D 113 24.55 -13.46 -1.48
N LEU D 114 24.20 -13.18 -2.73
CA LEU D 114 23.31 -14.07 -3.49
C LEU D 114 24.04 -15.32 -3.95
N PHE D 115 25.34 -15.41 -3.69
CA PHE D 115 26.15 -16.54 -4.11
C PHE D 115 26.62 -17.37 -2.92
N ARG D 116 26.45 -18.68 -3.01
CA ARG D 116 26.98 -19.63 -2.01
C ARG D 116 28.16 -20.39 -2.64
N PRO D 117 29.01 -21.06 -1.82
CA PRO D 117 30.26 -21.64 -2.35
C PRO D 117 30.02 -22.76 -3.37
N LYS D 118 28.91 -23.47 -3.23
CA LYS D 118 28.49 -24.46 -4.21
C LYS D 118 28.28 -23.84 -5.60
N ASP D 119 28.22 -22.51 -5.66
CA ASP D 119 27.90 -21.80 -6.90
C ASP D 119 29.13 -21.33 -7.68
N ILE D 120 30.32 -21.53 -7.09
CA ILE D 120 31.57 -21.14 -7.74
C ILE D 120 31.69 -21.77 -9.13
N GLY D 121 32.08 -20.95 -10.11
CA GLY D 121 32.21 -21.40 -11.48
C GLY D 121 31.00 -21.11 -12.33
N ARG D 122 29.85 -20.86 -11.68
CA ARG D 122 28.58 -20.52 -12.37
C ARG D 122 28.48 -19.02 -12.72
N PRO D 123 27.62 -18.67 -13.71
CA PRO D 123 27.45 -17.28 -14.11
C PRO D 123 26.63 -16.44 -13.13
N LYS D 124 27.25 -15.37 -12.62
CA LYS D 124 26.66 -14.44 -11.65
C LYS D 124 25.21 -14.06 -11.92
N ALA D 125 24.93 -13.53 -13.11
CA ALA D 125 23.58 -13.12 -13.47
C ALA D 125 22.59 -14.27 -13.24
N GLU D 126 22.98 -15.46 -13.70
CA GLU D 126 22.14 -16.67 -13.60
C GLU D 126 21.81 -17.03 -12.15
N VAL D 127 22.82 -17.01 -11.29
CA VAL D 127 22.65 -17.32 -9.87
C VAL D 127 21.91 -16.19 -9.15
N ALA D 128 22.21 -14.94 -9.52
CA ALA D 128 21.59 -13.79 -8.88
C ALA D 128 20.09 -13.73 -9.15
N ALA D 129 19.68 -14.03 -10.37
CA ALA D 129 18.26 -14.05 -10.71
C ALA D 129 17.57 -15.22 -10.03
N GLU D 130 18.27 -16.34 -9.97
CA GLU D 130 17.76 -17.59 -9.43
C GLU D 130 17.43 -17.41 -7.96
N PHE D 131 18.38 -16.84 -7.22
CA PHE D 131 18.22 -16.52 -5.79
C PHE D 131 17.05 -15.59 -5.58
N LEU D 132 17.08 -14.45 -6.27
CA LEU D 132 16.13 -13.39 -6.02
C LEU D 132 14.70 -13.81 -6.35
N ASN D 133 14.53 -14.42 -7.51
CA ASN D 133 13.24 -14.92 -7.95
C ASN D 133 12.65 -15.95 -7.01
N ASP D 134 13.52 -16.60 -6.24
CA ASP D 134 13.08 -17.55 -5.21
C ASP D 134 12.83 -16.90 -3.84
N ARG D 135 13.68 -15.95 -3.45
CA ARG D 135 13.53 -15.30 -2.15
C ARG D 135 12.38 -14.30 -2.14
N VAL D 136 12.27 -13.51 -3.20
CA VAL D 136 11.24 -12.48 -3.29
C VAL D 136 10.18 -12.91 -4.30
N PRO D 137 9.04 -13.41 -3.80
CA PRO D 137 7.94 -13.94 -4.61
C PRO D 137 7.51 -13.05 -5.78
N ASN D 138 7.13 -13.70 -6.88
CA ASN D 138 6.60 -13.03 -8.09
C ASN D 138 7.62 -12.14 -8.80
N CYS D 139 8.82 -12.03 -8.24
CA CYS D 139 9.83 -11.19 -8.86
C CYS D 139 10.30 -11.79 -10.18
N ASN D 140 10.38 -10.95 -11.20
CA ASN D 140 10.75 -11.43 -12.52
C ASN D 140 12.14 -10.93 -12.94
N VAL D 141 13.15 -11.26 -12.15
CA VAL D 141 14.51 -10.89 -12.51
C VAL D 141 14.96 -11.75 -13.69
N VAL D 142 15.29 -11.07 -14.80
CA VAL D 142 15.73 -11.71 -16.05
C VAL D 142 17.24 -11.56 -16.20
N PRO D 143 17.96 -12.69 -16.27
CA PRO D 143 19.41 -12.65 -16.34
C PRO D 143 19.95 -12.62 -17.76
N HIS D 144 20.97 -11.79 -17.98
CA HIS D 144 21.67 -11.75 -19.26
C HIS D 144 23.15 -12.06 -19.06
N PHE D 145 23.52 -13.33 -19.24
CA PHE D 145 24.93 -13.73 -19.14
C PHE D 145 25.63 -13.21 -20.40
N ASN D 146 26.14 -11.98 -20.29
CA ASN D 146 26.51 -11.19 -21.44
C ASN D 146 27.51 -10.10 -21.08
N LYS D 147 28.25 -9.63 -22.09
CA LYS D 147 29.01 -8.39 -21.98
C LYS D 147 28.05 -7.26 -22.38
N ILE D 148 28.24 -6.07 -21.84
CA ILE D 148 27.36 -4.96 -22.23
C ILE D 148 27.56 -4.56 -23.69
N GLN D 149 28.78 -4.79 -24.20
CA GLN D 149 29.09 -4.58 -25.60
C GLN D 149 28.24 -5.47 -26.55
N ASP D 150 27.79 -6.62 -26.05
CA ASP D 150 26.98 -7.56 -26.82
C ASP D 150 25.69 -6.94 -27.34
N PHE D 151 25.16 -5.98 -26.58
CA PHE D 151 23.87 -5.36 -26.88
C PHE D 151 24.02 -4.02 -27.58
N ASN D 152 23.30 -3.86 -28.69
CA ASN D 152 23.27 -2.56 -29.34
C ASN D 152 22.14 -1.69 -28.78
N ASP D 153 21.98 -0.50 -29.35
CA ASP D 153 21.06 0.52 -28.82
C ASP D 153 19.60 0.06 -28.69
N THR D 154 19.15 -0.72 -29.67
CA THR D 154 17.81 -1.30 -29.72
C THR D 154 17.41 -1.93 -28.40
N PHE D 155 18.36 -2.62 -27.77
CA PHE D 155 18.14 -3.27 -26.48
C PHE D 155 17.97 -2.26 -25.35
N TYR D 156 18.96 -1.38 -25.17
CA TYR D 156 18.93 -0.45 -24.05
C TYR D 156 17.80 0.57 -24.11
N ARG D 157 17.32 0.84 -25.32
CA ARG D 157 16.23 1.78 -25.54
C ARG D 157 14.99 1.43 -24.70
N GLN D 158 14.70 0.14 -24.55
CA GLN D 158 13.47 -0.31 -23.92
C GLN D 158 13.30 0.04 -22.44
N PHE D 159 14.41 0.19 -21.71
CA PHE D 159 14.34 0.35 -20.26
C PHE D 159 14.00 1.76 -19.84
N HIS D 160 13.27 1.86 -18.73
CA HIS D 160 12.85 3.16 -18.19
C HIS D 160 13.98 3.77 -17.40
N ILE D 161 14.67 2.94 -16.61
CA ILE D 161 15.86 3.35 -15.87
C ILE D 161 16.94 2.27 -15.95
N ILE D 162 18.19 2.72 -16.15
CA ILE D 162 19.34 1.83 -16.06
C ILE D 162 20.20 2.24 -14.86
N VAL D 163 20.38 1.29 -13.95
CA VAL D 163 21.26 1.48 -12.79
C VAL D 163 22.37 0.43 -12.82
N CYS D 164 23.59 0.83 -12.49
CA CYS D 164 24.72 -0.05 -12.71
C CYS D 164 25.82 0.02 -11.66
N GLY D 165 26.42 -1.14 -11.40
CA GLY D 165 27.56 -1.27 -10.49
C GLY D 165 28.71 -1.97 -11.19
N LEU D 166 29.64 -1.18 -11.75
CA LEU D 166 30.70 -1.73 -12.60
C LEU D 166 32.10 -1.74 -11.98
N ASP D 167 32.91 -2.67 -12.48
CA ASP D 167 34.35 -2.83 -12.22
C ASP D 167 35.16 -1.56 -12.34
N SER D 168 35.09 -0.95 -13.52
CA SER D 168 36.15 -0.13 -14.08
C SER D 168 35.60 1.15 -14.66
N ILE D 169 36.49 2.09 -14.98
CA ILE D 169 36.08 3.35 -15.59
C ILE D 169 35.61 3.14 -17.03
N ILE D 170 36.43 2.44 -17.82
CA ILE D 170 36.14 2.21 -19.24
C ILE D 170 34.70 1.76 -19.50
N ALA D 171 34.20 0.81 -18.71
CA ALA D 171 32.83 0.30 -18.89
C ALA D 171 31.76 1.35 -18.55
N ARG D 172 31.99 2.13 -17.51
CA ARG D 172 31.10 3.24 -17.17
C ARG D 172 31.06 4.26 -18.32
N ARG D 173 32.22 4.50 -18.93
CA ARG D 173 32.33 5.35 -20.11
C ARG D 173 31.48 4.79 -21.25
N TRP D 174 31.52 3.48 -21.44
CA TRP D 174 30.81 2.83 -22.54
C TRP D 174 29.29 2.96 -22.43
N ILE D 175 28.73 2.60 -21.28
CA ILE D 175 27.28 2.68 -21.09
C ILE D 175 26.77 4.13 -21.09
N ASN D 176 27.59 5.04 -20.58
CA ASN D 176 27.34 6.47 -20.65
C ASN D 176 27.12 6.90 -22.10
N GLY D 177 28.01 6.46 -22.97
CA GLY D 177 27.93 6.76 -24.39
C GLY D 177 26.69 6.17 -25.04
N MET D 178 26.38 4.93 -24.68
CA MET D 178 25.24 4.26 -25.27
C MET D 178 23.95 5.04 -24.99
N LEU D 179 23.81 5.55 -23.76
CA LEU D 179 22.59 6.23 -23.37
C LEU D 179 22.44 7.61 -24.00
N ILE D 180 23.58 8.27 -24.21
CA ILE D 180 23.64 9.56 -24.91
C ILE D 180 23.33 9.35 -26.40
N SER D 181 23.75 8.20 -26.94
CA SER D 181 23.53 7.91 -28.34
C SER D 181 22.05 7.68 -28.62
N LEU D 182 21.30 7.33 -27.56
CA LEU D 182 19.86 7.12 -27.67
C LEU D 182 19.10 8.41 -27.88
N LEU D 183 19.60 9.48 -27.28
CA LEU D 183 19.01 10.81 -27.38
C LEU D 183 18.64 11.22 -28.82
N ASN D 184 17.46 11.83 -28.97
CA ASN D 184 17.01 12.35 -30.27
C ASN D 184 16.75 13.84 -30.23
N TYR D 185 17.60 14.56 -30.95
CA TYR D 185 17.46 16.01 -31.15
C TYR D 185 16.78 16.27 -32.49
N GLU D 186 15.57 16.79 -32.46
CA GLU D 186 14.90 17.28 -33.68
C GLU D 186 15.43 18.67 -34.00
N ASP D 187 16.56 18.69 -34.70
CA ASP D 187 17.23 19.92 -35.16
C ASP D 187 17.42 20.97 -34.04
N GLY D 188 18.39 20.70 -33.17
CA GLY D 188 18.72 21.62 -32.08
C GLY D 188 18.09 21.31 -30.74
N VAL D 189 16.76 21.15 -30.72
CA VAL D 189 15.99 20.91 -29.49
C VAL D 189 15.87 19.41 -29.12
N LEU D 190 16.02 19.12 -27.82
CA LEU D 190 16.09 17.75 -27.28
C LEU D 190 14.74 17.16 -26.80
N ASP D 191 14.40 15.96 -27.30
CA ASP D 191 13.18 15.26 -26.90
C ASP D 191 13.35 14.57 -25.54
N PRO D 192 12.67 15.08 -24.49
CA PRO D 192 12.82 14.60 -23.11
C PRO D 192 12.47 13.13 -22.94
N SER D 193 11.55 12.64 -23.76
CA SER D 193 11.15 11.23 -23.71
C SER D 193 12.25 10.28 -24.20
N SER D 194 13.31 10.79 -24.82
CA SER D 194 14.39 9.91 -25.27
C SER D 194 15.56 9.85 -24.27
N ILE D 195 15.38 10.51 -23.14
CA ILE D 195 16.34 10.47 -22.05
C ILE D 195 16.11 9.21 -21.22
N VAL D 196 17.18 8.46 -20.96
CA VAL D 196 17.09 7.24 -20.13
C VAL D 196 18.00 7.40 -18.90
N PRO D 197 17.43 7.85 -17.75
CA PRO D 197 18.18 8.12 -16.53
C PRO D 197 19.14 6.98 -16.18
N LEU D 198 20.37 7.36 -15.84
CA LEU D 198 21.41 6.41 -15.48
C LEU D 198 21.93 6.71 -14.07
N ILE D 199 21.88 5.69 -13.21
CA ILE D 199 22.42 5.82 -11.88
C ILE D 199 23.68 4.97 -11.79
N ASP D 200 24.78 5.61 -11.43
CA ASP D 200 26.06 4.94 -11.33
C ASP D 200 26.53 4.95 -9.90
N GLY D 201 26.88 3.77 -9.40
CA GLY D 201 27.51 3.63 -8.10
C GLY D 201 28.92 3.11 -8.26
N GLY D 202 29.77 3.45 -7.30
CA GLY D 202 31.14 2.96 -7.26
C GLY D 202 31.63 2.91 -5.83
N THR D 203 32.45 1.90 -5.53
CA THR D 203 33.04 1.73 -4.20
C THR D 203 34.51 1.35 -4.28
N GLU D 204 35.27 1.76 -3.27
CA GLU D 204 36.64 1.31 -3.04
C GLU D 204 36.88 1.40 -1.54
N GLY D 205 37.14 0.25 -0.93
CA GLY D 205 37.31 0.16 0.52
C GLY D 205 36.13 0.70 1.30
N PHE D 206 36.38 1.75 2.06
CA PHE D 206 35.37 2.42 2.86
C PHE D 206 35.01 3.77 2.26
N LYS D 207 35.39 3.96 0.99
CA LYS D 207 34.96 5.11 0.22
C LYS D 207 34.05 4.67 -0.93
N GLY D 208 33.07 5.51 -1.23
CA GLY D 208 32.13 5.22 -2.31
C GLY D 208 31.41 6.45 -2.82
N ASN D 209 30.91 6.35 -4.05
CA ASN D 209 30.11 7.41 -4.64
C ASN D 209 28.89 6.88 -5.39
N ALA D 210 27.85 7.71 -5.43
CA ALA D 210 26.66 7.42 -6.20
C ALA D 210 26.25 8.70 -6.91
N ARG D 211 25.71 8.56 -8.12
CA ARG D 211 25.29 9.69 -8.93
C ARG D 211 24.11 9.40 -9.84
N VAL D 212 23.24 10.40 -9.99
CA VAL D 212 22.13 10.38 -10.92
C VAL D 212 22.52 11.20 -12.16
N ILE D 213 22.48 10.55 -13.33
CA ILE D 213 22.80 11.16 -14.60
C ILE D 213 21.57 11.19 -15.53
N LEU D 214 21.30 12.36 -16.11
CA LEU D 214 20.28 12.48 -17.14
C LEU D 214 20.97 12.81 -18.44
N PRO D 215 21.19 11.81 -19.30
CA PRO D 215 21.97 12.09 -20.50
C PRO D 215 21.35 13.25 -21.27
N GLY D 216 22.18 14.21 -21.68
CA GLY D 216 21.71 15.35 -22.44
C GLY D 216 21.27 16.54 -21.61
N MET D 217 21.24 16.37 -20.28
CA MET D 217 21.03 17.47 -19.34
C MET D 217 21.44 17.05 -17.96
N THR D 218 22.36 17.80 -17.36
CA THR D 218 23.15 17.37 -16.16
C THR D 218 24.37 16.50 -16.54
N ALA D 219 25.43 16.64 -15.75
CA ALA D 219 26.74 16.06 -16.03
C ALA D 219 26.68 14.56 -16.18
N CYS D 220 27.30 14.09 -17.25
CA CYS D 220 27.42 12.67 -17.53
C CYS D 220 28.75 12.13 -16.98
N ILE D 221 28.99 10.83 -17.15
CA ILE D 221 30.21 10.17 -16.71
C ILE D 221 31.45 10.96 -17.15
N GLU D 222 31.46 11.37 -18.42
CA GLU D 222 32.61 12.03 -19.04
C GLU D 222 32.87 13.45 -18.56
N CYS D 223 31.79 14.21 -18.31
CA CYS D 223 31.91 15.56 -17.75
C CYS D 223 32.77 15.55 -16.48
N THR D 224 32.68 14.46 -15.71
CA THR D 224 33.35 14.34 -14.41
C THR D 224 34.45 13.26 -14.41
N LEU D 225 34.97 12.94 -15.59
CA LEU D 225 35.97 11.88 -15.75
C LEU D 225 37.23 12.07 -14.92
N GLU D 226 37.68 13.32 -14.80
CA GLU D 226 38.92 13.63 -14.10
C GLU D 226 38.76 13.52 -12.58
N LEU D 227 37.58 13.07 -12.14
CA LEU D 227 37.28 12.90 -10.71
C LEU D 227 37.86 11.61 -10.15
N TYR D 228 38.10 10.65 -11.02
CA TYR D 228 38.70 9.40 -10.63
C TYR D 228 40.14 9.62 -10.16
N PRO D 229 40.60 8.83 -9.18
CA PRO D 229 41.98 8.88 -8.65
C PRO D 229 43.07 8.78 -9.74
N PRO D 230 44.32 9.14 -9.39
CA PRO D 230 45.45 9.16 -10.33
C PRO D 230 45.58 7.89 -11.18
N GLN D 231 45.34 6.73 -10.57
CA GLN D 231 45.62 5.41 -11.18
C GLN D 231 47.12 5.22 -11.33
N VAL D 232 47.69 4.38 -10.46
CA VAL D 232 49.14 4.32 -10.25
C VAL D 232 49.93 3.84 -11.47
N ASN D 233 50.94 4.63 -11.84
CA ASN D 233 51.88 4.27 -12.89
C ASN D 233 53.32 4.29 -12.41
N PHE D 234 54.06 3.26 -12.83
CA PHE D 234 55.49 3.20 -12.60
C PHE D 234 56.17 3.54 -13.93
N PRO D 235 57.29 4.27 -13.89
CA PRO D 235 58.04 4.43 -15.14
C PRO D 235 58.74 3.11 -15.52
N MET D 236 58.68 2.78 -16.81
CA MET D 236 59.35 1.61 -17.38
C MET D 236 60.81 1.45 -16.92
N CYS D 237 61.52 2.58 -16.79
CA CYS D 237 62.89 2.59 -16.28
C CYS D 237 63.01 2.02 -14.86
N THR D 238 62.11 2.43 -13.96
CA THR D 238 62.13 2.00 -12.54
C THR D 238 61.88 0.48 -12.39
N ILE D 239 60.96 -0.03 -13.19
CA ILE D 239 60.68 -1.47 -13.24
C ILE D 239 61.93 -2.29 -13.60
N ALA D 240 62.62 -1.92 -14.67
CA ALA D 240 63.73 -2.72 -15.21
C ALA D 240 65.14 -2.36 -14.70
N SER D 241 65.26 -1.26 -13.94
CA SER D 241 66.57 -0.79 -13.53
C SER D 241 66.66 -0.39 -12.07
N MET D 242 65.67 0.33 -11.58
CA MET D 242 65.73 0.87 -10.20
C MET D 242 64.53 0.56 -9.31
N PRO D 243 64.22 -0.74 -9.08
CA PRO D 243 63.16 -1.07 -8.13
C PRO D 243 63.51 -0.59 -6.73
N ARG D 244 62.48 -0.16 -6.00
CA ARG D 244 62.66 0.30 -4.63
C ARG D 244 61.55 -0.24 -3.73
N LEU D 245 60.49 -0.76 -4.34
CA LEU D 245 59.33 -1.26 -3.64
C LEU D 245 58.98 -2.66 -4.14
N PRO D 246 58.43 -3.51 -3.24
CA PRO D 246 58.07 -4.88 -3.59
C PRO D 246 57.12 -4.98 -4.78
N GLU D 247 56.31 -3.94 -4.98
CA GLU D 247 55.37 -3.85 -6.10
C GLU D 247 56.11 -3.79 -7.45
N HIS D 248 57.20 -3.02 -7.47
CA HIS D 248 58.07 -2.86 -8.64
C HIS D 248 58.69 -4.20 -9.06
N CYS D 249 59.07 -5.00 -8.05
CA CYS D 249 59.60 -6.34 -8.28
C CYS D 249 58.58 -7.25 -8.96
N ILE D 250 57.33 -7.20 -8.48
CA ILE D 250 56.25 -8.04 -9.04
C ILE D 250 55.91 -7.59 -10.45
N GLU D 251 55.90 -6.26 -10.65
CA GLU D 251 55.58 -5.67 -11.95
C GLU D 251 56.65 -5.96 -13.00
N TYR D 252 57.92 -6.00 -12.56
CA TYR D 252 59.02 -6.44 -13.42
C TYR D 252 58.69 -7.82 -14.00
N VAL D 253 58.41 -8.75 -13.11
CA VAL D 253 58.04 -10.11 -13.48
C VAL D 253 56.82 -10.12 -14.38
N ARG D 254 55.86 -9.24 -14.07
CA ARG D 254 54.57 -9.20 -14.75
C ARG D 254 54.68 -9.01 -16.26
N MET D 255 55.27 -7.88 -16.67
CA MET D 255 55.25 -7.47 -18.08
C MET D 255 56.57 -7.64 -18.82
N LEU D 256 57.67 -7.80 -18.07
CA LEU D 256 58.99 -7.96 -18.67
C LEU D 256 59.50 -9.39 -18.62
N GLN D 257 59.60 -9.95 -17.41
CA GLN D 257 60.20 -11.28 -17.22
C GLN D 257 59.29 -12.44 -17.67
N TRP D 258 57.98 -12.22 -17.67
CA TRP D 258 57.06 -13.25 -18.17
C TRP D 258 57.16 -13.45 -19.70
N PRO D 259 57.10 -12.35 -20.49
CA PRO D 259 57.26 -12.53 -21.93
C PRO D 259 58.66 -13.03 -22.31
N LYS D 260 59.69 -12.58 -21.58
CA LYS D 260 61.07 -12.96 -21.82
C LYS D 260 61.35 -14.45 -21.55
N GLU D 261 60.59 -15.05 -20.63
CA GLU D 261 60.83 -16.43 -20.20
C GLU D 261 59.74 -17.44 -20.58
N GLN D 262 58.56 -16.95 -20.96
CA GLN D 262 57.41 -17.81 -21.33
C GLN D 262 57.30 -19.08 -20.46
N PRO D 263 57.02 -18.91 -19.15
CA PRO D 263 57.17 -20.02 -18.21
C PRO D 263 56.12 -21.13 -18.32
N PHE D 264 54.86 -20.75 -18.52
CA PHE D 264 53.80 -21.75 -18.57
C PHE D 264 53.40 -22.16 -19.98
N GLY D 265 54.37 -22.07 -20.88
CA GLY D 265 54.18 -22.44 -22.28
C GLY D 265 54.53 -21.30 -23.21
N GLU D 266 54.78 -21.65 -24.48
CA GLU D 266 55.04 -20.68 -25.52
C GLU D 266 53.76 -19.95 -25.90
N GLY D 267 53.76 -18.64 -25.66
CA GLY D 267 52.62 -17.77 -25.98
C GLY D 267 51.33 -18.10 -25.25
N VAL D 268 51.43 -18.53 -24.00
CA VAL D 268 50.25 -18.77 -23.17
C VAL D 268 50.05 -17.55 -22.26
N PRO D 269 48.86 -16.90 -22.35
CA PRO D 269 48.63 -15.67 -21.61
C PRO D 269 48.57 -15.89 -20.10
N LEU D 270 49.22 -14.99 -19.37
CA LEU D 270 49.14 -14.94 -17.92
C LEU D 270 47.69 -14.80 -17.45
N ASP D 271 47.19 -15.83 -16.76
CA ASP D 271 45.82 -15.85 -16.25
C ASP D 271 45.81 -15.53 -14.75
N GLY D 272 45.34 -14.33 -14.42
CA GLY D 272 45.36 -13.81 -13.05
C GLY D 272 44.54 -14.59 -12.04
N ASP D 273 43.71 -15.51 -12.50
CA ASP D 273 42.92 -16.36 -11.61
C ASP D 273 43.67 -17.65 -11.31
N ASP D 274 44.45 -18.13 -12.29
CA ASP D 274 45.18 -19.41 -12.21
C ASP D 274 46.24 -19.43 -11.10
N PRO D 275 45.96 -20.21 -10.02
CA PRO D 275 46.82 -20.26 -8.82
C PRO D 275 48.29 -20.62 -9.11
N GLU D 276 48.53 -21.33 -10.21
CA GLU D 276 49.87 -21.75 -10.59
C GLU D 276 50.66 -20.57 -11.14
N HIS D 277 50.01 -19.79 -12.00
CA HIS D 277 50.62 -18.59 -12.60
C HIS D 277 51.03 -17.62 -11.50
N ILE D 278 50.12 -17.38 -10.56
CA ILE D 278 50.38 -16.49 -9.43
C ILE D 278 51.56 -17.00 -8.61
N GLN D 279 51.62 -18.32 -8.43
CA GLN D 279 52.71 -18.97 -7.72
C GLN D 279 54.06 -18.61 -8.35
N TRP D 280 54.16 -18.75 -9.68
CA TRP D 280 55.40 -18.47 -10.40
C TRP D 280 55.85 -17.02 -10.25
N ILE D 281 54.95 -16.08 -10.55
CA ILE D 281 55.22 -14.66 -10.40
C ILE D 281 55.64 -14.35 -8.97
N PHE D 282 54.98 -14.96 -7.99
CA PHE D 282 55.29 -14.74 -6.57
C PHE D 282 56.77 -14.99 -6.23
N GLN D 283 57.26 -16.19 -6.49
CA GLN D 283 58.63 -16.54 -6.14
C GLN D 283 59.66 -15.83 -7.02
N LYS D 284 59.36 -15.70 -8.31
CA LYS D 284 60.22 -14.99 -9.25
C LYS D 284 60.36 -13.50 -8.88
N SER D 285 59.59 -13.07 -7.89
CA SER D 285 59.65 -11.72 -7.33
C SER D 285 60.43 -11.73 -6.02
N LEU D 286 60.37 -12.85 -5.30
CA LEU D 286 61.17 -13.05 -4.10
C LEU D 286 62.64 -13.22 -4.47
N GLU D 287 62.88 -13.89 -5.60
CA GLU D 287 64.21 -13.99 -6.18
C GLU D 287 64.73 -12.59 -6.48
N ARG D 288 63.92 -11.80 -7.19
CA ARG D 288 64.29 -10.45 -7.58
C ARG D 288 64.38 -9.45 -6.43
N ALA D 289 63.51 -9.60 -5.42
CA ALA D 289 63.48 -8.64 -4.31
C ALA D 289 64.67 -8.77 -3.36
N SER D 290 65.08 -10.02 -3.10
CA SER D 290 66.25 -10.33 -2.27
C SER D 290 67.54 -9.88 -2.94
N GLN D 291 67.52 -9.88 -4.28
CA GLN D 291 68.63 -9.37 -5.09
C GLN D 291 68.96 -7.90 -4.79
N TYR D 292 67.92 -7.07 -4.65
CA TYR D 292 68.12 -5.64 -4.36
C TYR D 292 67.87 -5.30 -2.89
N ASN D 293 67.69 -6.34 -2.07
CA ASN D 293 67.40 -6.20 -0.64
C ASN D 293 66.08 -5.51 -0.32
N ILE D 294 64.99 -5.96 -0.94
CA ILE D 294 63.66 -5.39 -0.72
C ILE D 294 62.69 -6.35 -0.01
N ARG D 295 62.22 -5.92 1.17
CA ARG D 295 61.28 -6.69 1.99
C ARG D 295 59.83 -6.60 1.51
N GLY D 296 59.02 -7.54 1.96
CA GLY D 296 57.58 -7.46 1.80
C GLY D 296 57.02 -7.79 0.43
N VAL D 297 57.57 -8.81 -0.22
CA VAL D 297 56.90 -9.41 -1.37
C VAL D 297 56.12 -10.60 -0.87
N THR D 298 54.82 -10.39 -0.65
CA THR D 298 53.94 -11.45 -0.12
C THR D 298 53.09 -12.06 -1.23
N TYR D 299 52.47 -13.22 -0.97
CA TYR D 299 51.54 -13.81 -1.93
C TYR D 299 50.35 -12.87 -2.15
N ARG D 300 49.93 -12.22 -1.07
CA ARG D 300 48.84 -11.25 -1.11
C ARG D 300 49.17 -10.10 -2.06
N LEU D 301 50.28 -9.40 -1.79
CA LEU D 301 50.67 -8.25 -2.61
C LEU D 301 50.90 -8.60 -4.07
N THR D 302 51.40 -9.81 -4.33
CA THR D 302 51.56 -10.33 -5.70
C THR D 302 50.22 -10.42 -6.41
N GLN D 303 49.23 -11.03 -5.74
CA GLN D 303 47.89 -11.15 -6.27
C GLN D 303 47.23 -9.78 -6.37
N GLY D 304 47.52 -8.92 -5.40
CA GLY D 304 47.03 -7.55 -5.37
C GLY D 304 47.56 -6.66 -6.49
N VAL D 305 48.76 -6.97 -6.99
CA VAL D 305 49.35 -6.17 -8.06
C VAL D 305 49.00 -6.72 -9.43
N VAL D 306 49.16 -8.02 -9.63
CA VAL D 306 48.80 -8.64 -10.91
C VAL D 306 47.37 -8.25 -11.34
N LYS D 307 46.42 -8.45 -10.44
CA LYS D 307 45.00 -8.29 -10.73
C LYS D 307 44.49 -6.86 -10.58
N ARG D 308 45.34 -5.96 -10.09
CA ARG D 308 44.96 -4.57 -9.75
C ARG D 308 43.75 -4.60 -8.83
N ILE D 309 43.90 -5.23 -7.67
CA ILE D 309 42.76 -5.60 -6.85
C ILE D 309 42.22 -4.46 -6.00
N ILE D 310 40.94 -4.14 -6.17
CA ILE D 310 40.24 -3.19 -5.30
C ILE D 310 39.75 -3.86 -4.00
N PRO D 311 40.21 -3.34 -2.84
CA PRO D 311 39.72 -3.74 -1.52
C PRO D 311 38.21 -3.45 -1.34
N ALA D 312 37.46 -4.44 -0.86
CA ALA D 312 36.00 -4.38 -0.80
C ALA D 312 35.42 -5.11 0.41
N VAL D 313 34.39 -4.50 1.02
CA VAL D 313 33.61 -5.15 2.08
C VAL D 313 32.13 -4.95 1.81
N ALA D 314 31.28 -5.70 2.50
CA ALA D 314 29.85 -5.64 2.24
C ALA D 314 29.25 -4.30 2.63
N SER D 315 29.66 -3.77 3.78
CA SER D 315 29.05 -2.57 4.36
C SER D 315 29.09 -1.37 3.41
N THR D 316 30.26 -1.02 2.89
CA THR D 316 30.36 0.09 1.94
C THR D 316 29.49 -0.17 0.71
N ASN D 317 29.70 -1.31 0.07
CA ASN D 317 28.89 -1.71 -1.08
C ASN D 317 27.38 -1.56 -0.86
N ALA D 318 26.92 -1.95 0.33
CA ALA D 318 25.55 -1.74 0.79
C ALA D 318 25.13 -0.26 0.78
N VAL D 319 25.87 0.57 1.49
CA VAL D 319 25.58 2.00 1.61
C VAL D 319 25.32 2.66 0.25
N ILE D 320 26.22 2.41 -0.70
CA ILE D 320 26.11 2.97 -2.05
C ILE D 320 24.91 2.40 -2.82
N ALA D 321 24.74 1.08 -2.77
CA ALA D 321 23.68 0.45 -3.54
C ALA D 321 22.33 0.92 -3.05
N ALA D 322 22.27 1.25 -1.76
CA ALA D 322 21.05 1.76 -1.14
C ALA D 322 20.73 3.13 -1.69
N VAL D 323 21.74 3.99 -1.78
CA VAL D 323 21.56 5.33 -2.30
C VAL D 323 21.03 5.28 -3.74
N CYS D 324 21.71 4.53 -4.59
CA CYS D 324 21.22 4.33 -5.96
C CYS D 324 19.76 3.87 -5.99
N ALA D 325 19.47 2.81 -5.25
CA ALA D 325 18.12 2.26 -5.22
C ALA D 325 17.08 3.33 -4.87
N THR D 326 17.24 3.98 -3.72
CA THR D 326 16.38 5.10 -3.34
C THR D 326 16.12 6.03 -4.53
N GLU D 327 17.18 6.38 -5.27
CA GLU D 327 17.04 7.31 -6.37
C GLU D 327 16.29 6.71 -7.56
N VAL D 328 16.47 5.42 -7.80
CA VAL D 328 15.74 4.76 -8.87
C VAL D 328 14.25 4.79 -8.55
N PHE D 329 13.95 4.57 -7.27
CA PHE D 329 12.59 4.63 -6.78
C PHE D 329 11.99 6.02 -6.96
N LYS D 330 12.70 7.05 -6.52
CA LYS D 330 12.23 8.43 -6.67
C LYS D 330 12.01 8.83 -8.12
N ILE D 331 12.90 8.41 -9.02
CA ILE D 331 12.73 8.73 -10.44
C ILE D 331 11.54 7.98 -11.07
N ALA D 332 11.33 6.74 -10.67
CA ALA D 332 10.26 5.96 -11.27
C ALA D 332 8.91 6.42 -10.79
N THR D 333 8.86 6.90 -9.55
CA THR D 333 7.60 7.16 -8.85
C THR D 333 7.30 8.63 -8.61
N SER D 334 8.28 9.50 -8.83
CA SER D 334 8.20 10.93 -8.50
C SER D 334 7.84 11.18 -7.05
N ALA D 335 8.10 10.19 -6.19
CA ALA D 335 7.75 10.28 -4.76
C ALA D 335 8.46 11.43 -4.07
N TYR D 336 9.65 11.76 -4.54
CA TYR D 336 10.48 12.84 -4.01
C TYR D 336 11.40 13.37 -5.10
N ILE D 337 12.01 14.53 -4.85
CA ILE D 337 13.01 15.12 -5.73
C ILE D 337 14.26 14.23 -5.82
N PRO D 338 14.58 13.70 -7.02
CA PRO D 338 15.82 12.93 -7.16
C PRO D 338 17.09 13.71 -6.76
N LEU D 339 18.06 12.97 -6.24
CA LEU D 339 19.37 13.49 -5.88
C LEU D 339 19.94 14.33 -7.01
N ASN D 340 20.27 15.57 -6.68
CA ASN D 340 20.87 16.45 -7.68
C ASN D 340 22.34 16.23 -7.81
N ASN D 341 22.64 15.07 -8.40
CA ASN D 341 23.93 14.73 -8.94
C ASN D 341 24.73 13.72 -8.22
N TYR D 342 25.37 14.12 -7.13
CA TYR D 342 26.54 13.40 -6.65
C TYR D 342 26.61 13.27 -5.15
N LEU D 343 26.85 12.05 -4.69
CA LEU D 343 27.11 11.79 -3.28
C LEU D 343 28.42 11.04 -3.17
N VAL D 344 29.26 11.48 -2.24
CA VAL D 344 30.50 10.79 -1.94
C VAL D 344 30.47 10.37 -0.46
N PHE D 345 31.00 9.18 -0.17
CA PHE D 345 30.91 8.56 1.15
C PHE D 345 32.27 8.12 1.61
N ASN D 346 32.57 8.37 2.89
CA ASN D 346 33.83 7.95 3.50
C ASN D 346 33.59 7.48 4.92
N ASP D 347 34.24 6.37 5.28
CA ASP D 347 33.81 5.54 6.40
C ASP D 347 34.97 5.16 7.34
N VAL D 348 36.09 5.85 7.18
CA VAL D 348 37.31 5.50 7.90
C VAL D 348 37.38 6.26 9.21
N ASP D 349 37.04 7.54 9.15
CA ASP D 349 37.14 8.41 10.31
C ASP D 349 35.74 8.92 10.63
N GLY D 350 35.11 8.30 11.62
CA GLY D 350 33.69 8.48 11.82
C GLY D 350 33.00 8.11 10.53
N LEU D 351 32.00 8.89 10.14
CA LEU D 351 31.54 8.84 8.77
C LEU D 351 30.99 10.15 8.27
N TYR D 352 31.35 10.46 7.04
CA TYR D 352 31.06 11.73 6.41
C TYR D 352 30.52 11.43 5.02
N THR D 353 29.51 12.20 4.61
CA THR D 353 29.09 12.24 3.20
C THR D 353 29.08 13.68 2.71
N TYR D 354 29.30 13.88 1.42
CA TYR D 354 29.14 15.18 0.80
C TYR D 354 28.32 15.05 -0.46
N THR D 355 27.36 15.96 -0.63
CA THR D 355 26.41 15.91 -1.73
C THR D 355 26.50 17.20 -2.53
N PHE D 356 26.68 17.10 -3.84
CA PHE D 356 26.81 18.30 -4.65
C PHE D 356 26.17 18.17 -6.03
N GLU D 357 26.16 19.26 -6.78
CA GLU D 357 25.60 19.26 -8.13
C GLU D 357 26.69 19.43 -9.17
N ALA D 358 27.17 18.32 -9.72
CA ALA D 358 28.20 18.36 -10.75
C ALA D 358 27.71 19.12 -11.97
N GLU D 359 28.46 20.15 -12.33
CA GLU D 359 28.17 20.98 -13.49
C GLU D 359 28.46 20.21 -14.78
N ARG D 360 27.53 20.27 -15.70
CA ARG D 360 27.73 19.72 -17.03
C ARG D 360 28.80 20.53 -17.76
N LYS D 361 29.85 19.87 -18.25
CA LYS D 361 30.86 20.53 -19.09
C LYS D 361 30.28 20.90 -20.47
N GLU D 362 30.45 22.18 -20.85
CA GLU D 362 29.81 22.73 -22.07
C GLU D 362 30.36 22.16 -23.40
N ASN D 363 31.66 21.88 -23.45
CA ASN D 363 32.25 21.23 -24.62
C ASN D 363 32.67 19.77 -24.33
N CYS D 364 31.75 18.98 -23.78
CA CYS D 364 32.03 17.60 -23.41
C CYS D 364 32.09 16.71 -24.65
N PRO D 365 33.12 15.84 -24.75
CA PRO D 365 33.26 15.03 -25.96
C PRO D 365 32.16 13.99 -26.14
N ALA D 366 31.43 13.69 -25.06
CA ALA D 366 30.40 12.69 -25.10
C ALA D 366 28.99 13.29 -25.15
N CYS D 367 28.69 14.22 -24.25
CA CYS D 367 27.31 14.65 -24.08
C CYS D 367 26.95 16.00 -24.69
N SER D 368 27.92 16.71 -25.26
CA SER D 368 27.62 17.98 -25.90
C SER D 368 27.30 17.75 -27.37
N GLN D 369 26.46 18.61 -27.93
CA GLN D 369 25.95 18.47 -29.30
C GLN D 369 27.00 18.69 -30.41
N LEU D 370 27.64 19.86 -30.41
CA LEU D 370 28.54 20.27 -31.49
C LEU D 370 29.96 19.69 -31.36
N PRO D 371 30.58 19.29 -32.50
CA PRO D 371 31.94 18.75 -32.66
C PRO D 371 33.05 19.38 -31.81
N GLN D 372 34.14 18.64 -31.61
CA GLN D 372 35.28 19.10 -30.85
C GLN D 372 36.11 20.04 -31.71
N ASN D 373 36.81 20.96 -31.07
CA ASN D 373 37.67 21.88 -31.81
C ASN D 373 39.16 21.68 -31.58
N ILE D 374 39.80 20.95 -32.49
CA ILE D 374 41.23 20.73 -32.41
C ILE D 374 41.98 21.63 -33.40
N GLN D 375 43.20 22.04 -33.03
CA GLN D 375 44.03 22.97 -33.83
C GLN D 375 45.40 22.39 -34.15
N PHE D 376 45.70 22.22 -35.43
CA PHE D 376 46.99 21.67 -35.84
C PHE D 376 47.60 22.39 -37.04
N SER D 377 48.93 22.38 -37.10
CA SER D 377 49.65 22.80 -38.30
C SER D 377 49.35 21.83 -39.44
N PRO D 378 49.24 22.32 -40.69
CA PRO D 378 48.96 21.39 -41.79
C PRO D 378 50.12 20.42 -42.04
N SER D 379 51.20 20.58 -41.26
CA SER D 379 52.38 19.72 -41.32
C SER D 379 52.58 19.03 -39.96
N ALA D 380 51.49 18.61 -39.34
CA ALA D 380 51.51 18.00 -38.01
C ALA D 380 51.81 16.49 -38.02
N LYS D 381 51.43 15.81 -39.11
CA LYS D 381 51.81 14.41 -39.40
C LYS D 381 50.68 13.37 -39.23
N LEU D 382 50.05 13.34 -38.05
CA LEU D 382 48.91 12.44 -37.74
C LEU D 382 49.15 11.67 -36.46
N GLN D 383 50.34 11.10 -36.35
CA GLN D 383 50.83 10.60 -35.08
C GLN D 383 50.54 11.66 -34.03
N GLU D 384 50.80 12.92 -34.38
CA GLU D 384 50.59 14.04 -33.46
C GLU D 384 49.13 14.20 -33.06
N VAL D 385 48.20 13.94 -33.99
CA VAL D 385 46.77 14.02 -33.69
C VAL D 385 46.34 12.92 -32.72
N LEU D 386 46.65 11.67 -33.10
CA LEU D 386 46.47 10.51 -32.24
C LEU D 386 47.04 10.68 -30.84
N ASP D 387 48.31 11.07 -30.74
CA ASP D 387 48.93 11.34 -29.45
C ASP D 387 48.10 12.34 -28.61
N TYR D 388 47.47 13.31 -29.26
CA TYR D 388 46.61 14.24 -28.56
C TYR D 388 45.33 13.55 -28.06
N LEU D 389 44.79 12.65 -28.87
CA LEU D 389 43.55 11.94 -28.56
C LEU D 389 43.72 10.95 -27.41
N THR D 390 44.88 10.29 -27.41
CA THR D 390 45.25 9.33 -26.38
C THR D 390 45.54 10.00 -25.04
N ASN D 391 46.31 11.10 -25.09
CA ASN D 391 46.93 11.67 -23.87
C ASN D 391 46.16 12.76 -23.13
N SER D 392 45.47 13.63 -23.87
CA SER D 392 44.84 14.79 -23.26
C SER D 392 43.85 14.38 -22.18
N ALA D 393 44.03 14.95 -20.99
CA ALA D 393 43.21 14.64 -19.82
C ALA D 393 41.72 14.80 -20.06
N SER D 394 41.36 15.65 -21.01
CA SER D 394 39.94 15.87 -21.35
C SER D 394 39.35 14.73 -22.19
N LEU D 395 40.18 14.10 -23.02
CA LEU D 395 39.71 13.08 -23.94
C LEU D 395 39.95 11.65 -23.43
N GLN D 396 41.19 11.36 -23.04
CA GLN D 396 41.60 10.07 -22.48
C GLN D 396 41.12 8.82 -23.25
N MET D 397 41.30 8.80 -24.57
CA MET D 397 40.98 7.59 -25.34
C MET D 397 42.15 6.64 -25.25
N LYS D 398 41.87 5.34 -25.21
CA LYS D 398 42.97 4.38 -25.05
C LYS D 398 43.54 3.87 -26.37
N SER D 399 42.68 3.62 -27.36
CA SER D 399 43.14 3.07 -28.63
C SER D 399 42.27 3.49 -29.83
N PRO D 400 42.21 4.81 -30.14
CA PRO D 400 41.23 5.34 -31.10
C PRO D 400 41.53 5.15 -32.59
N ALA D 401 40.51 5.34 -33.43
CA ALA D 401 40.64 5.26 -34.89
C ALA D 401 40.06 6.50 -35.55
N ILE D 402 40.75 6.98 -36.58
CA ILE D 402 40.38 8.22 -37.29
C ILE D 402 39.88 7.95 -38.72
N THR D 403 38.79 8.64 -39.08
CA THR D 403 38.12 8.51 -40.38
C THR D 403 37.77 9.89 -40.90
N ALA D 404 37.98 10.10 -42.20
CA ALA D 404 37.62 11.35 -42.86
C ALA D 404 37.07 11.10 -44.25
N THR D 405 36.27 12.03 -44.75
CA THR D 405 35.75 11.94 -46.12
C THR D 405 36.74 12.55 -47.09
N LEU D 406 37.50 11.69 -47.77
CA LEU D 406 38.45 12.12 -48.78
C LEU D 406 37.93 11.84 -50.18
N GLU D 407 37.77 12.91 -50.96
CA GLU D 407 37.17 12.84 -52.28
C GLU D 407 35.79 12.20 -52.14
N GLY D 408 35.61 11.02 -52.72
CA GLY D 408 34.33 10.33 -52.70
C GLY D 408 34.02 9.65 -51.38
N LYS D 409 34.59 8.46 -51.21
CA LYS D 409 34.25 7.58 -50.07
C LYS D 409 34.75 8.10 -48.72
N ASN D 410 34.14 7.60 -47.63
CA ASN D 410 34.72 7.73 -46.30
C ASN D 410 36.00 6.91 -46.27
N ARG D 411 37.14 7.57 -46.10
CA ARG D 411 38.41 6.86 -46.04
C ARG D 411 38.87 6.69 -44.59
N THR D 412 39.39 5.50 -44.29
CA THR D 412 39.93 5.19 -42.99
C THR D 412 41.37 5.63 -42.96
N LEU D 413 41.68 6.60 -42.10
CA LEU D 413 43.04 7.14 -41.95
C LEU D 413 43.96 6.20 -41.19
N TYR D 414 43.53 5.81 -39.99
CA TYR D 414 44.26 4.86 -39.16
C TYR D 414 43.31 4.20 -38.18
N LEU D 415 43.48 2.88 -38.00
CA LEU D 415 42.62 2.09 -37.13
C LEU D 415 43.48 1.14 -36.28
N GLN D 416 43.04 0.88 -35.04
CA GLN D 416 43.86 0.07 -34.12
C GLN D 416 43.25 -1.27 -33.72
N SER D 417 41.93 -1.40 -33.84
CA SER D 417 41.21 -2.59 -33.37
C SER D 417 41.38 -3.90 -34.18
N VAL D 418 41.51 -3.81 -35.51
CA VAL D 418 41.77 -5.01 -36.32
C VAL D 418 43.16 -5.02 -36.99
N THR D 419 44.02 -5.94 -36.57
CA THR D 419 45.44 -6.02 -36.98
C THR D 419 45.71 -5.88 -38.48
N SER D 420 44.81 -6.40 -39.30
CA SER D 420 44.88 -6.30 -40.75
C SER D 420 44.82 -4.84 -41.20
N ILE D 421 43.80 -4.12 -40.74
CA ILE D 421 43.59 -2.72 -41.14
C ILE D 421 44.65 -1.80 -40.54
N GLU D 422 45.10 -2.11 -39.33
CA GLU D 422 46.19 -1.37 -38.70
C GLU D 422 47.45 -1.42 -39.56
N GLU D 423 47.80 -2.61 -40.05
CA GLU D 423 48.96 -2.79 -40.94
C GLU D 423 48.88 -1.97 -42.23
N ARG D 424 47.74 -2.05 -42.92
CA ARG D 424 47.52 -1.30 -44.17
C ARG D 424 47.70 0.22 -44.01
N THR D 425 47.22 0.77 -42.90
CA THR D 425 47.18 2.22 -42.70
C THR D 425 48.36 2.81 -41.93
N ARG D 426 49.15 1.96 -41.26
CA ARG D 426 50.26 2.44 -40.42
C ARG D 426 51.15 3.54 -41.03
N PRO D 427 51.53 3.40 -42.32
CA PRO D 427 52.23 4.48 -43.05
C PRO D 427 51.64 5.89 -42.85
N ASN D 428 50.32 6.01 -42.96
CA ASN D 428 49.62 7.28 -42.80
C ASN D 428 49.99 8.10 -41.57
N LEU D 429 50.66 7.49 -40.60
CA LEU D 429 51.11 8.21 -39.42
C LEU D 429 52.18 9.27 -39.73
N SER D 430 52.37 9.54 -41.03
CA SER D 430 53.15 10.69 -41.52
C SER D 430 52.42 11.51 -42.62
N LYS D 431 52.38 12.83 -42.45
CA LYS D 431 51.84 13.75 -43.45
C LYS D 431 52.49 15.15 -43.43
N LEU D 433 49.35 16.41 -42.34
CA LEU D 433 47.91 16.36 -42.55
C LEU D 433 47.48 16.87 -43.92
N LYS D 434 48.26 17.81 -44.46
CA LYS D 434 48.03 18.34 -45.81
C LYS D 434 48.36 17.29 -46.87
N GLU D 435 49.43 16.52 -46.63
CA GLU D 435 49.80 15.42 -47.51
C GLU D 435 48.69 14.37 -47.57
N LEU D 436 47.93 14.25 -46.48
CA LEU D 436 46.81 13.29 -46.42
C LEU D 436 45.57 13.69 -47.22
N GLY D 437 45.48 14.98 -47.59
CA GLY D 437 44.38 15.48 -48.39
C GLY D 437 43.32 16.15 -47.57
N LEU D 438 43.63 16.38 -46.30
CA LEU D 438 42.71 17.05 -45.38
C LEU D 438 42.77 18.56 -45.57
N VAL D 439 41.64 19.23 -45.36
CA VAL D 439 41.49 20.67 -45.55
C VAL D 439 41.04 21.30 -44.25
N ASP D 440 41.42 22.56 -44.02
CA ASP D 440 40.94 23.32 -42.85
C ASP D 440 39.43 23.24 -42.79
N GLY D 441 38.92 23.09 -41.57
CA GLY D 441 37.47 23.03 -41.33
C GLY D 441 36.90 21.62 -41.37
N GLN D 442 37.67 20.67 -41.88
CA GLN D 442 37.21 19.30 -42.07
C GLN D 442 36.86 18.62 -40.75
N GLU D 443 35.85 17.76 -40.84
CA GLU D 443 35.38 16.95 -39.73
C GLU D 443 36.02 15.56 -39.76
N LEU D 444 36.63 15.16 -38.66
CA LEU D 444 37.15 13.80 -38.51
C LEU D 444 36.30 12.96 -37.57
N ALA D 445 36.06 11.71 -37.97
CA ALA D 445 35.26 10.75 -37.22
C ALA D 445 36.16 9.83 -36.42
N VAL D 446 36.01 9.88 -35.09
CA VAL D 446 36.84 9.09 -34.18
C VAL D 446 36.03 8.05 -33.41
N ALA D 447 36.48 6.80 -33.49
CA ALA D 447 35.90 5.67 -32.75
C ALA D 447 36.94 5.09 -31.81
N ASP D 448 36.50 4.54 -30.69
CA ASP D 448 37.41 4.03 -29.66
C ASP D 448 36.64 3.07 -28.77
N VAL D 449 37.33 2.12 -28.13
CA VAL D 449 36.66 1.11 -27.30
C VAL D 449 35.92 1.67 -26.07
N THR D 450 36.35 2.84 -25.57
CA THR D 450 35.72 3.46 -24.41
C THR D 450 34.26 3.84 -24.63
N THR D 451 33.82 3.88 -25.87
CA THR D 451 32.46 4.34 -26.21
C THR D 451 31.93 3.86 -27.57
N PRO D 452 30.63 3.51 -27.64
CA PRO D 452 30.03 3.11 -28.92
C PRO D 452 29.73 4.29 -29.85
N GLN D 453 29.93 5.52 -29.38
CA GLN D 453 29.66 6.71 -30.15
C GLN D 453 30.79 7.06 -31.09
N THR D 454 30.44 7.68 -32.22
CA THR D 454 31.42 8.34 -33.06
C THR D 454 31.58 9.76 -32.54
N VAL D 455 32.80 10.07 -32.09
CA VAL D 455 33.14 11.40 -31.59
C VAL D 455 33.60 12.25 -32.76
N LEU D 456 33.06 13.46 -32.86
CA LEU D 456 33.35 14.32 -34.00
C LEU D 456 34.31 15.49 -33.70
N PHE D 457 35.36 15.60 -34.50
CA PHE D 457 36.38 16.64 -34.33
C PHE D 457 36.42 17.52 -35.58
N LYS D 458 36.42 18.84 -35.39
CA LYS D 458 36.58 19.77 -36.49
C LYS D 458 38.02 20.25 -36.55
N LEU D 459 38.67 20.03 -37.68
CA LEU D 459 40.09 20.33 -37.83
C LEU D 459 40.32 21.79 -38.20
N HIS D 460 41.32 22.41 -37.56
CA HIS D 460 41.63 23.82 -37.77
C HIS D 460 43.11 24.03 -38.02
N PHE D 461 43.46 24.34 -39.27
CA PHE D 461 44.85 24.61 -39.65
C PHE D 461 45.33 25.98 -39.13
N THR D 462 46.64 26.13 -38.95
CA THR D 462 47.23 27.27 -38.23
C THR D 462 48.55 27.81 -38.83
N HIS E 4 -61.51 22.26 2.85
CA HIS E 4 -62.40 22.09 4.05
C HIS E 4 -61.74 21.28 5.18
N HIS E 5 -61.74 19.95 5.07
CA HIS E 5 -61.24 19.02 6.11
C HIS E 5 -59.78 19.19 6.53
N HIS E 6 -58.89 19.30 5.54
CA HIS E 6 -57.46 19.56 5.77
C HIS E 6 -56.78 18.59 6.72
N MET E 7 -56.78 17.30 6.36
CA MET E 7 -56.21 16.27 7.22
C MET E 7 -54.72 16.17 6.96
N LEU E 8 -53.96 16.16 8.05
CA LEU E 8 -52.50 15.98 8.03
C LEU E 8 -52.10 14.54 8.36
N ILE E 9 -52.04 13.69 7.34
CA ILE E 9 -51.56 12.32 7.52
C ILE E 9 -50.05 12.21 7.27
N LYS E 10 -49.42 11.16 7.81
CA LYS E 10 -48.01 10.86 7.56
C LYS E 10 -47.82 9.59 6.70
N VAL E 11 -46.72 9.53 5.96
CA VAL E 11 -46.36 8.32 5.22
C VAL E 11 -44.92 7.94 5.52
N LYS E 12 -44.72 6.71 5.99
CA LYS E 12 -43.37 6.19 6.16
C LYS E 12 -42.93 5.43 4.90
N THR E 13 -41.78 5.84 4.37
CA THR E 13 -41.22 5.22 3.20
C THR E 13 -40.45 3.97 3.57
N LEU E 14 -40.05 3.20 2.56
CA LEU E 14 -39.29 1.97 2.77
C LEU E 14 -37.98 2.15 3.53
N THR E 15 -37.62 3.40 3.82
CA THR E 15 -36.40 3.66 4.57
C THR E 15 -36.72 4.22 5.94
N GLY E 16 -38.01 4.36 6.24
CA GLY E 16 -38.44 4.90 7.53
C GLY E 16 -38.59 6.42 7.57
N LYS E 17 -38.22 7.08 6.47
CA LYS E 17 -38.47 8.51 6.31
C LYS E 17 -39.95 8.78 6.41
N GLU E 18 -40.31 9.72 7.30
CA GLU E 18 -41.70 10.09 7.53
C GLU E 18 -42.03 11.43 6.86
N ILE E 19 -43.11 11.45 6.07
CA ILE E 19 -43.51 12.69 5.41
C ILE E 19 -44.98 13.02 5.69
N GLU E 20 -45.28 14.32 5.75
CA GLU E 20 -46.63 14.82 6.01
C GLU E 20 -47.34 15.19 4.70
N ILE E 21 -48.62 14.86 4.63
CA ILE E 21 -49.43 15.15 3.46
C ILE E 21 -50.76 15.77 3.91
N ASP E 22 -51.21 16.81 3.23
CA ASP E 22 -52.54 17.35 3.46
C ASP E 22 -53.54 16.71 2.51
N ILE E 23 -54.56 16.05 3.06
CA ILE E 23 -55.64 15.47 2.23
C ILE E 23 -57.05 15.68 2.80
N GLU E 24 -58.05 15.22 2.05
CA GLU E 24 -59.46 15.27 2.42
C GLU E 24 -60.03 13.85 2.36
N PRO E 25 -61.10 13.58 3.14
CA PRO E 25 -61.72 12.24 3.13
C PRO E 25 -62.19 11.76 1.75
N THR E 26 -62.47 12.70 0.85
CA THR E 26 -62.93 12.36 -0.49
C THR E 26 -61.80 11.97 -1.45
N ASP E 27 -60.54 12.30 -1.10
CA ASP E 27 -59.39 12.10 -2.00
C ASP E 27 -59.13 10.64 -2.30
N LYS E 28 -59.08 10.32 -3.60
CA LYS E 28 -58.83 8.96 -4.05
C LYS E 28 -57.40 8.58 -3.71
N VAL E 29 -57.17 7.28 -3.48
CA VAL E 29 -55.86 6.79 -3.07
C VAL E 29 -54.79 7.22 -4.08
N GLU E 30 -55.15 7.16 -5.37
CA GLU E 30 -54.36 7.72 -6.47
C GLU E 30 -53.62 9.00 -6.10
N ARG E 31 -54.35 9.93 -5.52
CA ARG E 31 -53.86 11.28 -5.26
C ARG E 31 -52.85 11.31 -4.11
N ILE E 32 -53.07 10.45 -3.12
CA ILE E 32 -52.15 10.29 -2.00
C ILE E 32 -50.79 9.87 -2.55
N LYS E 33 -50.81 8.92 -3.48
CA LYS E 33 -49.59 8.46 -4.12
C LYS E 33 -48.91 9.61 -4.88
N GLU E 34 -49.71 10.43 -5.56
CA GLU E 34 -49.18 11.62 -6.22
C GLU E 34 -48.56 12.63 -5.25
N ARG E 35 -49.10 12.71 -4.03
CA ARG E 35 -48.58 13.62 -3.02
C ARG E 35 -47.21 13.16 -2.54
N VAL E 36 -47.05 11.84 -2.49
CA VAL E 36 -45.79 11.21 -2.07
C VAL E 36 -44.74 11.43 -3.15
N GLU E 37 -45.10 11.10 -4.39
CA GLU E 37 -44.22 11.33 -5.55
C GLU E 37 -43.71 12.76 -5.61
N GLU E 38 -44.60 13.72 -5.37
CA GLU E 38 -44.27 15.14 -5.38
C GLU E 38 -43.18 15.52 -4.37
N LYS E 39 -43.16 14.86 -3.22
CA LYS E 39 -42.17 15.16 -2.19
C LYS E 39 -40.90 14.32 -2.32
N GLU E 40 -41.03 13.12 -2.87
CA GLU E 40 -40.02 12.09 -2.68
C GLU E 40 -39.57 11.38 -3.96
N GLY E 41 -40.30 11.61 -5.05
CA GLY E 41 -39.95 11.05 -6.35
C GLY E 41 -40.26 9.57 -6.53
N ILE E 42 -41.02 9.00 -5.60
CA ILE E 42 -41.42 7.60 -5.70
C ILE E 42 -42.59 7.48 -6.68
N PRO E 43 -42.35 6.93 -7.89
CA PRO E 43 -43.39 6.78 -8.90
C PRO E 43 -44.61 6.07 -8.32
N PRO E 44 -45.82 6.57 -8.64
CA PRO E 44 -46.98 6.02 -7.95
C PRO E 44 -47.20 4.53 -8.27
N GLN E 45 -46.80 4.13 -9.48
CA GLN E 45 -46.94 2.74 -9.93
C GLN E 45 -46.15 1.77 -9.04
N GLN E 46 -45.12 2.29 -8.37
CA GLN E 46 -44.29 1.47 -7.48
C GLN E 46 -44.76 1.52 -6.03
N GLN E 47 -45.64 2.46 -5.71
CA GLN E 47 -46.12 2.62 -4.35
C GLN E 47 -47.13 1.55 -3.98
N ARG E 48 -46.96 1.00 -2.77
CA ARG E 48 -47.91 0.09 -2.16
C ARG E 48 -48.19 0.58 -0.74
N LEU E 49 -49.39 1.10 -0.52
CA LEU E 49 -49.74 1.69 0.76
C LEU E 49 -50.54 0.74 1.65
N ILE E 50 -50.21 0.75 2.94
CA ILE E 50 -50.80 -0.15 3.93
C ILE E 50 -51.26 0.67 5.11
N TYR E 51 -52.54 0.58 5.42
CA TYR E 51 -53.09 1.20 6.60
C TYR E 51 -53.98 0.24 7.35
N SER E 52 -53.76 0.16 8.65
CA SER E 52 -54.44 -0.79 9.51
C SER E 52 -54.62 -2.17 8.82
N GLY E 53 -53.53 -2.70 8.25
CA GLY E 53 -53.53 -4.00 7.62
C GLY E 53 -54.02 -4.06 6.19
N LYS E 54 -54.77 -3.05 5.75
CA LYS E 54 -55.43 -3.11 4.47
C LYS E 54 -54.57 -2.55 3.31
N GLN E 55 -54.53 -3.29 2.20
CA GLN E 55 -53.83 -2.84 0.99
C GLN E 55 -54.68 -1.78 0.27
N MET E 56 -54.21 -0.54 0.23
CA MET E 56 -55.04 0.60 -0.20
C MET E 56 -55.22 0.74 -1.71
N ASN E 57 -56.42 0.42 -2.17
CA ASN E 57 -56.83 0.48 -3.58
C ASN E 57 -56.80 1.89 -4.16
N ASP E 58 -56.08 2.07 -5.27
CA ASP E 58 -55.95 3.36 -5.96
C ASP E 58 -57.27 4.11 -6.16
N GLU E 59 -58.31 3.35 -6.55
CA GLU E 59 -59.60 3.90 -6.93
C GLU E 59 -60.52 4.29 -5.75
N LYS E 60 -60.40 3.60 -4.62
CA LYS E 60 -61.16 3.98 -3.43
C LYS E 60 -60.58 5.27 -2.85
N THR E 61 -61.15 5.73 -1.74
CA THR E 61 -60.84 7.07 -1.19
C THR E 61 -60.20 6.92 0.18
N ALA E 62 -59.84 8.05 0.79
CA ALA E 62 -59.31 8.07 2.14
C ALA E 62 -60.37 7.72 3.20
N ALA E 63 -61.62 8.08 2.93
CA ALA E 63 -62.71 7.95 3.89
C ALA E 63 -63.01 6.49 4.19
N ASP E 64 -63.11 5.68 3.14
CA ASP E 64 -63.44 4.26 3.30
C ASP E 64 -62.27 3.36 3.71
N TYR E 65 -61.19 3.97 4.17
CA TYR E 65 -60.14 3.27 4.94
C TYR E 65 -60.12 3.85 6.36
N LYS E 66 -61.09 4.72 6.63
CA LYS E 66 -61.27 5.35 7.94
C LYS E 66 -60.02 6.10 8.41
N ILE E 67 -59.31 6.67 7.45
CA ILE E 67 -58.08 7.40 7.69
C ILE E 67 -58.41 8.80 8.18
N LEU E 68 -58.16 9.03 9.46
CA LEU E 68 -58.49 10.31 10.09
C LEU E 68 -57.24 11.18 10.18
N GLY E 69 -57.12 11.94 11.28
CA GLY E 69 -56.16 13.03 11.43
C GLY E 69 -54.70 12.65 11.34
N GLY E 70 -54.13 12.21 12.45
CA GLY E 70 -52.70 11.90 12.50
C GLY E 70 -52.27 10.54 11.97
N SER E 71 -53.16 9.86 11.24
CA SER E 71 -52.90 8.52 10.70
C SER E 71 -51.54 8.33 10.00
N VAL E 72 -50.95 7.14 10.16
CA VAL E 72 -49.68 6.84 9.52
C VAL E 72 -49.83 5.73 8.48
N LEU E 73 -49.60 6.08 7.22
CA LEU E 73 -49.58 5.09 6.16
C LEU E 73 -48.16 4.53 6.01
N HIS E 74 -48.06 3.30 5.55
CA HIS E 74 -46.77 2.64 5.40
C HIS E 74 -46.62 2.08 4.00
N LEU E 75 -45.60 2.55 3.30
CA LEU E 75 -45.23 2.00 2.01
C LEU E 75 -44.52 0.67 2.22
N VAL E 76 -44.82 -0.28 1.36
CA VAL E 76 -44.49 -1.67 1.60
C VAL E 76 -44.12 -2.34 0.28
N LEU E 77 -43.41 -3.47 0.33
CA LEU E 77 -43.03 -4.14 -0.91
C LEU E 77 -43.02 -5.65 -0.74
N ALA E 78 -43.07 -6.37 -1.85
CA ALA E 78 -42.96 -7.82 -1.81
C ALA E 78 -41.89 -8.19 -2.81
N LEU E 79 -40.91 -8.96 -2.35
CA LEU E 79 -39.72 -9.14 -3.14
C LEU E 79 -39.63 -10.52 -3.82
N ARG E 80 -39.34 -10.49 -5.11
CA ARG E 80 -39.61 -11.64 -5.98
C ARG E 80 -38.55 -12.75 -5.88
N GLY E 81 -37.32 -12.37 -5.55
CA GLY E 81 -36.18 -13.26 -5.65
C GLY E 81 -35.86 -13.99 -4.37
N GLY E 82 -35.09 -15.07 -4.48
CA GLY E 82 -34.68 -15.85 -3.32
C GLY E 82 -33.49 -16.74 -3.62
N HIS F 4 48.81 41.02 -0.15
CA HIS F 4 47.76 42.08 -0.34
C HIS F 4 46.33 41.64 0.07
N HIS F 5 45.70 40.77 -0.74
CA HIS F 5 44.29 40.35 -0.53
C HIS F 5 43.99 39.53 0.72
N HIS F 6 44.82 38.51 0.97
CA HIS F 6 44.72 37.66 2.18
C HIS F 6 43.35 37.06 2.43
N MET F 7 42.92 36.16 1.54
CA MET F 7 41.63 35.50 1.65
C MET F 7 41.78 34.24 2.48
N LEU F 8 40.96 34.14 3.53
CA LEU F 8 40.90 32.94 4.37
C LEU F 8 39.77 32.00 3.91
N ILE F 9 40.11 31.04 3.06
CA ILE F 9 39.16 30.05 2.58
C ILE F 9 39.29 28.73 3.34
N LYS F 10 38.22 27.93 3.34
CA LYS F 10 38.22 26.61 3.98
C LYS F 10 38.20 25.45 2.98
N VAL F 11 38.84 24.35 3.36
CA VAL F 11 38.75 23.11 2.59
C VAL F 11 38.30 21.97 3.49
N LYS F 12 37.25 21.26 3.07
CA LYS F 12 36.82 20.05 3.76
C LYS F 12 37.40 18.81 3.08
N THR F 13 37.99 17.94 3.90
CA THR F 13 38.59 16.69 3.42
C THR F 13 37.56 15.59 3.31
N LEU F 14 37.94 14.49 2.67
CA LEU F 14 37.06 13.34 2.53
C LEU F 14 36.58 12.80 3.87
N THR F 15 37.14 13.30 4.96
CA THR F 15 36.76 12.86 6.29
C THR F 15 35.94 13.93 7.01
N GLY F 16 35.85 15.11 6.42
CA GLY F 16 35.05 16.20 7.02
C GLY F 16 35.83 17.22 7.83
N LYS F 17 37.15 17.00 7.95
CA LYS F 17 38.05 17.97 8.59
C LYS F 17 38.05 19.25 7.78
N GLU F 18 37.74 20.36 8.46
CA GLU F 18 37.78 21.69 7.86
C GLU F 18 39.15 22.33 8.11
N ILE F 19 39.82 22.73 7.04
CA ILE F 19 41.11 23.39 7.20
C ILE F 19 41.09 24.78 6.57
N GLU F 20 41.76 25.72 7.22
CA GLU F 20 41.83 27.09 6.75
C GLU F 20 43.12 27.35 5.97
N ILE F 21 43.01 28.20 4.96
CA ILE F 21 44.12 28.51 4.06
C ILE F 21 44.10 30.00 3.74
N ASP F 22 45.28 30.58 3.55
CA ASP F 22 45.37 31.96 3.08
C ASP F 22 45.79 31.99 1.62
N ILE F 23 44.96 32.61 0.77
CA ILE F 23 45.30 32.78 -0.66
C ILE F 23 44.92 34.16 -1.23
N GLU F 24 45.21 34.35 -2.52
CA GLU F 24 44.89 35.57 -3.25
C GLU F 24 44.08 35.19 -4.49
N PRO F 25 43.29 36.11 -5.05
CA PRO F 25 42.52 35.79 -6.27
C PRO F 25 43.40 35.34 -7.45
N THR F 26 44.66 35.74 -7.45
CA THR F 26 45.56 35.43 -8.56
C THR F 26 46.15 34.01 -8.48
N ASP F 27 46.10 33.40 -7.29
CA ASP F 27 46.67 32.07 -7.04
C ASP F 27 46.04 31.01 -7.92
N LYS F 28 46.88 30.27 -8.63
CA LYS F 28 46.45 29.16 -9.46
C LYS F 28 45.97 28.02 -8.55
N VAL F 29 45.12 27.15 -9.09
CA VAL F 29 44.56 26.05 -8.30
C VAL F 29 45.65 25.12 -7.77
N GLU F 30 46.69 24.89 -8.58
CA GLU F 30 47.88 24.14 -8.17
C GLU F 30 48.35 24.50 -6.77
N ARG F 31 48.39 25.80 -6.48
CA ARG F 31 48.96 26.32 -5.25
C ARG F 31 48.04 26.06 -4.06
N ILE F 32 46.74 26.11 -4.32
CA ILE F 32 45.74 25.77 -3.31
C ILE F 32 45.94 24.33 -2.84
N LYS F 33 46.19 23.43 -3.80
CA LYS F 33 46.50 22.04 -3.50
C LYS F 33 47.80 21.90 -2.71
N GLU F 34 48.80 22.71 -3.08
CA GLU F 34 50.05 22.78 -2.31
C GLU F 34 49.83 23.22 -0.86
N ARG F 35 48.87 24.13 -0.63
CA ARG F 35 48.58 24.58 0.74
C ARG F 35 47.95 23.48 1.57
N VAL F 36 47.12 22.66 0.92
CA VAL F 36 46.44 21.52 1.55
C VAL F 36 47.46 20.44 1.87
N GLU F 37 48.23 20.03 0.86
CA GLU F 37 49.32 19.07 1.04
C GLU F 37 50.21 19.40 2.23
N GLU F 38 50.58 20.69 2.33
CA GLU F 38 51.38 21.22 3.43
C GLU F 38 50.78 20.93 4.80
N LYS F 39 49.46 20.98 4.90
CA LYS F 39 48.79 20.82 6.19
C LYS F 39 48.41 19.38 6.52
N GLU F 40 47.91 18.66 5.52
CA GLU F 40 47.24 17.41 5.77
C GLU F 40 47.97 16.22 5.16
N GLY F 41 48.84 16.50 4.19
CA GLY F 41 49.67 15.46 3.57
C GLY F 41 49.09 14.81 2.34
N ILE F 42 47.99 15.35 1.84
CA ILE F 42 47.35 14.81 0.65
C ILE F 42 48.12 15.23 -0.62
N PRO F 43 48.74 14.28 -1.31
CA PRO F 43 49.43 14.59 -2.57
C PRO F 43 48.48 15.28 -3.54
N PRO F 44 48.89 16.43 -4.10
CA PRO F 44 48.00 17.22 -4.96
C PRO F 44 47.43 16.42 -6.14
N GLN F 45 48.16 15.39 -6.59
CA GLN F 45 47.71 14.50 -7.66
C GLN F 45 46.41 13.76 -7.27
N GLN F 46 46.24 13.48 -5.98
CA GLN F 46 45.04 12.86 -5.47
C GLN F 46 43.93 13.87 -5.18
N GLN F 47 44.24 15.15 -5.24
CA GLN F 47 43.24 16.16 -4.88
C GLN F 47 42.29 16.47 -6.03
N ARG F 48 40.99 16.42 -5.72
CA ARG F 48 39.93 16.87 -6.61
C ARG F 48 39.08 17.90 -5.87
N LEU F 49 39.28 19.18 -6.19
CA LEU F 49 38.54 20.25 -5.53
C LEU F 49 37.24 20.60 -6.26
N ILE F 50 36.23 21.03 -5.50
CA ILE F 50 34.91 21.32 -6.03
C ILE F 50 34.37 22.56 -5.33
N TYR F 51 33.99 23.55 -6.13
CA TYR F 51 33.35 24.74 -5.60
C TYR F 51 32.14 25.12 -6.45
N SER F 52 31.02 25.34 -5.77
CA SER F 52 29.71 25.57 -6.40
C SER F 52 29.43 24.61 -7.55
N GLY F 53 29.80 23.35 -7.38
CA GLY F 53 29.60 22.33 -8.40
C GLY F 53 30.61 22.34 -9.52
N LYS F 54 31.47 23.36 -9.55
CA LYS F 54 32.49 23.44 -10.60
C LYS F 54 33.77 22.70 -10.18
N GLN F 55 34.30 21.89 -11.10
CA GLN F 55 35.52 21.12 -10.85
C GLN F 55 36.78 21.94 -11.15
N MET F 56 37.50 22.29 -10.09
CA MET F 56 38.55 23.30 -10.16
C MET F 56 39.84 22.87 -10.87
N ASN F 57 40.08 23.45 -12.05
CA ASN F 57 41.25 23.16 -12.89
C ASN F 57 42.53 23.73 -12.30
N ASP F 58 43.54 22.87 -12.15
CA ASP F 58 44.86 23.23 -11.60
C ASP F 58 45.42 24.56 -12.13
N GLU F 59 45.30 24.74 -13.45
CA GLU F 59 45.91 25.86 -14.16
C GLU F 59 45.12 27.20 -14.11
N LYS F 60 43.84 27.15 -13.76
CA LYS F 60 43.07 28.38 -13.59
C LYS F 60 43.39 29.02 -12.23
N THR F 61 42.53 29.93 -11.75
CA THR F 61 42.83 30.74 -10.56
C THR F 61 41.66 30.82 -9.58
N ALA F 62 41.97 31.27 -8.36
CA ALA F 62 40.93 31.54 -7.37
C ALA F 62 39.87 32.53 -7.88
N ALA F 63 40.29 33.48 -8.70
CA ALA F 63 39.40 34.50 -9.27
C ALA F 63 38.42 33.90 -10.25
N ASP F 64 38.91 32.96 -11.06
CA ASP F 64 38.11 32.26 -12.08
C ASP F 64 36.86 31.55 -11.54
N TYR F 65 36.90 31.16 -10.27
CA TYR F 65 35.81 30.39 -9.66
C TYR F 65 35.00 31.27 -8.72
N LYS F 66 35.28 32.56 -8.75
CA LYS F 66 34.63 33.56 -7.89
C LYS F 66 34.74 33.17 -6.41
N ILE F 67 35.91 32.63 -6.06
CA ILE F 67 36.20 32.20 -4.69
C ILE F 67 36.52 33.42 -3.83
N LEU F 68 35.54 33.84 -3.05
CA LEU F 68 35.70 35.07 -2.26
C LEU F 68 36.28 34.73 -0.89
N GLY F 69 35.95 35.55 0.10
CA GLY F 69 36.48 35.43 1.46
C GLY F 69 36.21 34.09 2.11
N GLY F 70 35.14 33.99 2.87
CA GLY F 70 34.85 32.78 3.64
C GLY F 70 34.41 31.54 2.88
N SER F 71 34.78 31.43 1.60
CA SER F 71 34.44 30.27 0.76
C SER F 71 34.82 28.91 1.36
N VAL F 72 34.08 27.87 0.97
CA VAL F 72 34.37 26.51 1.44
C VAL F 72 34.51 25.57 0.25
N LEU F 73 35.73 25.09 0.02
CA LEU F 73 35.96 24.10 -1.02
C LEU F 73 35.80 22.68 -0.44
N HIS F 74 35.52 21.72 -1.31
CA HIS F 74 35.34 20.34 -0.88
C HIS F 74 36.17 19.42 -1.75
N LEU F 75 36.94 18.56 -1.09
CA LEU F 75 37.66 17.50 -1.78
C LEU F 75 36.73 16.32 -2.05
N VAL F 76 36.85 15.75 -3.23
CA VAL F 76 35.86 14.82 -3.74
C VAL F 76 36.55 13.68 -4.50
N LEU F 77 35.90 12.53 -4.60
CA LEU F 77 36.49 11.42 -5.31
C LEU F 77 35.45 10.70 -6.15
N ALA F 78 35.91 9.84 -7.05
CA ALA F 78 35.04 8.93 -7.81
C ALA F 78 35.69 7.58 -7.72
N LEU F 79 34.94 6.58 -7.28
CA LEU F 79 35.51 5.28 -6.97
C LEU F 79 35.27 4.25 -8.09
N ARG F 80 36.30 3.49 -8.43
CA ARG F 80 36.33 2.71 -9.66
C ARG F 80 35.56 1.41 -9.55
N GLY F 81 35.62 0.79 -8.37
CA GLY F 81 35.11 -0.56 -8.17
C GLY F 81 33.64 -0.67 -7.86
N GLY F 82 33.10 -1.88 -8.02
CA GLY F 82 31.72 -2.17 -7.71
C GLY F 82 31.50 -3.66 -7.62
ZN ZN G . -56.14 -15.53 -0.19
ZN ZN H . 29.26 15.07 -20.54
C4 B39 I . -35.48 -23.15 -6.96
C5 B39 I . -35.43 -21.92 -6.03
C6 B39 I . -34.45 -20.94 -6.69
C8 B39 I . -33.78 -20.02 -5.65
C10 B39 I . -38.44 -22.72 -8.97
C13 B39 I . -37.53 -24.34 -7.84
C15 B39 I . -38.41 -26.51 -7.63
C17 B39 I . -39.59 -24.97 -8.92
C20 B39 I . -40.32 -23.62 -11.89
C21 B39 I . -42.43 -23.44 -10.82
C22 B39 I . -42.55 -22.90 -12.12
C24 B39 I . -44.94 -23.04 -11.93
C26 B39 I . -43.56 -23.77 -10.09
C19 B39 I . -41.15 -22.62 -12.68
C23 B39 I . -43.81 -22.69 -12.67
C25 B39 I . -44.83 -23.57 -10.65
C1 B39 I . -40.94 -23.52 -10.49
N18 B39 I . -40.68 -24.74 -9.68
N16 B39 I . -39.45 -26.21 -8.41
N14 B39 I . -37.47 -25.60 -7.36
C12 B39 I . -38.61 -23.99 -8.64
C11 B39 I . -37.31 -22.26 -8.42
N7 B39 I . -36.76 -23.25 -7.73
C3 B39 I . -34.29 -23.03 -7.92
C2 B39 I . -33.45 -21.86 -7.41
O9 B39 I . -32.50 -22.36 -6.48
O27 B39 I . -32.94 -19.07 -6.29
S28 B39 I . -32.27 -17.96 -5.68
O29 B39 I . -31.20 -18.46 -4.76
O30 B39 I . -31.63 -17.15 -6.76
N31 B39 I . -33.30 -17.00 -4.85
C4 B39 J . 30.49 -7.00 -14.15
C5 B39 J . 30.40 -6.04 -12.94
C6 B39 J . 31.57 -6.43 -12.04
C8 B39 J . 31.27 -6.07 -10.57
C10 B39 J . 32.31 -5.20 -16.68
C13 B39 J . 30.54 -6.46 -16.60
C15 B39 J . 29.19 -7.03 -18.43
C17 B39 J . 31.04 -5.67 -18.81
C20 B39 J . 34.22 -5.37 -19.66
C21 B39 J . 33.37 -3.40 -20.70
C22 B39 J . 34.75 -3.44 -20.95
C24 B39 J . 34.46 -1.80 -22.69
C26 B39 J . 32.54 -2.55 -21.43
C19 B39 J . 35.39 -4.44 -19.99
C23 B39 J . 35.29 -2.63 -21.95
C25 B39 J . 33.09 -1.75 -22.43
C1 B39 J . 33.07 -4.36 -19.54
N18 B39 J . 31.74 -4.99 -19.73
N16 B39 J . 29.95 -6.33 -19.25
N14 B39 J . 29.48 -7.09 -17.12
C12 B39 J . 31.36 -5.72 -17.45
C11 B39 J . 32.13 -5.58 -15.42
N7 B39 J . 31.04 -6.34 -15.38
C3 B39 J . 31.43 -8.14 -13.74
C2 B39 J . 31.71 -7.95 -12.25
O9 B39 J . 30.72 -8.63 -11.49
O27 B39 J . 32.40 -6.39 -9.77
S28 B39 J . 32.53 -6.03 -8.39
O29 B39 J . 31.51 -6.76 -7.59
O30 B39 J . 33.88 -6.46 -7.90
N31 B39 J . 32.37 -4.41 -8.15
#